data_8BXX
#
_entry.id   8BXX
#
_cell.length_a   72.066
_cell.length_b   128.810
_cell.length_c   85.664
_cell.angle_alpha   90.00
_cell.angle_beta   100.40
_cell.angle_gamma   90.00
#
_symmetry.space_group_name_H-M   'P 1 21 1'
#
loop_
_entity.id
_entity.type
_entity.pdbx_description
1 polymer 'Formate dehydrogenase'
2 non-polymer NICOTINAMIDE-ADENINE-DINUCLEOTIDE
3 non-polymer 'AZIDE ION'
4 non-polymer 1,2-ETHANEDIOL
5 water water
#
_entity_poly.entity_id   1
_entity_poly.type   'polypeptide(L)'
_entity_poly.pdbx_seq_one_letter_code
;MAKILCVLYDDPITGYPKSYARADVPKIDHYPGGQTAPTPKQIDFTPGELLGSVSGELGLRKYLEGLGHTLVVTSDKEGE
DSVFERELPDAEIVISQPFWPAYLTPERIAKAKKLKLAVTAGIGSDHVDLEAAIKNGITVAEVTYSNSISVSEHVVMMIL
SLVRNYIPSYQWVIKGGWNIADCVERSYDLEAMHVGTVAAGRIGLAVLKRLKPFDVKLHYFDQHRLPESVENELGLTYHP
SVEDMVKVCDVVTINAPLHPGTLDLFNDELISKMKRGAYLVNTARGKICNRDAVVRALESGQLAGYAGDVWFPQPAPKDH
PWRTMPHHGMTPHISGTSLSAQARYAAGTREILECWFEERPIREEYLIVDGGKLAGTGAHSYTVSK
;
_entity_poly.pdbx_strand_id   AA,BB,CC,DD
#
# COMPACT_ATOMS: atom_id res chain seq x y z
N ALA A 2 11.96 16.69 47.87
CA ALA A 2 11.63 15.46 47.07
C ALA A 2 12.02 15.70 45.61
N LYS A 3 12.39 14.62 44.92
CA LYS A 3 12.80 14.71 43.52
C LYS A 3 11.62 14.28 42.65
N ILE A 4 11.31 15.11 41.64
CA ILE A 4 10.29 14.83 40.63
C ILE A 4 11.00 14.57 39.30
N LEU A 5 10.71 13.41 38.71
CA LEU A 5 11.39 13.02 37.50
C LEU A 5 10.36 12.97 36.35
N CYS A 6 10.59 13.82 35.34
CA CYS A 6 9.56 14.16 34.37
C CYS A 6 10.12 13.90 32.97
N VAL A 7 9.46 12.98 32.24
CA VAL A 7 9.90 12.61 30.90
C VAL A 7 8.95 13.26 29.90
N LEU A 8 9.55 13.98 28.96
CA LEU A 8 8.83 14.75 27.94
C LEU A 8 9.46 14.53 26.57
N TYR A 9 8.75 14.84 25.49
CA TYR A 9 9.30 14.66 24.15
C TYR A 9 10.24 15.81 23.79
N ASP A 10 11.07 15.61 22.77
CA ASP A 10 12.00 16.65 22.33
C ASP A 10 11.24 17.89 21.86
N ASP A 11 11.90 19.05 22.03
CA ASP A 11 11.50 20.28 21.35
C ASP A 11 11.42 20.04 19.84
N PRO A 12 10.74 20.91 19.06
CA PRO A 12 10.82 20.88 17.59
C PRO A 12 12.26 21.06 17.11
N ILE A 13 12.57 20.45 15.95
CA ILE A 13 13.92 20.44 15.41
C ILE A 13 14.32 21.85 15.01
N THR A 14 13.35 22.78 14.99
CA THR A 14 13.61 24.17 14.67
C THR A 14 13.79 24.99 15.95
N GLY A 15 13.83 24.36 17.12
CA GLY A 15 13.95 25.11 18.38
C GLY A 15 12.59 25.23 19.05
N TYR A 16 12.58 25.35 20.39
CA TYR A 16 11.35 25.63 21.12
C TYR A 16 10.71 26.89 20.53
N PRO A 17 9.38 26.94 20.30
CA PRO A 17 8.82 28.03 19.49
C PRO A 17 8.91 29.39 20.18
N LYS A 18 9.29 30.41 19.41
CA LYS A 18 9.32 31.79 19.87
C LYS A 18 7.96 32.46 19.67
N SER A 19 7.11 31.88 18.81
CA SER A 19 5.77 32.40 18.63
C SER A 19 4.83 31.31 18.09
N TYR A 20 3.53 31.61 18.07
CA TYR A 20 2.51 30.66 17.65
C TYR A 20 1.60 31.26 16.57
N ALA A 21 0.84 30.39 15.92
CA ALA A 21 -0.06 30.75 14.85
C ALA A 21 -1.21 31.63 15.36
N ARG A 22 -1.54 31.50 16.65
CA ARG A 22 -2.67 32.21 17.24
C ARG A 22 -2.28 32.77 18.61
N ALA A 23 -3.05 33.77 19.07
CA ALA A 23 -2.78 34.55 20.27
C ALA A 23 -3.17 33.79 21.54
N ASP A 24 -4.18 32.93 21.48
CA ASP A 24 -4.68 32.23 22.65
C ASP A 24 -5.50 31.03 22.21
N VAL A 25 -6.07 30.31 23.18
CA VAL A 25 -6.93 29.18 22.90
C VAL A 25 -8.20 29.38 23.69
N PRO A 26 -9.34 28.77 23.27
CA PRO A 26 -10.58 28.83 24.03
C PRO A 26 -10.41 28.34 25.48
N LYS A 27 -11.22 28.94 26.35
CA LYS A 27 -11.28 28.51 27.73
C LYS A 27 -12.18 27.29 27.78
N ILE A 28 -11.65 26.18 28.30
CA ILE A 28 -12.41 24.98 28.60
C ILE A 28 -12.45 24.79 30.13
N ASP A 29 -13.64 24.86 30.73
CA ASP A 29 -13.63 24.66 32.17
C ASP A 29 -14.54 23.51 32.56
N HIS A 30 -15.04 22.76 31.58
CA HIS A 30 -15.82 21.58 31.90
C HIS A 30 -15.96 20.68 30.67
N TYR A 31 -16.36 19.45 30.97
CA TYR A 31 -16.44 18.38 30.00
C TYR A 31 -17.86 17.85 29.99
N PRO A 32 -18.34 17.26 28.88
CA PRO A 32 -19.66 16.62 28.88
C PRO A 32 -19.83 15.68 30.06
N GLY A 33 -21.00 15.80 30.73
CA GLY A 33 -21.28 14.89 31.82
C GLY A 33 -21.01 15.52 33.18
N GLY A 34 -20.35 16.68 33.24
CA GLY A 34 -20.27 17.37 34.53
C GLY A 34 -18.86 17.64 35.07
N GLN A 35 -17.90 16.74 34.77
CA GLN A 35 -16.56 16.85 35.33
C GLN A 35 -15.99 18.23 35.00
N THR A 36 -15.40 18.88 36.02
CA THR A 36 -14.77 20.17 35.79
C THR A 36 -13.38 19.95 35.17
N ALA A 37 -12.94 20.96 34.42
CA ALA A 37 -11.58 21.06 33.94
C ALA A 37 -10.66 21.11 35.15
N PRO A 38 -9.36 20.80 35.00
CA PRO A 38 -8.45 20.79 36.15
C PRO A 38 -8.44 22.09 36.95
N THR A 39 -8.15 21.96 38.25
CA THR A 39 -8.32 23.05 39.18
C THR A 39 -7.02 23.25 39.97
N PRO A 40 -5.86 23.50 39.32
CA PRO A 40 -4.66 23.83 40.07
C PRO A 40 -4.87 25.21 40.71
N LYS A 41 -4.16 25.52 41.79
CA LYS A 41 -4.38 26.80 42.46
C LYS A 41 -3.87 27.94 41.58
N GLN A 42 -2.80 27.66 40.82
CA GLN A 42 -2.27 28.56 39.79
C GLN A 42 -1.70 27.73 38.65
N ILE A 43 -1.45 28.40 37.51
CA ILE A 43 -0.64 27.81 36.45
C ILE A 43 0.40 28.86 36.10
N ASP A 44 1.58 28.39 35.68
CA ASP A 44 2.67 29.27 35.32
C ASP A 44 2.92 29.10 33.83
N PHE A 45 1.83 29.11 33.04
CA PHE A 45 1.96 29.14 31.60
C PHE A 45 0.71 29.80 31.04
N THR A 46 0.74 30.18 29.76
CA THR A 46 -0.45 30.64 29.06
C THR A 46 -1.03 29.49 28.26
N PRO A 47 -2.32 29.11 28.43
CA PRO A 47 -2.88 28.04 27.62
C PRO A 47 -2.54 28.36 26.16
N GLY A 48 -2.05 27.35 25.43
CA GLY A 48 -1.64 27.56 24.05
C GLY A 48 -0.14 27.42 23.84
N GLU A 49 0.64 27.51 24.93
CA GLU A 49 2.08 27.29 24.83
C GLU A 49 2.39 25.80 24.72
N LEU A 50 3.52 25.47 24.11
CA LEU A 50 4.05 24.11 24.05
C LEU A 50 4.61 23.67 25.41
N LEU A 51 3.95 22.68 26.03
CA LEU A 51 4.15 22.35 27.44
C LEU A 51 4.77 20.98 27.55
N GLY A 52 4.53 20.16 26.49
CA GLY A 52 4.79 18.73 26.55
C GLY A 52 6.17 18.34 26.01
N SER A 53 6.97 19.32 25.58
CA SER A 53 8.32 19.05 25.15
C SER A 53 9.26 19.43 26.30
N VAL A 54 10.53 19.05 26.18
CA VAL A 54 11.50 19.21 27.24
C VAL A 54 11.57 20.66 27.71
N SER A 55 11.65 21.64 26.79
CA SER A 55 11.74 23.03 27.24
C SER A 55 10.46 23.52 27.91
N GLY A 56 9.32 22.88 27.61
CA GLY A 56 8.04 23.28 28.19
C GLY A 56 7.86 22.91 29.65
N GLU A 57 8.31 21.70 30.03
CA GLU A 57 8.37 21.26 31.42
C GLU A 57 6.99 21.14 32.08
N LEU A 58 5.92 21.00 31.29
CA LEU A 58 4.55 21.06 31.81
C LEU A 58 4.32 22.29 32.71
N GLY A 59 5.16 23.32 32.56
CA GLY A 59 5.06 24.52 33.38
C GLY A 59 5.25 24.24 34.86
N LEU A 60 6.12 23.28 35.22
CA LEU A 60 6.16 22.85 36.62
C LEU A 60 7.32 23.44 37.44
N ARG A 61 8.39 23.95 36.80
CA ARG A 61 9.64 24.20 37.49
C ARG A 61 9.55 25.22 38.64
N LYS A 62 8.94 26.39 38.39
CA LYS A 62 8.96 27.42 39.42
C LYS A 62 8.15 26.95 40.63
N TYR A 63 7.04 26.25 40.37
CA TYR A 63 6.18 25.70 41.41
C TYR A 63 6.93 24.70 42.29
N LEU A 64 7.65 23.73 41.67
CA LEU A 64 8.29 22.65 42.40
C LEU A 64 9.51 23.16 43.17
N GLU A 65 10.33 23.96 42.48
CA GLU A 65 11.53 24.52 43.08
C GLU A 65 11.14 25.49 44.19
N GLY A 66 10.01 26.18 44.04
CA GLY A 66 9.49 27.09 45.04
C GLY A 66 9.21 26.39 46.38
N LEU A 67 8.99 25.05 46.32
CA LEU A 67 8.64 24.30 47.51
C LEU A 67 9.84 23.52 48.02
N GLY A 68 11.01 23.72 47.39
CA GLY A 68 12.25 23.08 47.82
C GLY A 68 12.42 21.69 47.20
N HIS A 69 11.68 21.40 46.10
CA HIS A 69 11.81 20.11 45.44
C HIS A 69 12.81 20.26 44.29
N THR A 70 13.27 19.14 43.73
CA THR A 70 14.08 19.20 42.51
C THR A 70 13.25 18.60 41.36
N LEU A 71 13.41 19.17 40.16
CA LEU A 71 12.69 18.67 38.98
C LEU A 71 13.72 18.30 37.92
N VAL A 72 13.77 17.02 37.53
CA VAL A 72 14.61 16.60 36.42
C VAL A 72 13.70 16.33 35.22
N VAL A 73 13.98 17.02 34.11
CA VAL A 73 13.20 16.86 32.89
C VAL A 73 14.12 16.28 31.81
N THR A 74 13.65 15.23 31.12
CA THR A 74 14.46 14.57 30.09
C THR A 74 13.56 13.89 29.06
N SER A 75 14.07 13.75 27.83
CA SER A 75 13.45 12.88 26.83
C SER A 75 14.15 11.52 26.75
N ASP A 76 15.26 11.39 27.46
CA ASP A 76 16.14 10.23 27.36
C ASP A 76 15.60 9.14 28.28
N LYS A 77 14.81 8.19 27.72
CA LYS A 77 13.99 7.35 28.59
C LYS A 77 14.19 5.85 28.38
N GLU A 78 15.04 5.44 27.42
CA GLU A 78 15.08 4.02 27.07
C GLU A 78 16.35 3.36 27.60
N GLY A 79 16.22 2.21 28.23
CA GLY A 79 17.41 1.48 28.70
C GLY A 79 17.98 1.91 30.04
N GLU A 80 18.89 1.09 30.55
CA GLU A 80 19.59 1.30 31.85
C GLU A 80 20.46 2.55 31.84
N ASP A 81 20.98 2.95 30.68
CA ASP A 81 21.89 4.12 30.63
C ASP A 81 21.15 5.46 30.48
N SER A 82 19.84 5.41 30.33
CA SER A 82 19.12 6.65 30.09
C SER A 82 19.10 7.51 31.37
N VAL A 83 19.07 8.83 31.17
CA VAL A 83 18.89 9.74 32.30
C VAL A 83 17.74 9.26 33.17
N PHE A 84 16.66 8.78 32.54
CA PHE A 84 15.47 8.40 33.28
C PHE A 84 15.81 7.31 34.29
N GLU A 85 16.43 6.22 33.80
CA GLU A 85 16.72 5.10 34.68
C GLU A 85 17.81 5.44 35.70
N ARG A 86 18.79 6.26 35.29
CA ARG A 86 19.87 6.70 36.18
C ARG A 86 19.32 7.55 37.32
N GLU A 87 18.27 8.35 37.08
CA GLU A 87 17.69 9.22 38.10
C GLU A 87 16.55 8.55 38.87
N LEU A 88 15.99 7.44 38.36
CA LEU A 88 14.78 6.79 38.90
C LEU A 88 14.90 6.32 40.35
N PRO A 89 16.03 5.72 40.82
CA PRO A 89 16.11 5.26 42.20
C PRO A 89 15.82 6.32 43.27
N ASP A 90 16.00 7.59 42.91
CA ASP A 90 15.95 8.73 43.82
C ASP A 90 14.57 9.41 43.78
N ALA A 91 13.77 9.15 42.74
CA ALA A 91 12.60 9.97 42.48
C ALA A 91 11.42 9.53 43.33
N GLU A 92 10.79 10.48 44.02
CA GLU A 92 9.55 10.23 44.74
C GLU A 92 8.34 10.18 43.77
N ILE A 93 8.45 10.94 42.68
CA ILE A 93 7.35 11.17 41.77
C ILE A 93 7.87 11.04 40.34
N VAL A 94 7.10 10.35 39.49
CA VAL A 94 7.46 10.17 38.10
C VAL A 94 6.25 10.59 37.25
N ILE A 95 6.53 11.37 36.19
CA ILE A 95 5.52 11.90 35.28
C ILE A 95 5.99 11.66 33.84
N SER A 96 5.12 11.10 33.01
CA SER A 96 5.35 11.17 31.57
C SER A 96 4.03 11.18 30.83
N GLN A 97 4.09 11.37 29.52
CA GLN A 97 2.90 11.41 28.67
C GLN A 97 2.87 10.15 27.81
N PRO A 98 1.67 9.62 27.48
CA PRO A 98 1.55 8.50 26.54
C PRO A 98 2.27 8.72 25.21
N PHE A 99 2.49 10.00 24.83
CA PHE A 99 3.06 10.32 23.52
C PHE A 99 4.56 10.03 23.49
N TRP A 100 5.15 9.95 24.69
CA TRP A 100 6.58 9.68 24.86
C TRP A 100 6.75 9.03 26.24
N PRO A 101 6.29 7.78 26.42
CA PRO A 101 6.04 7.25 27.77
C PRO A 101 7.29 6.67 28.42
N ALA A 102 7.53 7.04 29.68
CA ALA A 102 8.57 6.36 30.44
C ALA A 102 7.96 5.10 31.09
N TYR A 103 8.26 3.90 30.55
CA TYR A 103 7.63 2.67 31.03
C TYR A 103 8.04 2.40 32.48
N LEU A 104 7.07 2.08 33.35
CA LEU A 104 7.34 1.56 34.68
C LEU A 104 7.00 0.07 34.68
N THR A 105 7.94 -0.74 34.16
CA THR A 105 7.94 -2.21 34.20
C THR A 105 8.14 -2.67 35.65
N PRO A 106 7.88 -3.97 35.99
CA PRO A 106 8.12 -4.49 37.34
C PRO A 106 9.57 -4.29 37.78
N GLU A 107 10.51 -4.43 36.85
CA GLU A 107 11.93 -4.24 37.14
C GLU A 107 12.22 -2.79 37.51
N ARG A 108 11.68 -1.83 36.74
CA ARG A 108 11.88 -0.43 37.03
C ARG A 108 11.27 -0.03 38.37
N ILE A 109 10.05 -0.52 38.64
CA ILE A 109 9.37 -0.24 39.89
C ILE A 109 10.19 -0.72 41.10
N ALA A 110 10.85 -1.88 40.99
CA ALA A 110 11.59 -2.46 42.11
C ALA A 110 12.82 -1.61 42.41
N LYS A 111 13.42 -1.04 41.36
CA LYS A 111 14.59 -0.19 41.42
C LYS A 111 14.24 1.19 42.02
N ALA A 112 12.96 1.57 41.89
CA ALA A 112 12.52 2.93 42.18
C ALA A 112 12.20 3.04 43.67
N LYS A 113 13.25 3.12 44.52
CA LYS A 113 13.10 2.86 45.95
C LYS A 113 12.23 3.94 46.62
N LYS A 114 12.17 5.14 46.05
CA LYS A 114 11.50 6.27 46.67
C LYS A 114 10.14 6.57 46.02
N LEU A 115 9.79 5.82 44.97
CA LEU A 115 8.63 6.14 44.14
C LEU A 115 7.34 5.91 44.91
N LYS A 116 6.55 6.98 45.04
CA LYS A 116 5.26 6.86 45.69
C LYS A 116 4.12 7.32 44.78
N LEU A 117 4.44 8.06 43.70
CA LEU A 117 3.39 8.57 42.83
C LEU A 117 3.87 8.57 41.37
N ALA A 118 3.10 7.90 40.50
CA ALA A 118 3.29 7.86 39.05
C ALA A 118 2.14 8.60 38.36
N VAL A 119 2.44 9.70 37.66
CA VAL A 119 1.39 10.50 37.04
C VAL A 119 1.50 10.32 35.52
N THR A 120 0.35 10.05 34.88
CA THR A 120 0.25 10.04 33.43
C THR A 120 -0.25 11.41 33.01
N ALA A 121 0.58 12.21 32.33
CA ALA A 121 0.12 13.50 31.82
C ALA A 121 -0.58 13.24 30.49
N GLY A 122 -1.88 12.98 30.56
CA GLY A 122 -2.64 12.39 29.47
C GLY A 122 -3.58 11.30 30.01
N ILE A 123 -3.93 10.35 29.14
CA ILE A 123 -4.90 9.32 29.51
C ILE A 123 -4.37 7.96 29.06
N GLY A 124 -4.60 6.92 29.88
CA GLY A 124 -4.22 5.57 29.47
C GLY A 124 -2.87 5.20 30.07
N SER A 125 -2.90 4.41 31.16
CA SER A 125 -1.69 4.11 31.91
C SER A 125 -1.16 2.70 31.64
N ASP A 126 -1.24 2.26 30.37
CA ASP A 126 -0.87 0.91 29.99
C ASP A 126 0.66 0.75 30.04
N HIS A 127 1.40 1.88 30.09
CA HIS A 127 2.85 1.84 30.25
C HIS A 127 3.26 1.62 31.72
N VAL A 128 2.31 1.53 32.65
CA VAL A 128 2.64 1.27 34.05
C VAL A 128 2.16 -0.12 34.44
N ASP A 129 3.05 -0.93 35.01
CA ASP A 129 2.64 -2.21 35.56
C ASP A 129 1.82 -2.01 36.83
N LEU A 130 0.49 -2.20 36.73
CA LEU A 130 -0.37 -1.84 37.86
C LEU A 130 -0.21 -2.83 39.01
N GLU A 131 -0.04 -4.12 38.71
CA GLU A 131 0.26 -5.11 39.74
C GLU A 131 1.45 -4.66 40.57
N ALA A 132 2.55 -4.26 39.91
CA ALA A 132 3.76 -3.80 40.59
C ALA A 132 3.48 -2.55 41.42
N ALA A 133 2.70 -1.61 40.90
CA ALA A 133 2.41 -0.38 41.64
C ALA A 133 1.70 -0.72 42.95
N ILE A 134 0.64 -1.53 42.84
CA ILE A 134 -0.18 -1.94 43.98
C ILE A 134 0.70 -2.63 45.04
N LYS A 135 1.56 -3.54 44.58
CA LYS A 135 2.44 -4.29 45.46
C LYS A 135 3.28 -3.32 46.28
N ASN A 136 3.76 -2.23 45.65
CA ASN A 136 4.73 -1.34 46.24
C ASN A 136 4.05 -0.10 46.82
N GLY A 137 2.73 -0.16 46.99
CA GLY A 137 1.98 0.94 47.53
C GLY A 137 2.12 2.24 46.71
N ILE A 138 2.41 2.12 45.41
CA ILE A 138 2.56 3.32 44.59
C ILE A 138 1.19 3.81 44.11
N THR A 139 0.97 5.13 44.19
CA THR A 139 -0.24 5.74 43.68
C THR A 139 -0.08 6.03 42.17
N VAL A 140 -1.12 5.68 41.39
CA VAL A 140 -1.09 5.88 39.94
C VAL A 140 -2.30 6.73 39.56
N ALA A 141 -2.03 7.88 38.91
CA ALA A 141 -3.04 8.85 38.54
C ALA A 141 -2.86 9.26 37.08
N GLU A 142 -3.96 9.62 36.40
CA GLU A 142 -3.89 10.15 35.05
C GLU A 142 -4.92 11.25 34.94
N VAL A 143 -4.80 12.11 33.92
CA VAL A 143 -5.66 13.29 33.91
C VAL A 143 -6.91 12.99 33.08
N THR A 144 -7.79 12.22 33.69
CA THR A 144 -9.06 11.79 33.11
C THR A 144 -9.76 12.93 32.39
N TYR A 145 -10.24 12.62 31.17
CA TYR A 145 -10.98 13.54 30.31
C TYR A 145 -10.08 14.61 29.68
N SER A 146 -8.82 14.77 30.10
CA SER A 146 -8.01 15.91 29.66
C SER A 146 -7.95 16.05 28.13
N ASN A 147 -7.88 14.93 27.39
CA ASN A 147 -7.74 15.04 25.93
C ASN A 147 -8.78 14.18 25.20
N SER A 148 -9.77 13.62 25.91
CA SER A 148 -10.75 12.76 25.26
C SER A 148 -11.41 13.45 24.06
N ILE A 149 -11.71 14.75 24.20
CA ILE A 149 -12.43 15.43 23.14
C ILE A 149 -11.50 15.65 21.96
N SER A 150 -10.23 15.99 22.25
CA SER A 150 -9.20 16.19 21.23
C SER A 150 -9.13 14.93 20.36
N VAL A 151 -9.16 13.76 20.99
CA VAL A 151 -9.10 12.51 20.24
C VAL A 151 -10.32 12.37 19.33
N SER A 152 -11.52 12.63 19.87
CA SER A 152 -12.79 12.48 19.17
C SER A 152 -12.79 13.30 17.90
N GLU A 153 -12.16 14.47 17.98
CA GLU A 153 -12.01 15.34 16.82
C GLU A 153 -11.10 14.68 15.78
N HIS A 154 -9.98 14.13 16.24
CA HIS A 154 -9.03 13.47 15.36
C HIS A 154 -9.68 12.29 14.64
N VAL A 155 -10.52 11.55 15.40
CA VAL A 155 -11.21 10.40 14.85
C VAL A 155 -12.12 10.82 13.70
N VAL A 156 -13.02 11.80 13.94
CA VAL A 156 -13.93 12.21 12.89
C VAL A 156 -13.16 12.73 11.67
N MET A 157 -12.09 13.50 11.89
CA MET A 157 -11.20 13.98 10.85
C MET A 157 -10.67 12.81 10.00
N MET A 158 -10.20 11.77 10.67
CA MET A 158 -9.60 10.64 9.97
C MET A 158 -10.66 9.81 9.24
N ILE A 159 -11.86 9.63 9.84
CA ILE A 159 -12.92 8.91 9.16
C ILE A 159 -13.25 9.62 7.84
N LEU A 160 -13.48 10.96 7.89
CA LEU A 160 -13.86 11.73 6.71
C LEU A 160 -12.71 11.69 5.68
N SER A 161 -11.47 11.85 6.16
CA SER A 161 -10.32 11.82 5.25
C SER A 161 -10.15 10.48 4.51
N LEU A 162 -10.39 9.37 5.22
CA LEU A 162 -10.31 8.05 4.57
C LEU A 162 -11.42 7.85 3.54
N VAL A 163 -12.68 8.09 3.94
CA VAL A 163 -13.85 7.87 3.12
C VAL A 163 -13.83 8.77 1.88
N ARG A 164 -13.39 10.02 2.07
CA ARG A 164 -13.47 10.99 0.98
C ARG A 164 -12.19 10.99 0.11
N ASN A 165 -11.14 10.29 0.55
CA ASN A 165 -9.88 10.20 -0.20
C ASN A 165 -9.11 11.52 -0.22
N TYR A 166 -8.99 12.15 0.97
CA TYR A 166 -8.43 13.50 1.07
C TYR A 166 -6.96 13.55 0.70
N ILE A 167 -6.13 12.73 1.35
CA ILE A 167 -4.69 12.92 1.25
C ILE A 167 -4.18 12.65 -0.17
N PRO A 168 -4.58 11.51 -0.83
CA PRO A 168 -4.30 11.34 -2.26
C PRO A 168 -4.65 12.55 -3.12
N SER A 169 -5.79 13.23 -2.82
CA SER A 169 -6.26 14.33 -3.64
C SER A 169 -5.38 15.55 -3.41
N TYR A 170 -5.09 15.85 -2.15
CA TYR A 170 -4.10 16.84 -1.78
C TYR A 170 -2.79 16.60 -2.53
N GLN A 171 -2.33 15.34 -2.63
CA GLN A 171 -1.06 15.09 -3.30
C GLN A 171 -1.09 15.49 -4.78
N TRP A 172 -2.25 15.30 -5.46
CA TRP A 172 -2.34 15.71 -6.84
C TRP A 172 -2.11 17.22 -6.96
N VAL A 173 -2.66 17.97 -5.99
CA VAL A 173 -2.43 19.42 -5.99
C VAL A 173 -0.92 19.70 -5.95
N ILE A 174 -0.20 19.04 -5.04
CA ILE A 174 1.23 19.26 -4.83
C ILE A 174 1.99 18.88 -6.11
N LYS A 175 1.64 17.74 -6.71
CA LYS A 175 2.27 17.18 -7.91
C LYS A 175 1.96 18.02 -9.16
N GLY A 176 1.11 19.05 -9.03
CA GLY A 176 0.80 19.92 -10.17
C GLY A 176 -0.28 19.37 -11.10
N GLY A 177 -1.11 18.42 -10.63
CA GLY A 177 -2.13 17.82 -11.46
C GLY A 177 -3.52 18.37 -11.14
N TRP A 178 -4.55 17.69 -11.69
CA TRP A 178 -5.95 18.03 -11.49
C TRP A 178 -6.69 16.72 -11.26
N ASN A 179 -6.80 15.85 -12.30
CA ASN A 179 -6.92 14.41 -12.05
C ASN A 179 -8.14 14.08 -11.18
N ILE A 180 -9.26 14.75 -11.46
CA ILE A 180 -10.52 14.56 -10.76
C ILE A 180 -10.83 13.06 -10.64
N ALA A 181 -10.83 12.31 -11.76
CA ALA A 181 -11.22 10.91 -11.70
C ALA A 181 -10.24 10.07 -10.88
N ASP A 182 -8.93 10.38 -10.94
CA ASP A 182 -7.96 9.74 -10.07
C ASP A 182 -8.34 9.95 -8.60
N CYS A 183 -8.74 11.18 -8.24
CA CYS A 183 -9.10 11.49 -6.85
C CYS A 183 -10.39 10.75 -6.48
N VAL A 184 -11.38 10.74 -7.37
CA VAL A 184 -12.68 10.35 -6.83
C VAL A 184 -13.05 8.91 -7.17
N GLU A 185 -12.20 8.17 -7.91
CA GLU A 185 -12.46 6.75 -8.08
C GLU A 185 -12.43 5.98 -6.75
N ARG A 186 -11.97 6.62 -5.67
CA ARG A 186 -12.04 6.02 -4.35
C ARG A 186 -12.67 7.03 -3.35
N SER A 187 -13.48 7.98 -3.84
CA SER A 187 -14.00 9.01 -2.94
C SER A 187 -15.48 8.77 -2.70
N TYR A 188 -15.88 8.57 -1.43
CA TYR A 188 -17.29 8.38 -1.07
C TYR A 188 -17.76 9.47 -0.09
N ASP A 189 -19.09 9.67 0.04
CA ASP A 189 -19.68 10.42 1.15
C ASP A 189 -19.82 9.52 2.38
N LEU A 190 -19.72 10.11 3.58
CA LEU A 190 -19.91 9.36 4.81
C LEU A 190 -21.41 9.16 5.07
N GLU A 191 -22.24 10.04 4.53
CA GLU A 191 -23.67 10.07 4.84
C GLU A 191 -24.30 8.66 4.70
N ALA A 192 -25.01 8.25 5.75
CA ALA A 192 -25.88 7.09 5.76
C ALA A 192 -25.07 5.77 5.78
N MET A 193 -23.74 5.86 5.90
CA MET A 193 -22.91 4.68 6.16
C MET A 193 -23.20 4.22 7.59
N HIS A 194 -22.95 2.93 7.86
CA HIS A 194 -22.99 2.44 9.23
C HIS A 194 -21.64 2.68 9.89
N VAL A 195 -21.65 3.39 11.04
CA VAL A 195 -20.41 3.59 11.78
C VAL A 195 -20.55 3.00 13.18
N GLY A 196 -19.52 2.25 13.61
CA GLY A 196 -19.55 1.66 14.95
C GLY A 196 -18.32 2.03 15.76
N THR A 197 -18.47 2.19 17.08
CA THR A 197 -17.34 2.41 17.96
C THR A 197 -17.17 1.21 18.90
N VAL A 198 -15.90 0.81 19.04
CA VAL A 198 -15.53 -0.06 20.15
C VAL A 198 -15.31 0.86 21.35
N ALA A 199 -16.21 0.75 22.33
CA ALA A 199 -16.26 1.53 23.56
C ALA A 199 -17.08 2.79 23.33
N ALA A 200 -17.89 3.13 24.32
CA ALA A 200 -18.56 4.43 24.39
C ALA A 200 -18.26 5.10 25.73
N GLY A 201 -16.97 5.19 26.09
CA GLY A 201 -16.51 6.01 27.21
C GLY A 201 -16.38 7.48 26.80
N ARG A 202 -15.43 8.19 27.40
CA ARG A 202 -15.34 9.62 27.16
C ARG A 202 -15.05 9.90 25.68
N ILE A 203 -14.10 9.17 25.08
CA ILE A 203 -13.82 9.38 23.66
C ILE A 203 -14.96 8.87 22.77
N GLY A 204 -15.35 7.60 22.98
CA GLY A 204 -16.32 6.95 22.12
C GLY A 204 -17.66 7.68 22.08
N LEU A 205 -18.13 8.16 23.24
CA LEU A 205 -19.39 8.89 23.25
C LEU A 205 -19.24 10.24 22.55
N ALA A 206 -18.06 10.88 22.69
CA ALA A 206 -17.85 12.15 22.02
C ALA A 206 -17.83 11.96 20.50
N VAL A 207 -17.29 10.83 20.03
CA VAL A 207 -17.27 10.49 18.61
C VAL A 207 -18.70 10.31 18.09
N LEU A 208 -19.51 9.55 18.83
CA LEU A 208 -20.88 9.26 18.43
C LEU A 208 -21.64 10.57 18.28
N LYS A 209 -21.45 11.50 19.24
CA LYS A 209 -22.20 12.75 19.21
C LYS A 209 -21.81 13.58 17.98
N ARG A 210 -20.51 13.59 17.67
CA ARG A 210 -20.03 14.32 16.51
C ARG A 210 -20.46 13.65 15.19
N LEU A 211 -20.62 12.32 15.16
CA LEU A 211 -20.98 11.60 13.95
C LEU A 211 -22.47 11.77 13.66
N LYS A 212 -23.25 12.01 14.72
CA LYS A 212 -24.70 11.94 14.61
C LYS A 212 -25.22 12.81 13.46
N PRO A 213 -24.90 14.14 13.40
CA PRO A 213 -25.45 15.01 12.35
C PRO A 213 -24.97 14.70 10.94
N PHE A 214 -23.97 13.81 10.81
CA PHE A 214 -23.57 13.40 9.47
C PHE A 214 -24.60 12.43 8.90
N ASP A 215 -25.61 12.05 9.71
CA ASP A 215 -26.70 11.16 9.28
C ASP A 215 -26.21 9.74 8.96
N VAL A 216 -25.23 9.26 9.74
CA VAL A 216 -24.78 7.88 9.63
C VAL A 216 -25.69 7.00 10.50
N LYS A 217 -25.61 5.69 10.33
CA LYS A 217 -26.28 4.81 11.28
C LYS A 217 -25.27 4.35 12.32
N LEU A 218 -25.55 4.65 13.59
CA LEU A 218 -24.58 4.46 14.65
C LEU A 218 -24.74 3.10 15.36
N HIS A 219 -23.60 2.49 15.68
CA HIS A 219 -23.52 1.20 16.33
C HIS A 219 -22.45 1.29 17.41
N TYR A 220 -22.54 0.46 18.46
CA TYR A 220 -21.42 0.37 19.38
C TYR A 220 -21.47 -0.92 20.17
N PHE A 221 -20.31 -1.25 20.76
CA PHE A 221 -20.26 -2.18 21.87
C PHE A 221 -19.40 -1.57 22.97
N ASP A 222 -19.81 -1.80 24.22
CA ASP A 222 -19.08 -1.44 25.44
C ASP A 222 -19.45 -2.44 26.53
N GLN A 223 -18.46 -2.81 27.37
CA GLN A 223 -18.73 -3.67 28.51
C GLN A 223 -19.74 -3.00 29.44
N HIS A 224 -19.73 -1.67 29.53
CA HIS A 224 -20.74 -0.93 30.28
C HIS A 224 -21.68 -0.27 29.28
N ARG A 225 -22.86 -0.85 29.14
CA ARG A 225 -23.87 -0.36 28.22
C ARG A 225 -24.32 1.03 28.65
N LEU A 226 -24.58 1.94 27.67
CA LEU A 226 -25.08 3.28 27.96
C LEU A 226 -26.53 3.19 28.46
N PRO A 227 -27.08 4.21 29.17
CA PRO A 227 -28.52 4.28 29.47
C PRO A 227 -29.35 4.20 28.19
N GLU A 228 -30.48 3.48 28.27
CA GLU A 228 -31.40 3.35 27.15
C GLU A 228 -31.77 4.74 26.60
N SER A 229 -31.96 5.75 27.45
CA SER A 229 -32.39 7.06 26.97
C SER A 229 -31.32 7.70 26.09
N VAL A 230 -30.04 7.52 26.43
CA VAL A 230 -28.91 8.01 25.62
C VAL A 230 -28.89 7.26 24.28
N GLU A 231 -28.99 5.92 24.32
CA GLU A 231 -29.07 5.16 23.08
C GLU A 231 -30.15 5.76 22.19
N ASN A 232 -31.35 6.00 22.73
CA ASN A 232 -32.48 6.50 21.95
C ASN A 232 -32.18 7.88 21.37
N GLU A 233 -31.63 8.79 22.17
CA GLU A 233 -31.37 10.13 21.64
C GLU A 233 -30.37 10.10 20.49
N LEU A 234 -29.33 9.25 20.55
CA LEU A 234 -28.30 9.28 19.50
C LEU A 234 -28.66 8.37 18.33
N GLY A 235 -29.66 7.52 18.52
CA GLY A 235 -30.01 6.52 17.51
C GLY A 235 -29.02 5.36 17.48
N LEU A 236 -28.49 4.97 18.65
CA LEU A 236 -27.46 3.93 18.72
C LEU A 236 -28.08 2.54 18.68
N THR A 237 -27.42 1.58 17.97
CA THR A 237 -27.69 0.16 18.12
C THR A 237 -26.57 -0.44 18.96
N TYR A 238 -26.93 -1.02 20.10
CA TYR A 238 -25.99 -1.76 20.90
C TYR A 238 -25.87 -3.17 20.32
N HIS A 239 -24.64 -3.69 20.27
CA HIS A 239 -24.36 -5.07 19.89
C HIS A 239 -23.73 -5.78 21.07
N PRO A 240 -24.00 -7.10 21.29
CA PRO A 240 -23.41 -7.80 22.44
C PRO A 240 -21.90 -8.11 22.36
N SER A 241 -21.30 -7.86 21.19
CA SER A 241 -19.87 -8.12 21.06
C SER A 241 -19.30 -7.28 19.93
N VAL A 242 -17.98 -7.10 19.93
CA VAL A 242 -17.28 -6.42 18.85
C VAL A 242 -17.55 -7.17 17.54
N GLU A 243 -17.34 -8.48 17.56
CA GLU A 243 -17.51 -9.31 16.38
C GLU A 243 -18.89 -9.08 15.75
N ASP A 244 -19.92 -9.13 16.61
CA ASP A 244 -21.29 -8.94 16.15
C ASP A 244 -21.46 -7.55 15.52
N MET A 245 -20.83 -6.53 16.12
CA MET A 245 -20.94 -5.16 15.62
C MET A 245 -20.25 -4.98 14.27
N VAL A 246 -19.04 -5.51 14.11
CA VAL A 246 -18.20 -5.07 13.01
C VAL A 246 -18.77 -5.63 11.72
N LYS A 247 -19.64 -6.64 11.87
CA LYS A 247 -20.16 -7.31 10.70
C LYS A 247 -21.02 -6.38 9.86
N VAL A 248 -21.59 -5.33 10.48
CA VAL A 248 -22.52 -4.49 9.74
C VAL A 248 -21.95 -3.08 9.50
N CYS A 249 -20.70 -2.83 9.91
CA CYS A 249 -20.18 -1.46 9.82
C CYS A 249 -19.36 -1.22 8.56
N ASP A 250 -19.63 -0.09 7.92
CA ASP A 250 -18.84 0.49 6.84
C ASP A 250 -17.54 1.08 7.41
N VAL A 251 -17.61 1.59 8.66
CA VAL A 251 -16.52 2.23 9.36
C VAL A 251 -16.52 1.74 10.82
N VAL A 252 -15.34 1.43 11.36
CA VAL A 252 -15.18 1.04 12.74
C VAL A 252 -14.10 1.96 13.32
N THR A 253 -14.36 2.51 14.52
CA THR A 253 -13.38 3.30 15.26
C THR A 253 -13.16 2.66 16.64
N ILE A 254 -11.88 2.58 17.06
CA ILE A 254 -11.56 1.86 18.29
C ILE A 254 -11.27 2.89 19.37
N ASN A 255 -11.98 2.81 20.49
CA ASN A 255 -11.80 3.82 21.54
C ASN A 255 -11.79 3.22 22.94
N ALA A 256 -11.27 1.99 23.05
CA ALA A 256 -11.14 1.30 24.32
C ALA A 256 -9.68 1.35 24.80
N PRO A 257 -9.42 1.18 26.12
CA PRO A 257 -8.05 1.13 26.62
C PRO A 257 -7.38 -0.18 26.23
N LEU A 258 -6.03 -0.19 26.24
CA LEU A 258 -5.25 -1.41 26.07
C LEU A 258 -5.23 -2.18 27.39
N HIS A 259 -5.84 -3.36 27.36
CA HIS A 259 -5.81 -4.32 28.45
C HIS A 259 -6.11 -5.72 27.91
N PRO A 260 -6.08 -6.77 28.77
CA PRO A 260 -6.27 -8.16 28.33
C PRO A 260 -7.27 -8.42 27.20
N GLY A 261 -8.49 -7.91 27.37
CA GLY A 261 -9.57 -8.07 26.39
C GLY A 261 -9.39 -7.32 25.06
N THR A 262 -8.45 -6.35 24.95
CA THR A 262 -8.27 -5.57 23.72
C THR A 262 -6.94 -5.86 23.01
N LEU A 263 -5.98 -6.46 23.75
CA LEU A 263 -4.68 -6.81 23.19
C LEU A 263 -4.87 -7.72 21.98
N ASP A 264 -4.46 -7.25 20.80
CA ASP A 264 -4.51 -8.06 19.61
C ASP A 264 -5.96 -8.40 19.23
N LEU A 265 -6.91 -7.57 19.70
CA LEU A 265 -8.33 -7.77 19.40
C LEU A 265 -8.55 -7.79 17.88
N PHE A 266 -7.98 -6.80 17.16
CA PHE A 266 -8.19 -6.77 15.72
C PHE A 266 -7.06 -7.48 14.99
N ASN A 267 -7.20 -8.80 14.98
CA ASN A 267 -6.30 -9.74 14.33
C ASN A 267 -6.91 -10.16 13.00
N ASP A 268 -6.25 -11.10 12.32
CA ASP A 268 -6.71 -11.58 11.02
C ASP A 268 -8.16 -12.05 11.14
N GLU A 269 -8.47 -12.74 12.26
CA GLU A 269 -9.77 -13.36 12.33
C GLU A 269 -10.86 -12.28 12.43
N LEU A 270 -10.68 -11.31 13.34
CA LEU A 270 -11.75 -10.33 13.52
C LEU A 270 -11.81 -9.40 12.31
N ILE A 271 -10.65 -9.07 11.73
CA ILE A 271 -10.66 -8.19 10.55
C ILE A 271 -11.44 -8.87 9.42
N SER A 272 -11.34 -10.21 9.33
CA SER A 272 -12.00 -10.95 8.27
C SER A 272 -13.53 -10.92 8.42
N LYS A 273 -14.01 -10.52 9.59
CA LYS A 273 -15.45 -10.49 9.85
C LYS A 273 -16.02 -9.14 9.41
N MET A 274 -15.11 -8.17 9.16
CA MET A 274 -15.53 -6.83 8.80
C MET A 274 -16.09 -6.88 7.37
N LYS A 275 -16.88 -5.87 6.99
CA LYS A 275 -17.33 -5.77 5.60
C LYS A 275 -16.12 -5.53 4.71
N ARG A 276 -16.15 -6.15 3.53
CA ARG A 276 -15.07 -5.95 2.58
C ARG A 276 -15.07 -4.47 2.23
N GLY A 277 -13.89 -3.85 2.28
CA GLY A 277 -13.75 -2.44 2.02
C GLY A 277 -14.17 -1.57 3.20
N ALA A 278 -14.18 -2.13 4.41
CA ALA A 278 -14.43 -1.34 5.61
C ALA A 278 -13.26 -0.38 5.84
N TYR A 279 -13.54 0.71 6.58
CA TYR A 279 -12.52 1.61 7.10
C TYR A 279 -12.30 1.35 8.58
N LEU A 280 -11.03 1.35 9.01
CA LEU A 280 -10.73 1.09 10.41
C LEU A 280 -9.90 2.23 10.95
N VAL A 281 -10.39 2.85 12.04
CA VAL A 281 -9.68 3.96 12.65
C VAL A 281 -9.34 3.59 14.09
N ASN A 282 -8.08 3.85 14.49
CA ASN A 282 -7.58 3.43 15.80
C ASN A 282 -6.71 4.53 16.41
N THR A 283 -7.32 5.36 17.28
CA THR A 283 -6.60 6.34 18.07
C THR A 283 -6.53 5.89 19.54
N ALA A 284 -6.75 4.60 19.81
CA ALA A 284 -6.73 4.08 21.17
C ALA A 284 -5.31 3.69 21.57
N ARG A 285 -4.91 2.46 21.23
CA ARG A 285 -3.51 2.03 21.36
C ARG A 285 -3.17 1.17 20.16
N GLY A 286 -1.90 1.21 19.73
CA GLY A 286 -1.45 0.43 18.58
C GLY A 286 -1.75 -1.07 18.67
N LYS A 287 -1.42 -1.68 19.82
CA LYS A 287 -1.47 -3.14 19.98
C LYS A 287 -2.89 -3.71 19.98
N ILE A 288 -3.92 -2.86 19.99
CA ILE A 288 -5.30 -3.35 19.90
C ILE A 288 -5.52 -3.94 18.52
N CYS A 289 -4.73 -3.44 17.54
CA CYS A 289 -4.77 -4.01 16.19
C CYS A 289 -3.47 -4.76 15.90
N ASN A 290 -3.62 -5.99 15.40
CA ASN A 290 -2.47 -6.77 14.99
C ASN A 290 -1.72 -6.10 13.83
N ARG A 291 -0.49 -5.66 14.11
CA ARG A 291 0.31 -4.92 13.14
C ARG A 291 0.20 -5.50 11.74
N ASP A 292 0.60 -6.76 11.59
CA ASP A 292 0.72 -7.30 10.25
C ASP A 292 -0.64 -7.66 9.68
N ALA A 293 -1.64 -7.93 10.52
CA ALA A 293 -2.97 -8.27 10.01
C ALA A 293 -3.59 -7.07 9.30
N VAL A 294 -3.36 -5.88 9.86
CA VAL A 294 -3.80 -4.64 9.23
C VAL A 294 -3.17 -4.49 7.84
N VAL A 295 -1.85 -4.62 7.77
CA VAL A 295 -1.14 -4.56 6.50
C VAL A 295 -1.74 -5.54 5.49
N ARG A 296 -1.95 -6.81 5.87
CA ARG A 296 -2.45 -7.82 4.94
C ARG A 296 -3.84 -7.43 4.42
N ALA A 297 -4.66 -6.89 5.33
CA ALA A 297 -6.03 -6.59 4.97
C ALA A 297 -6.08 -5.39 4.04
N LEU A 298 -5.22 -4.39 4.23
CA LEU A 298 -5.11 -3.27 3.29
C LEU A 298 -4.59 -3.76 1.94
N GLU A 299 -3.61 -4.68 1.96
CA GLU A 299 -3.04 -5.22 0.72
C GLU A 299 -4.07 -6.02 -0.07
N SER A 300 -4.96 -6.74 0.62
CA SER A 300 -5.97 -7.56 -0.04
C SER A 300 -7.19 -6.74 -0.44
N GLY A 301 -7.42 -5.59 0.22
CA GLY A 301 -8.58 -4.77 -0.05
C GLY A 301 -9.73 -5.04 0.94
N GLN A 302 -9.52 -6.01 1.83
CA GLN A 302 -10.47 -6.31 2.91
C GLN A 302 -10.74 -5.03 3.71
N LEU A 303 -9.66 -4.27 4.01
CA LEU A 303 -9.82 -2.90 4.48
C LEU A 303 -9.59 -1.97 3.29
N ALA A 304 -10.48 -0.98 3.13
CA ALA A 304 -10.31 0.07 2.14
C ALA A 304 -9.32 1.14 2.62
N GLY A 305 -9.17 1.26 3.96
CA GLY A 305 -8.31 2.29 4.53
C GLY A 305 -8.14 2.10 6.04
N TYR A 306 -7.02 2.60 6.57
CA TYR A 306 -6.75 2.54 8.00
C TYR A 306 -6.10 3.86 8.40
N ALA A 307 -6.49 4.39 9.56
CA ALA A 307 -5.86 5.62 10.05
C ALA A 307 -5.89 5.59 11.56
N GLY A 308 -4.86 6.18 12.18
CA GLY A 308 -4.77 6.29 13.63
C GLY A 308 -3.53 7.11 13.97
N ASP A 309 -3.31 7.34 15.27
CA ASP A 309 -2.12 8.05 15.67
C ASP A 309 -1.24 7.15 16.55
N VAL A 310 -1.65 5.89 16.80
CA VAL A 310 -1.02 5.10 17.86
C VAL A 310 -0.32 3.89 17.23
N TRP A 311 0.90 3.60 17.70
CA TRP A 311 1.75 2.60 17.06
C TRP A 311 2.30 1.66 18.13
N PHE A 312 2.79 0.51 17.68
CA PHE A 312 3.67 -0.32 18.50
C PHE A 312 4.95 -0.69 17.75
N PRO A 313 6.14 -0.40 18.32
CA PRO A 313 6.26 0.41 19.53
C PRO A 313 6.24 1.89 19.13
N GLN A 314 6.43 2.76 20.11
CA GLN A 314 6.61 4.19 19.90
C GLN A 314 7.98 4.61 20.42
N PRO A 315 8.77 5.43 19.69
CA PRO A 315 8.43 5.81 18.30
C PRO A 315 8.44 4.61 17.36
N ALA A 316 7.62 4.67 16.30
CA ALA A 316 7.66 3.67 15.25
C ALA A 316 9.02 3.75 14.55
N PRO A 317 9.77 2.63 14.43
CA PRO A 317 11.03 2.63 13.68
C PRO A 317 10.79 3.04 12.23
N LYS A 318 11.86 3.44 11.54
CA LYS A 318 11.80 3.89 10.15
C LYS A 318 11.20 2.79 9.25
N ASP A 319 11.38 1.53 9.66
CA ASP A 319 10.98 0.42 8.82
C ASP A 319 9.59 -0.07 9.22
N HIS A 320 8.96 0.57 10.22
CA HIS A 320 7.65 0.10 10.66
C HIS A 320 6.71 0.03 9.45
N PRO A 321 6.07 -1.13 9.17
CA PRO A 321 5.28 -1.29 7.94
C PRO A 321 3.96 -0.51 7.83
N TRP A 322 3.47 0.03 8.95
CA TRP A 322 2.34 0.96 8.90
C TRP A 322 2.72 2.26 8.17
N ARG A 323 4.02 2.56 8.01
CA ARG A 323 4.43 3.78 7.33
C ARG A 323 4.18 3.68 5.81
N THR A 324 4.31 2.48 5.23
CA THR A 324 4.33 2.35 3.77
C THR A 324 3.15 1.52 3.25
N MET A 325 2.29 1.03 4.15
CA MET A 325 1.17 0.21 3.73
C MET A 325 0.21 1.07 2.91
N PRO A 326 -0.54 0.52 1.94
CA PRO A 326 -1.40 1.33 1.08
C PRO A 326 -2.62 1.82 1.86
N HIS A 327 -3.14 2.98 1.48
CA HIS A 327 -4.44 3.49 1.86
C HIS A 327 -4.48 3.83 3.35
N HIS A 328 -3.39 4.42 3.89
CA HIS A 328 -3.41 4.85 5.27
C HIS A 328 -3.54 6.37 5.38
N GLY A 329 -4.00 6.83 6.55
CA GLY A 329 -3.91 8.24 6.87
C GLY A 329 -3.34 8.44 8.27
N MET A 330 -2.20 7.81 8.55
CA MET A 330 -1.57 7.83 9.86
C MET A 330 -1.03 9.22 10.22
N THR A 331 -0.96 9.47 11.54
CA THR A 331 -0.10 10.50 12.08
C THR A 331 0.77 9.82 13.13
N PRO A 332 1.86 10.47 13.61
CA PRO A 332 2.52 10.04 14.84
C PRO A 332 1.51 10.23 15.98
N HIS A 333 1.93 9.92 17.22
CA HIS A 333 1.00 9.91 18.34
C HIS A 333 0.82 11.34 18.85
N ILE A 334 -0.20 12.05 18.32
CA ILE A 334 -0.28 13.50 18.51
C ILE A 334 -1.66 13.94 18.97
N SER A 335 -2.71 13.10 18.79
CA SER A 335 -4.07 13.62 18.93
C SER A 335 -4.30 14.15 20.34
N GLY A 336 -3.84 13.39 21.34
CA GLY A 336 -4.04 13.75 22.74
C GLY A 336 -3.07 14.85 23.18
N THR A 337 -2.22 15.33 22.26
CA THR A 337 -1.24 16.35 22.64
C THR A 337 -1.31 17.60 21.75
N SER A 338 -2.51 17.94 21.22
CA SER A 338 -2.74 19.28 20.69
C SER A 338 -2.32 20.29 21.76
N LEU A 339 -1.98 21.51 21.34
CA LEU A 339 -1.65 22.52 22.34
C LEU A 339 -2.82 22.79 23.30
N SER A 340 -4.05 22.65 22.78
CA SER A 340 -5.27 22.82 23.55
C SER A 340 -5.34 21.80 24.69
N ALA A 341 -5.14 20.51 24.35
CA ALA A 341 -5.11 19.41 25.29
C ALA A 341 -3.98 19.59 26.32
N GLN A 342 -2.78 20.00 25.84
CA GLN A 342 -1.60 20.12 26.70
C GLN A 342 -1.92 21.07 27.85
N ALA A 343 -2.66 22.14 27.55
CA ALA A 343 -3.00 23.09 28.60
C ALA A 343 -3.78 22.37 29.72
N ARG A 344 -4.66 21.42 29.35
CA ARG A 344 -5.50 20.78 30.36
C ARG A 344 -4.72 19.75 31.14
N TYR A 345 -3.95 18.90 30.46
CA TYR A 345 -3.26 17.86 31.23
C TYR A 345 -2.10 18.42 32.05
N ALA A 346 -1.52 19.53 31.62
CA ALA A 346 -0.47 20.21 32.38
C ALA A 346 -1.07 20.81 33.65
N ALA A 347 -2.18 21.52 33.51
CA ALA A 347 -2.93 22.03 34.65
C ALA A 347 -3.32 20.86 35.56
N GLY A 348 -3.75 19.74 34.97
CA GLY A 348 -4.19 18.58 35.75
C GLY A 348 -3.04 17.91 36.52
N THR A 349 -1.86 17.83 35.88
CA THR A 349 -0.68 17.27 36.52
C THR A 349 -0.33 18.10 37.76
N ARG A 350 -0.40 19.43 37.62
CA ARG A 350 -0.15 20.34 38.73
C ARG A 350 -1.18 20.14 39.85
N GLU A 351 -2.47 20.07 39.49
CA GLU A 351 -3.55 19.85 40.46
C GLU A 351 -3.26 18.60 41.30
N ILE A 352 -2.77 17.55 40.62
CA ILE A 352 -2.46 16.29 41.26
C ILE A 352 -1.29 16.47 42.22
N LEU A 353 -0.20 17.09 41.76
CA LEU A 353 0.96 17.37 42.60
C LEU A 353 0.58 18.22 43.82
N GLU A 354 -0.29 19.22 43.64
CA GLU A 354 -0.75 20.03 44.75
C GLU A 354 -1.50 19.20 45.79
N CYS A 355 -2.37 18.28 45.35
CA CYS A 355 -3.07 17.43 46.29
C CYS A 355 -2.06 16.55 47.04
N TRP A 356 -1.11 16.00 46.28
CA TRP A 356 -0.09 15.13 46.86
C TRP A 356 0.64 15.83 48.01
N PHE A 357 1.17 17.02 47.74
CA PHE A 357 2.08 17.67 48.67
C PHE A 357 1.35 18.27 49.87
N GLU A 358 0.07 18.56 49.68
CA GLU A 358 -0.72 19.22 50.70
C GLU A 358 -1.53 18.17 51.47
N GLU A 359 -1.30 16.89 51.11
CA GLU A 359 -1.94 15.73 51.72
C GLU A 359 -3.46 15.79 51.58
N ARG A 360 -3.97 16.33 50.46
CA ARG A 360 -5.40 16.31 50.20
C ARG A 360 -5.66 15.14 49.25
N PRO A 361 -6.86 14.51 49.25
CA PRO A 361 -7.18 13.48 48.25
C PRO A 361 -7.09 13.99 46.81
N ILE A 362 -6.43 13.18 45.95
CA ILE A 362 -6.44 13.35 44.50
C ILE A 362 -7.85 13.01 43.98
N ARG A 363 -8.33 13.75 42.98
CA ARG A 363 -9.68 13.56 42.48
C ARG A 363 -9.88 12.09 42.17
N GLU A 364 -11.09 11.61 42.50
CA GLU A 364 -11.39 10.20 42.33
C GLU A 364 -11.29 9.78 40.87
N GLU A 365 -11.74 10.65 39.95
CA GLU A 365 -11.71 10.21 38.57
C GLU A 365 -10.30 10.17 38.02
N TYR A 366 -9.32 10.78 38.72
CA TYR A 366 -7.94 10.71 38.27
C TYR A 366 -7.26 9.43 38.76
N LEU A 367 -7.83 8.76 39.77
CA LEU A 367 -7.08 7.71 40.45
C LEU A 367 -7.23 6.38 39.72
N ILE A 368 -6.09 5.75 39.39
CA ILE A 368 -6.05 4.46 38.76
C ILE A 368 -5.67 3.41 39.81
N VAL A 369 -4.61 3.67 40.60
CA VAL A 369 -4.41 2.96 41.87
C VAL A 369 -4.12 3.94 43.02
N ASP A 370 -4.78 3.70 44.14
CA ASP A 370 -4.66 4.60 45.28
C ASP A 370 -3.82 3.89 46.32
N GLY A 371 -2.57 4.32 46.47
CA GLY A 371 -1.57 3.51 47.16
C GLY A 371 -1.40 3.95 48.60
N ALA B 2 41.31 -10.44 18.25
CA ALA B 2 39.88 -10.33 17.85
C ALA B 2 38.98 -10.79 18.98
N LYS B 3 37.75 -10.24 18.99
CA LYS B 3 36.75 -10.64 19.96
C LYS B 3 35.66 -11.44 19.25
N ILE B 4 35.45 -12.67 19.74
CA ILE B 4 34.37 -13.55 19.31
C ILE B 4 33.24 -13.50 20.33
N LEU B 5 32.02 -13.21 19.87
CA LEU B 5 30.88 -13.08 20.76
C LEU B 5 29.91 -14.22 20.44
N CYS B 6 29.70 -15.11 21.41
CA CYS B 6 29.02 -16.36 21.12
C CYS B 6 27.80 -16.47 22.02
N VAL B 7 26.62 -16.59 21.41
CA VAL B 7 25.38 -16.67 22.16
C VAL B 7 24.87 -18.12 22.12
N LEU B 8 24.65 -18.71 23.32
CA LEU B 8 24.27 -20.11 23.48
C LEU B 8 23.13 -20.17 24.50
N TYR B 9 22.38 -21.30 24.52
CA TYR B 9 21.29 -21.46 25.48
C TYR B 9 21.85 -21.87 26.84
N ASP B 10 21.01 -21.74 27.87
CA ASP B 10 21.43 -22.04 29.23
C ASP B 10 21.78 -23.52 29.41
N ASP B 11 22.56 -23.79 30.45
CA ASP B 11 22.81 -25.16 30.89
C ASP B 11 21.52 -25.84 31.37
N PRO B 12 21.50 -27.18 31.56
CA PRO B 12 20.33 -27.86 32.15
C PRO B 12 20.03 -27.33 33.56
N ILE B 13 18.74 -27.36 33.97
CA ILE B 13 18.39 -26.87 35.31
C ILE B 13 18.94 -27.82 36.39
N THR B 14 19.33 -29.03 35.97
CA THR B 14 19.95 -30.01 36.84
C THR B 14 21.47 -29.92 36.76
N GLY B 15 22.01 -28.86 36.16
CA GLY B 15 23.44 -28.67 36.08
C GLY B 15 24.05 -29.21 34.79
N TYR B 16 25.19 -28.64 34.40
CA TYR B 16 25.94 -29.14 33.27
C TYR B 16 26.35 -30.58 33.57
N PRO B 17 26.07 -31.54 32.65
CA PRO B 17 26.20 -32.95 32.98
C PRO B 17 27.65 -33.38 33.21
N LYS B 18 27.84 -34.32 34.14
CA LYS B 18 29.13 -34.93 34.44
C LYS B 18 29.25 -36.25 33.68
N SER B 19 28.11 -36.80 33.22
CA SER B 19 28.17 -37.96 32.35
C SER B 19 26.90 -38.04 31.49
N TYR B 20 26.88 -38.97 30.51
CA TYR B 20 25.81 -39.05 29.52
C TYR B 20 25.24 -40.46 29.51
N ALA B 21 24.05 -40.64 28.89
CA ALA B 21 23.40 -41.93 28.81
C ALA B 21 24.21 -42.94 28.02
N ARG B 22 24.99 -42.47 27.03
CA ARG B 22 25.71 -43.32 26.08
C ARG B 22 27.20 -42.94 26.11
N ALA B 23 28.08 -43.86 25.73
CA ALA B 23 29.53 -43.66 25.87
C ALA B 23 30.10 -42.90 24.68
N ASP B 24 29.43 -42.93 23.52
CA ASP B 24 29.87 -42.23 22.32
C ASP B 24 28.70 -42.06 21.35
N VAL B 25 28.94 -41.44 20.18
CA VAL B 25 27.93 -41.30 19.13
C VAL B 25 28.52 -41.85 17.83
N PRO B 26 27.67 -42.34 16.89
CA PRO B 26 28.17 -42.89 15.62
C PRO B 26 29.07 -41.85 14.97
N LYS B 27 30.08 -42.32 14.23
CA LYS B 27 30.86 -41.47 13.34
C LYS B 27 30.04 -41.17 12.08
N ILE B 28 29.87 -39.88 11.79
CA ILE B 28 29.27 -39.41 10.55
C ILE B 28 30.35 -38.58 9.84
N ASP B 29 30.84 -39.07 8.70
CA ASP B 29 31.91 -38.37 8.03
C ASP B 29 31.44 -37.75 6.71
N HIS B 30 30.19 -38.01 6.31
CA HIS B 30 29.65 -37.47 5.08
C HIS B 30 28.13 -37.47 5.13
N TYR B 31 27.52 -36.75 4.18
CA TYR B 31 26.08 -36.64 4.07
C TYR B 31 25.62 -37.14 2.72
N PRO B 32 24.33 -37.53 2.60
CA PRO B 32 23.78 -38.02 1.32
C PRO B 32 24.13 -37.01 0.23
N GLY B 33 24.66 -37.51 -0.88
CA GLY B 33 25.05 -36.60 -1.95
C GLY B 33 26.55 -36.39 -1.98
N GLY B 34 27.18 -36.57 -0.82
CA GLY B 34 28.63 -36.70 -0.71
C GLY B 34 29.32 -35.51 -0.06
N GLN B 35 28.58 -34.45 0.32
CA GLN B 35 29.21 -33.41 1.12
C GLN B 35 29.93 -34.08 2.29
N THR B 36 31.20 -33.74 2.52
CA THR B 36 31.91 -34.29 3.67
C THR B 36 31.45 -33.58 4.95
N ALA B 37 31.52 -34.31 6.07
CA ALA B 37 31.23 -33.74 7.38
C ALA B 37 32.31 -32.69 7.66
N PRO B 38 32.12 -31.76 8.64
CA PRO B 38 33.08 -30.68 8.86
C PRO B 38 34.53 -31.12 9.04
N THR B 39 35.48 -30.30 8.54
CA THR B 39 36.88 -30.68 8.56
C THR B 39 37.74 -29.67 9.33
N PRO B 40 37.46 -29.38 10.62
CA PRO B 40 38.35 -28.50 11.39
C PRO B 40 39.65 -29.27 11.60
N LYS B 41 40.77 -28.56 11.80
CA LYS B 41 42.05 -29.23 11.92
C LYS B 41 42.08 -30.10 13.17
N GLN B 42 41.33 -29.70 14.20
CA GLN B 42 41.33 -30.39 15.47
C GLN B 42 40.01 -30.08 16.18
N ILE B 43 39.62 -30.96 17.11
CA ILE B 43 38.51 -30.63 17.99
C ILE B 43 38.92 -30.86 19.44
N ASP B 44 38.40 -29.99 20.33
CA ASP B 44 38.70 -30.05 21.76
C ASP B 44 37.47 -30.56 22.53
N PHE B 45 36.71 -31.47 21.93
CA PHE B 45 35.58 -32.10 22.59
C PHE B 45 35.52 -33.56 22.11
N THR B 46 34.76 -34.39 22.82
CA THR B 46 34.35 -35.71 22.34
C THR B 46 32.92 -35.59 21.81
N PRO B 47 32.63 -35.98 20.55
CA PRO B 47 31.26 -36.08 20.04
C PRO B 47 30.33 -36.83 20.99
N GLY B 48 29.20 -36.20 21.30
CA GLY B 48 28.33 -36.69 22.36
C GLY B 48 28.16 -35.70 23.51
N GLU B 49 29.16 -34.81 23.69
CA GLU B 49 29.11 -33.84 24.77
C GLU B 49 28.11 -32.73 24.46
N LEU B 50 27.58 -32.11 25.52
CA LEU B 50 26.68 -30.97 25.39
C LEU B 50 27.51 -29.70 25.09
N LEU B 51 27.41 -29.24 23.83
CA LEU B 51 28.29 -28.21 23.28
C LEU B 51 27.54 -26.89 23.12
N GLY B 52 26.22 -26.97 22.98
CA GLY B 52 25.44 -25.82 22.51
C GLY B 52 24.88 -24.96 23.65
N SER B 53 25.16 -25.36 24.90
CA SER B 53 24.81 -24.60 26.09
C SER B 53 26.02 -23.79 26.55
N VAL B 54 25.80 -22.79 27.45
CA VAL B 54 26.82 -21.86 27.91
C VAL B 54 28.11 -22.56 28.43
N SER B 55 27.98 -23.66 29.17
CA SER B 55 29.18 -24.34 29.64
C SER B 55 29.87 -25.17 28.56
N GLY B 56 29.17 -25.47 27.45
CA GLY B 56 29.84 -26.21 26.38
C GLY B 56 30.71 -25.34 25.47
N GLU B 57 30.24 -24.11 25.16
CA GLU B 57 31.04 -23.12 24.45
C GLU B 57 31.33 -23.51 23.00
N LEU B 58 30.54 -24.45 22.44
CA LEU B 58 30.86 -25.08 21.16
C LEU B 58 32.29 -25.64 21.11
N GLY B 59 32.92 -25.84 22.28
CA GLY B 59 34.27 -26.37 22.36
C GLY B 59 35.33 -25.45 21.74
N LEU B 60 35.09 -24.12 21.78
CA LEU B 60 35.88 -23.11 21.08
C LEU B 60 36.93 -22.39 21.95
N ARG B 61 36.85 -22.49 23.30
CA ARG B 61 37.58 -21.55 24.16
C ARG B 61 39.09 -21.78 24.06
N LYS B 62 39.54 -23.05 24.11
CA LYS B 62 40.97 -23.30 24.13
C LYS B 62 41.59 -22.85 22.81
N TYR B 63 40.87 -23.13 21.71
CA TYR B 63 41.33 -22.74 20.38
C TYR B 63 41.48 -21.22 20.26
N LEU B 64 40.41 -20.51 20.59
CA LEU B 64 40.38 -19.08 20.40
C LEU B 64 41.40 -18.40 21.30
N GLU B 65 41.45 -18.80 22.58
CA GLU B 65 42.31 -18.13 23.55
C GLU B 65 43.78 -18.41 23.22
N GLY B 66 44.06 -19.62 22.74
CA GLY B 66 45.40 -20.02 22.31
C GLY B 66 45.91 -19.19 21.13
N LEU B 67 45.00 -18.66 20.31
CA LEU B 67 45.40 -17.75 19.24
C LEU B 67 45.50 -16.30 19.73
N GLY B 68 45.17 -16.05 21.01
CA GLY B 68 45.23 -14.72 21.61
C GLY B 68 43.91 -13.92 21.52
N HIS B 69 42.83 -14.56 21.04
CA HIS B 69 41.55 -13.90 20.88
C HIS B 69 40.78 -13.96 22.19
N THR B 70 39.71 -13.15 22.29
CA THR B 70 38.83 -13.24 23.44
C THR B 70 37.50 -13.86 23.02
N LEU B 71 36.91 -14.68 23.90
CA LEU B 71 35.61 -15.28 23.62
C LEU B 71 34.66 -14.95 24.77
N VAL B 72 33.57 -14.27 24.45
CA VAL B 72 32.52 -13.99 25.41
C VAL B 72 31.36 -14.94 25.09
N VAL B 73 30.99 -15.79 26.05
CA VAL B 73 29.82 -16.64 25.87
C VAL B 73 28.70 -16.13 26.77
N THR B 74 27.49 -15.93 26.22
CA THR B 74 26.33 -15.54 27.01
C THR B 74 25.04 -16.15 26.46
N SER B 75 24.01 -16.20 27.31
CA SER B 75 22.67 -16.58 26.87
C SER B 75 21.75 -15.34 26.76
N ASP B 76 22.28 -14.19 27.24
CA ASP B 76 21.49 -12.98 27.42
C ASP B 76 21.43 -12.20 26.10
N LYS B 77 20.27 -12.27 25.40
CA LYS B 77 20.27 -11.91 24.00
C LYS B 77 19.16 -10.94 23.62
N GLU B 78 18.22 -10.65 24.54
CA GLU B 78 17.03 -9.88 24.21
C GLU B 78 17.22 -8.39 24.55
N GLY B 79 16.99 -7.51 23.59
CA GLY B 79 16.98 -6.05 23.84
C GLY B 79 18.34 -5.38 23.89
N GLU B 80 18.32 -4.04 24.03
CA GLU B 80 19.56 -3.20 24.02
C GLU B 80 20.42 -3.36 25.29
N ASP B 81 19.85 -3.77 26.41
CA ASP B 81 20.64 -3.98 27.65
C ASP B 81 21.09 -5.45 27.81
N SER B 82 20.93 -6.27 26.78
CA SER B 82 21.41 -7.64 26.85
C SER B 82 22.94 -7.63 26.81
N VAL B 83 23.55 -8.64 27.43
CA VAL B 83 24.98 -8.83 27.28
C VAL B 83 25.34 -8.86 25.79
N PHE B 84 24.51 -9.50 24.95
CA PHE B 84 24.87 -9.61 23.54
C PHE B 84 25.03 -8.21 22.96
N GLU B 85 24.02 -7.37 23.18
CA GLU B 85 24.07 -6.09 22.51
C GLU B 85 25.12 -5.17 23.12
N ARG B 86 25.34 -5.25 24.44
CA ARG B 86 26.42 -4.51 25.07
C ARG B 86 27.80 -4.95 24.57
N GLU B 87 27.98 -6.23 24.19
CA GLU B 87 29.30 -6.68 23.79
C GLU B 87 29.54 -6.46 22.29
N LEU B 88 28.44 -6.24 21.54
CA LEU B 88 28.42 -6.30 20.10
C LEU B 88 29.34 -5.27 19.46
N PRO B 89 29.43 -4.02 19.97
CA PRO B 89 30.30 -2.99 19.36
C PRO B 89 31.73 -3.35 18.94
N ASP B 90 32.47 -4.09 19.75
CA ASP B 90 33.82 -4.41 19.31
C ASP B 90 33.97 -5.90 18.95
N ALA B 91 32.86 -6.59 18.65
CA ALA B 91 32.97 -7.99 18.24
C ALA B 91 33.30 -8.07 16.74
N GLU B 92 34.33 -8.84 16.39
CA GLU B 92 34.63 -9.10 14.99
C GLU B 92 33.75 -10.23 14.44
N ILE B 93 33.43 -11.21 15.31
CA ILE B 93 32.72 -12.41 14.89
C ILE B 93 31.60 -12.65 15.89
N VAL B 94 30.43 -12.97 15.34
CA VAL B 94 29.24 -13.25 16.12
C VAL B 94 28.80 -14.68 15.76
N ILE B 95 28.55 -15.49 16.79
CA ILE B 95 28.07 -16.86 16.59
C ILE B 95 26.81 -17.07 17.43
N SER B 96 25.76 -17.63 16.82
CA SER B 96 24.66 -18.14 17.62
C SER B 96 23.97 -19.28 16.89
N GLN B 97 23.08 -20.00 17.60
CA GLN B 97 22.34 -21.12 17.03
C GLN B 97 20.87 -20.72 16.85
N PRO B 98 20.15 -21.25 15.81
CA PRO B 98 18.72 -20.96 15.64
C PRO B 98 17.87 -21.39 16.86
N PHE B 99 18.35 -22.33 17.67
CA PHE B 99 17.57 -22.81 18.82
C PHE B 99 17.48 -21.72 19.91
N TRP B 100 18.42 -20.76 19.89
CA TRP B 100 18.48 -19.65 20.85
C TRP B 100 19.18 -18.49 20.13
N PRO B 101 18.46 -17.85 19.17
CA PRO B 101 19.07 -16.96 18.18
C PRO B 101 19.31 -15.51 18.64
N ALA B 102 20.52 -15.00 18.41
CA ALA B 102 20.81 -13.57 18.58
C ALA B 102 20.59 -12.84 17.26
N TYR B 103 19.51 -12.06 17.16
CA TYR B 103 19.13 -11.40 15.92
C TYR B 103 20.12 -10.30 15.57
N LEU B 104 20.63 -10.36 14.34
CA LEU B 104 21.38 -9.26 13.77
C LEU B 104 20.43 -8.43 12.91
N THR B 105 19.65 -7.56 13.58
CA THR B 105 18.79 -6.55 12.94
C THR B 105 19.65 -5.45 12.32
N PRO B 106 19.09 -4.62 11.39
CA PRO B 106 19.87 -3.53 10.77
C PRO B 106 20.46 -2.56 11.80
N GLU B 107 19.71 -2.34 12.89
CA GLU B 107 20.12 -1.46 13.97
C GLU B 107 21.25 -2.09 14.78
N ARG B 108 21.19 -3.41 15.01
CA ARG B 108 22.32 -4.05 15.66
C ARG B 108 23.56 -3.96 14.76
N ILE B 109 23.37 -4.24 13.47
CA ILE B 109 24.50 -4.32 12.54
C ILE B 109 25.20 -2.97 12.46
N ALA B 110 24.40 -1.89 12.41
CA ALA B 110 24.90 -0.53 12.45
C ALA B 110 25.76 -0.31 13.69
N LYS B 111 25.34 -0.87 14.84
CA LYS B 111 26.06 -0.73 16.11
C LYS B 111 27.34 -1.58 16.12
N ALA B 112 27.42 -2.57 15.22
CA ALA B 112 28.51 -3.54 15.27
C ALA B 112 29.69 -3.07 14.43
N LYS B 113 30.49 -2.17 15.00
CA LYS B 113 31.53 -1.45 14.26
C LYS B 113 32.56 -2.42 13.72
N LYS B 114 32.86 -3.49 14.48
CA LYS B 114 33.96 -4.36 14.09
C LYS B 114 33.46 -5.64 13.42
N LEU B 115 32.13 -5.77 13.24
CA LEU B 115 31.58 -7.06 12.81
C LEU B 115 31.92 -7.35 11.36
N LYS B 116 32.59 -8.48 11.11
CA LYS B 116 32.92 -8.93 9.76
C LYS B 116 32.41 -10.33 9.46
N LEU B 117 32.16 -11.17 10.50
CA LEU B 117 31.74 -12.56 10.26
C LEU B 117 30.61 -12.95 11.21
N ALA B 118 29.49 -13.42 10.64
CA ALA B 118 28.37 -13.93 11.43
C ALA B 118 28.14 -15.39 11.05
N VAL B 119 28.32 -16.29 12.03
CA VAL B 119 28.16 -17.74 11.87
C VAL B 119 26.86 -18.21 12.55
N THR B 120 26.02 -18.91 11.77
CA THR B 120 24.93 -19.71 12.30
C THR B 120 25.48 -21.09 12.66
N ALA B 121 25.48 -21.42 13.96
CA ALA B 121 25.83 -22.75 14.44
C ALA B 121 24.58 -23.62 14.33
N GLY B 122 24.39 -24.16 13.12
CA GLY B 122 23.11 -24.73 12.70
C GLY B 122 22.80 -24.37 11.24
N ILE B 123 21.53 -24.43 10.88
CA ILE B 123 21.08 -24.15 9.52
C ILE B 123 19.92 -23.16 9.59
N GLY B 124 19.91 -22.21 8.65
CA GLY B 124 18.82 -21.26 8.49
C GLY B 124 19.16 -19.95 9.20
N SER B 125 19.42 -18.90 8.40
CA SER B 125 19.98 -17.66 8.91
C SER B 125 18.94 -16.54 8.86
N ASP B 126 17.66 -16.88 9.04
CA ASP B 126 16.57 -15.92 8.91
C ASP B 126 16.62 -14.87 10.02
N HIS B 127 17.54 -15.04 10.99
CA HIS B 127 17.69 -14.12 12.13
C HIS B 127 18.74 -13.05 11.82
N VAL B 128 19.38 -13.15 10.65
CA VAL B 128 20.35 -12.16 10.19
C VAL B 128 19.74 -11.36 9.04
N ASP B 129 19.84 -10.02 9.12
CA ASP B 129 19.34 -9.17 8.06
C ASP B 129 20.40 -9.09 6.96
N LEU B 130 20.13 -9.71 5.81
CA LEU B 130 21.13 -9.97 4.80
C LEU B 130 21.50 -8.69 4.03
N GLU B 131 20.52 -7.81 3.76
CA GLU B 131 20.79 -6.56 3.07
C GLU B 131 21.82 -5.75 3.86
N ALA B 132 21.60 -5.67 5.20
CA ALA B 132 22.46 -4.91 6.08
C ALA B 132 23.86 -5.55 6.15
N ALA B 133 23.91 -6.89 6.19
CA ALA B 133 25.17 -7.62 6.15
C ALA B 133 25.92 -7.33 4.85
N ILE B 134 25.18 -7.30 3.73
CA ILE B 134 25.73 -7.04 2.41
C ILE B 134 26.31 -5.61 2.40
N LYS B 135 25.47 -4.64 2.76
CA LYS B 135 25.81 -3.22 2.89
C LYS B 135 27.16 -3.04 3.59
N ASN B 136 27.40 -3.80 4.68
CA ASN B 136 28.55 -3.59 5.54
C ASN B 136 29.70 -4.58 5.28
N GLY B 137 29.59 -5.41 4.25
CA GLY B 137 30.64 -6.36 3.91
C GLY B 137 30.83 -7.46 4.97
N ILE B 138 29.73 -7.96 5.53
CA ILE B 138 29.81 -8.96 6.59
C ILE B 138 29.66 -10.35 5.97
N THR B 139 30.59 -11.26 6.25
CA THR B 139 30.40 -12.61 5.76
C THR B 139 29.36 -13.29 6.66
N VAL B 140 28.36 -13.94 6.06
CA VAL B 140 27.36 -14.73 6.78
C VAL B 140 27.52 -16.20 6.36
N ALA B 141 27.79 -17.08 7.34
CA ALA B 141 27.99 -18.49 7.05
C ALA B 141 27.07 -19.34 7.94
N GLU B 142 26.70 -20.54 7.45
CA GLU B 142 25.98 -21.52 8.25
C GLU B 142 26.56 -22.91 7.97
N VAL B 143 26.39 -23.86 8.91
CA VAL B 143 27.03 -25.16 8.74
C VAL B 143 26.09 -26.09 7.94
N THR B 144 26.00 -25.83 6.63
CA THR B 144 25.10 -26.55 5.73
C THR B 144 25.12 -28.05 6.02
N TYR B 145 23.93 -28.65 6.04
CA TYR B 145 23.72 -30.09 6.16
C TYR B 145 23.98 -30.58 7.58
N SER B 146 24.47 -29.71 8.49
CA SER B 146 24.95 -30.25 9.76
C SER B 146 23.83 -30.98 10.51
N ASN B 147 22.57 -30.56 10.37
CA ASN B 147 21.56 -31.24 11.18
C ASN B 147 20.32 -31.57 10.34
N SER B 148 20.46 -31.51 9.02
CA SER B 148 19.35 -31.79 8.13
C SER B 148 18.76 -33.19 8.36
N ILE B 149 19.63 -34.19 8.56
CA ILE B 149 19.18 -35.56 8.80
C ILE B 149 18.49 -35.64 10.17
N SER B 150 19.03 -34.89 11.16
CA SER B 150 18.45 -34.87 12.51
C SER B 150 16.97 -34.48 12.42
N VAL B 151 16.72 -33.40 11.67
CA VAL B 151 15.37 -32.90 11.50
C VAL B 151 14.47 -33.95 10.84
N SER B 152 14.97 -34.56 9.75
CA SER B 152 14.19 -35.54 9.00
C SER B 152 13.73 -36.67 9.93
N GLU B 153 14.59 -37.06 10.87
CA GLU B 153 14.24 -38.04 11.90
C GLU B 153 13.06 -37.59 12.77
N HIS B 154 13.15 -36.35 13.28
CA HIS B 154 12.16 -35.71 14.15
C HIS B 154 10.83 -35.62 13.39
N VAL B 155 10.92 -35.36 12.08
CA VAL B 155 9.73 -35.18 11.25
C VAL B 155 8.97 -36.50 11.20
N VAL B 156 9.70 -37.60 10.91
CA VAL B 156 9.01 -38.88 10.72
C VAL B 156 8.45 -39.33 12.08
N MET B 157 9.24 -39.09 13.13
CA MET B 157 8.80 -39.30 14.53
C MET B 157 7.47 -38.59 14.80
N MET B 158 7.40 -37.32 14.45
CA MET B 158 6.21 -36.54 14.76
C MET B 158 5.01 -36.96 13.90
N ILE B 159 5.23 -37.22 12.61
CA ILE B 159 4.16 -37.76 11.78
C ILE B 159 3.55 -39.02 12.44
N LEU B 160 4.40 -40.02 12.76
CA LEU B 160 3.93 -41.27 13.35
C LEU B 160 3.18 -41.00 14.66
N SER B 161 3.77 -40.17 15.52
CA SER B 161 3.15 -39.88 16.82
C SER B 161 1.77 -39.26 16.68
N LEU B 162 1.60 -38.34 15.72
CA LEU B 162 0.30 -37.71 15.48
C LEU B 162 -0.72 -38.73 14.99
N VAL B 163 -0.37 -39.50 13.96
CA VAL B 163 -1.33 -40.34 13.26
C VAL B 163 -1.70 -41.49 14.20
N ARG B 164 -0.71 -42.00 14.95
CA ARG B 164 -0.92 -43.14 15.85
C ARG B 164 -1.49 -42.74 17.23
N ASN B 165 -1.48 -41.44 17.57
CA ASN B 165 -1.97 -40.90 18.84
C ASN B 165 -1.08 -41.33 20.02
N TYR B 166 0.25 -41.19 19.89
CA TYR B 166 1.20 -41.68 20.87
C TYR B 166 1.07 -40.96 22.21
N ILE B 167 1.19 -39.62 22.18
CA ILE B 167 1.37 -38.86 23.42
C ILE B 167 0.18 -39.01 24.38
N PRO B 168 -1.09 -38.81 23.98
CA PRO B 168 -2.23 -39.11 24.86
C PRO B 168 -2.27 -40.52 25.43
N SER B 169 -1.79 -41.50 24.67
CA SER B 169 -1.66 -42.88 25.09
C SER B 169 -0.61 -43.00 26.21
N TYR B 170 0.54 -42.34 26.01
CA TYR B 170 1.56 -42.27 27.05
C TYR B 170 0.97 -41.69 28.34
N GLN B 171 0.22 -40.59 28.21
CA GLN B 171 -0.41 -39.95 29.37
C GLN B 171 -1.30 -40.94 30.17
N TRP B 172 -2.02 -41.84 29.47
CA TRP B 172 -2.88 -42.81 30.16
C TRP B 172 -2.05 -43.73 31.03
N VAL B 173 -0.83 -44.07 30.57
CA VAL B 173 0.05 -44.92 31.35
C VAL B 173 0.37 -44.21 32.68
N ILE B 174 0.77 -42.94 32.58
CA ILE B 174 1.19 -42.15 33.73
C ILE B 174 0.00 -41.95 34.66
N LYS B 175 -1.19 -41.79 34.09
CA LYS B 175 -2.39 -41.58 34.88
C LYS B 175 -2.90 -42.86 35.54
N GLY B 176 -2.22 -43.99 35.34
CA GLY B 176 -2.69 -45.20 36.00
C GLY B 176 -3.81 -45.91 35.27
N GLY B 177 -4.04 -45.56 34.00
CA GLY B 177 -5.14 -46.20 33.28
C GLY B 177 -4.67 -47.20 32.24
N TRP B 178 -5.58 -47.57 31.35
CA TRP B 178 -5.34 -48.55 30.28
C TRP B 178 -6.07 -48.03 29.05
N ASN B 179 -7.42 -48.05 29.10
CA ASN B 179 -8.16 -47.05 28.35
C ASN B 179 -7.90 -47.17 26.86
N ILE B 180 -7.84 -48.40 26.34
CA ILE B 180 -7.55 -48.65 24.93
C ILE B 180 -8.42 -47.81 24.01
N ALA B 181 -9.73 -47.74 24.26
CA ALA B 181 -10.63 -47.13 23.28
C ALA B 181 -10.42 -45.61 23.28
N ASP B 182 -10.11 -45.09 24.47
CA ASP B 182 -9.78 -43.68 24.58
C ASP B 182 -8.54 -43.41 23.72
N CYS B 183 -7.56 -44.35 23.76
CA CYS B 183 -6.33 -44.16 22.99
C CYS B 183 -6.58 -44.24 21.48
N VAL B 184 -7.37 -45.25 21.04
CA VAL B 184 -7.39 -45.59 19.62
C VAL B 184 -8.55 -44.95 18.85
N GLU B 185 -9.52 -44.35 19.57
CA GLU B 185 -10.59 -43.71 18.83
C GLU B 185 -10.06 -42.63 17.89
N ARG B 186 -8.77 -42.26 18.02
CA ARG B 186 -8.12 -41.38 17.07
C ARG B 186 -6.77 -41.97 16.63
N SER B 187 -6.63 -43.31 16.59
CA SER B 187 -5.34 -43.90 16.23
C SER B 187 -5.47 -44.59 14.89
N TYR B 188 -4.60 -44.18 13.96
CA TYR B 188 -4.60 -44.76 12.61
C TYR B 188 -3.20 -45.26 12.26
N ASP B 189 -3.12 -46.18 11.30
CA ASP B 189 -1.85 -46.49 10.67
C ASP B 189 -1.54 -45.41 9.63
N LEU B 190 -0.24 -45.14 9.43
CA LEU B 190 0.24 -44.26 8.36
C LEU B 190 0.16 -44.99 7.00
N GLU B 191 0.28 -46.33 7.00
CA GLU B 191 0.35 -47.14 5.80
C GLU B 191 -0.67 -46.65 4.75
N ALA B 192 -0.18 -46.31 3.54
CA ALA B 192 -0.99 -46.05 2.36
C ALA B 192 -1.78 -44.72 2.44
N MET B 193 -1.46 -43.87 3.41
CA MET B 193 -1.91 -42.47 3.41
C MET B 193 -1.10 -41.66 2.37
N HIS B 194 -1.63 -40.50 1.97
CA HIS B 194 -0.87 -39.59 1.13
C HIS B 194 -0.08 -38.58 1.96
N VAL B 195 1.24 -38.48 1.73
CA VAL B 195 2.07 -37.56 2.50
C VAL B 195 2.81 -36.67 1.51
N GLY B 196 2.79 -35.36 1.76
CA GLY B 196 3.51 -34.43 0.90
C GLY B 196 4.48 -33.56 1.70
N THR B 197 5.58 -33.13 1.06
CA THR B 197 6.48 -32.20 1.70
C THR B 197 6.47 -30.91 0.88
N VAL B 198 6.51 -29.76 1.58
CA VAL B 198 6.88 -28.50 0.95
C VAL B 198 8.39 -28.42 1.01
N ALA B 199 9.04 -28.45 -0.17
CA ALA B 199 10.50 -28.50 -0.29
C ALA B 199 11.02 -29.94 -0.23
N ALA B 200 11.90 -30.26 -1.18
CA ALA B 200 12.66 -31.50 -1.19
C ALA B 200 14.13 -31.15 -1.25
N GLY B 201 14.56 -30.25 -0.37
CA GLY B 201 15.98 -29.99 -0.17
C GLY B 201 16.60 -31.07 0.71
N ARG B 202 17.61 -30.70 1.51
CA ARG B 202 18.35 -31.68 2.27
C ARG B 202 17.46 -32.40 3.28
N ILE B 203 16.68 -31.63 4.05
CA ILE B 203 15.70 -32.21 4.97
C ILE B 203 14.58 -32.91 4.21
N GLY B 204 13.92 -32.19 3.29
CA GLY B 204 12.76 -32.69 2.56
C GLY B 204 13.04 -34.01 1.85
N LEU B 205 14.18 -34.08 1.15
CA LEU B 205 14.54 -35.33 0.49
C LEU B 205 14.82 -36.43 1.51
N ALA B 206 15.44 -36.08 2.66
CA ALA B 206 15.72 -37.09 3.68
C ALA B 206 14.41 -37.65 4.25
N VAL B 207 13.41 -36.78 4.40
CA VAL B 207 12.10 -37.21 4.89
C VAL B 207 11.45 -38.15 3.87
N LEU B 208 11.53 -37.81 2.58
CA LEU B 208 10.89 -38.62 1.56
C LEU B 208 11.45 -40.05 1.56
N LYS B 209 12.78 -40.17 1.64
CA LYS B 209 13.46 -41.46 1.69
C LYS B 209 13.03 -42.27 2.92
N ARG B 210 12.94 -41.61 4.08
CA ARG B 210 12.55 -42.35 5.27
C ARG B 210 11.11 -42.82 5.19
N LEU B 211 10.24 -42.09 4.49
CA LEU B 211 8.81 -42.41 4.51
C LEU B 211 8.50 -43.51 3.50
N LYS B 212 9.39 -43.63 2.49
CA LYS B 212 9.07 -44.53 1.37
C LYS B 212 8.70 -45.92 1.89
N PRO B 213 9.51 -46.61 2.74
CA PRO B 213 9.16 -47.98 3.11
C PRO B 213 7.91 -48.10 3.99
N PHE B 214 7.36 -46.97 4.42
CA PHE B 214 6.10 -47.02 5.16
C PHE B 214 4.93 -47.22 4.19
N ASP B 215 5.22 -47.24 2.88
CA ASP B 215 4.22 -47.54 1.85
C ASP B 215 3.15 -46.45 1.78
N VAL B 216 3.56 -45.20 2.05
CA VAL B 216 2.71 -44.04 1.82
C VAL B 216 2.78 -43.64 0.34
N LYS B 217 1.85 -42.82 -0.14
CA LYS B 217 1.88 -42.25 -1.48
C LYS B 217 2.48 -40.86 -1.35
N LEU B 218 3.63 -40.63 -2.02
CA LEU B 218 4.44 -39.44 -1.76
C LEU B 218 4.19 -38.33 -2.79
N HIS B 219 4.27 -37.09 -2.30
CA HIS B 219 3.95 -35.87 -3.03
C HIS B 219 4.95 -34.79 -2.63
N TYR B 220 5.32 -33.91 -3.56
CA TYR B 220 6.08 -32.72 -3.16
C TYR B 220 5.78 -31.53 -4.05
N PHE B 221 6.15 -30.35 -3.51
CA PHE B 221 6.46 -29.17 -4.32
C PHE B 221 7.80 -28.62 -3.87
N ASP B 222 8.64 -28.25 -4.86
CA ASP B 222 9.87 -27.51 -4.61
C ASP B 222 10.07 -26.57 -5.80
N GLN B 223 10.57 -25.35 -5.53
CA GLN B 223 10.88 -24.40 -6.58
C GLN B 223 11.87 -25.04 -7.57
N HIS B 224 12.75 -25.93 -7.09
CA HIS B 224 13.64 -26.70 -7.95
C HIS B 224 13.18 -28.15 -8.01
N ARG B 225 12.62 -28.52 -9.16
CA ARG B 225 12.06 -29.85 -9.34
C ARG B 225 13.20 -30.86 -9.31
N LEU B 226 12.97 -32.03 -8.69
CA LEU B 226 13.98 -33.08 -8.70
C LEU B 226 14.08 -33.70 -10.11
N PRO B 227 15.23 -34.37 -10.41
CA PRO B 227 15.37 -35.16 -11.64
C PRO B 227 14.27 -36.21 -11.73
N GLU B 228 13.79 -36.47 -12.94
CA GLU B 228 12.78 -37.48 -13.17
C GLU B 228 13.14 -38.85 -12.55
N SER B 229 14.39 -39.28 -12.71
CA SER B 229 14.81 -40.60 -12.22
C SER B 229 14.66 -40.68 -10.70
N VAL B 230 14.85 -39.56 -10.00
CA VAL B 230 14.72 -39.51 -8.55
C VAL B 230 13.23 -39.60 -8.15
N GLU B 231 12.37 -38.80 -8.81
CA GLU B 231 10.93 -38.88 -8.61
C GLU B 231 10.48 -40.31 -8.89
N ASN B 232 11.06 -40.90 -9.94
CA ASN B 232 10.69 -42.26 -10.33
C ASN B 232 11.05 -43.25 -9.23
N GLU B 233 12.29 -43.22 -8.73
CA GLU B 233 12.71 -44.25 -7.78
C GLU B 233 12.02 -44.10 -6.44
N LEU B 234 11.60 -42.89 -6.08
CA LEU B 234 10.92 -42.69 -4.80
C LEU B 234 9.40 -42.77 -4.94
N GLY B 235 8.89 -42.85 -6.17
CA GLY B 235 7.45 -42.83 -6.40
C GLY B 235 6.79 -41.49 -6.07
N LEU B 236 7.45 -40.36 -6.36
CA LEU B 236 6.95 -39.02 -6.02
C LEU B 236 6.04 -38.48 -7.12
N THR B 237 4.91 -37.88 -6.71
CA THR B 237 4.16 -36.94 -7.55
C THR B 237 4.60 -35.51 -7.24
N TYR B 238 5.11 -34.82 -8.27
CA TYR B 238 5.30 -33.38 -8.28
C TYR B 238 3.98 -32.67 -8.52
N HIS B 239 3.77 -31.57 -7.76
CA HIS B 239 2.68 -30.65 -7.96
C HIS B 239 3.29 -29.27 -8.22
N PRO B 240 2.65 -28.45 -9.08
CA PRO B 240 3.20 -27.15 -9.43
C PRO B 240 3.11 -26.08 -8.34
N SER B 241 2.43 -26.38 -7.20
CA SER B 241 2.31 -25.42 -6.12
C SER B 241 1.96 -26.12 -4.81
N VAL B 242 2.21 -25.45 -3.69
CA VAL B 242 1.77 -25.93 -2.39
C VAL B 242 0.27 -26.19 -2.41
N GLU B 243 -0.50 -25.22 -2.94
CA GLU B 243 -1.95 -25.33 -2.86
C GLU B 243 -2.40 -26.60 -3.59
N ASP B 244 -1.85 -26.82 -4.78
CA ASP B 244 -2.20 -28.00 -5.57
C ASP B 244 -1.92 -29.29 -4.79
N MET B 245 -0.75 -29.33 -4.12
CA MET B 245 -0.34 -30.50 -3.35
C MET B 245 -1.27 -30.77 -2.15
N VAL B 246 -1.53 -29.76 -1.30
CA VAL B 246 -2.11 -30.08 -0.01
C VAL B 246 -3.53 -30.64 -0.13
N LYS B 247 -4.16 -30.43 -1.28
CA LYS B 247 -5.55 -30.84 -1.48
C LYS B 247 -5.70 -32.35 -1.36
N VAL B 248 -4.64 -33.10 -1.65
CA VAL B 248 -4.76 -34.56 -1.73
C VAL B 248 -3.96 -35.24 -0.61
N CYS B 249 -3.40 -34.47 0.33
CA CYS B 249 -2.54 -35.07 1.33
C CYS B 249 -3.29 -35.38 2.63
N ASP B 250 -3.02 -36.57 3.14
CA ASP B 250 -3.41 -36.90 4.51
C ASP B 250 -2.49 -36.20 5.52
N VAL B 251 -1.23 -36.00 5.13
CA VAL B 251 -0.21 -35.47 6.02
C VAL B 251 0.64 -34.50 5.20
N VAL B 252 0.96 -33.34 5.77
CA VAL B 252 1.85 -32.39 5.09
C VAL B 252 2.96 -32.02 6.08
N THR B 253 4.20 -32.07 5.59
CA THR B 253 5.38 -31.63 6.36
C THR B 253 6.05 -30.47 5.62
N ILE B 254 6.43 -29.41 6.35
CA ILE B 254 7.02 -28.21 5.80
C ILE B 254 8.52 -28.26 6.05
N ASN B 255 9.28 -28.22 4.94
CA ASN B 255 10.73 -28.30 4.96
C ASN B 255 11.41 -27.17 4.17
N ALA B 256 10.72 -26.04 3.94
CA ALA B 256 11.35 -24.92 3.25
C ALA B 256 11.95 -23.92 4.24
N PRO B 257 12.92 -23.07 3.81
CA PRO B 257 13.42 -21.98 4.66
C PRO B 257 12.35 -20.90 4.82
N LEU B 258 12.51 -20.07 5.85
CA LEU B 258 11.64 -18.93 6.00
C LEU B 258 12.21 -17.80 5.16
N HIS B 259 11.43 -17.41 4.14
CA HIS B 259 11.74 -16.25 3.32
C HIS B 259 10.45 -15.72 2.73
N PRO B 260 10.46 -14.64 1.90
CA PRO B 260 9.22 -13.96 1.51
C PRO B 260 8.08 -14.85 0.98
N GLY B 261 8.41 -15.84 0.15
CA GLY B 261 7.42 -16.77 -0.36
C GLY B 261 6.84 -17.72 0.72
N THR B 262 7.53 -17.89 1.84
CA THR B 262 7.04 -18.85 2.82
C THR B 262 6.52 -18.17 4.09
N LEU B 263 6.75 -16.84 4.25
CA LEU B 263 6.23 -16.09 5.40
C LEU B 263 4.70 -16.13 5.39
N ASP B 264 4.08 -16.68 6.45
CA ASP B 264 2.63 -16.76 6.56
C ASP B 264 1.98 -17.60 5.44
N LEU B 265 2.70 -18.59 4.87
CA LEU B 265 2.20 -19.42 3.79
C LEU B 265 0.98 -20.20 4.25
N PHE B 266 1.11 -20.85 5.41
CA PHE B 266 0.02 -21.64 5.98
C PHE B 266 -0.85 -20.71 6.83
N ASN B 267 -1.71 -19.96 6.13
CA ASN B 267 -2.68 -19.03 6.69
C ASN B 267 -4.04 -19.74 6.63
N ASP B 268 -5.09 -19.05 7.04
CA ASP B 268 -6.41 -19.67 7.13
C ASP B 268 -6.85 -20.20 5.76
N GLU B 269 -6.67 -19.39 4.72
CA GLU B 269 -7.02 -19.77 3.37
C GLU B 269 -6.29 -21.07 2.96
N LEU B 270 -4.96 -21.13 3.11
CA LEU B 270 -4.27 -22.35 2.65
C LEU B 270 -4.65 -23.55 3.51
N ILE B 271 -4.74 -23.36 4.83
CA ILE B 271 -5.10 -24.48 5.70
C ILE B 271 -6.50 -24.99 5.35
N SER B 272 -7.38 -24.08 4.88
CA SER B 272 -8.74 -24.46 4.54
C SER B 272 -8.79 -25.35 3.30
N LYS B 273 -7.72 -25.39 2.49
CA LYS B 273 -7.70 -26.21 1.29
C LYS B 273 -7.22 -27.62 1.59
N MET B 274 -6.64 -27.83 2.78
CA MET B 274 -6.19 -29.15 3.19
C MET B 274 -7.38 -30.09 3.38
N LYS B 275 -7.14 -31.40 3.38
CA LYS B 275 -8.26 -32.30 3.66
C LYS B 275 -8.68 -32.13 5.13
N ARG B 276 -9.96 -32.29 5.41
CA ARG B 276 -10.41 -32.19 6.78
C ARG B 276 -9.79 -33.36 7.56
N GLY B 277 -9.22 -33.08 8.74
CA GLY B 277 -8.56 -34.13 9.51
C GLY B 277 -7.12 -34.39 9.05
N ALA B 278 -6.56 -33.49 8.25
CA ALA B 278 -5.16 -33.61 7.84
C ALA B 278 -4.24 -33.39 9.05
N TYR B 279 -3.03 -33.97 8.96
CA TYR B 279 -1.97 -33.73 9.93
C TYR B 279 -0.93 -32.79 9.33
N LEU B 280 -0.51 -31.77 10.09
CA LEU B 280 0.49 -30.82 9.59
C LEU B 280 1.71 -30.81 10.49
N VAL B 281 2.90 -31.04 9.95
CA VAL B 281 4.15 -31.06 10.74
C VAL B 281 5.05 -29.92 10.25
N ASN B 282 5.60 -29.11 11.17
CA ASN B 282 6.42 -27.96 10.81
C ASN B 282 7.69 -27.89 11.68
N THR B 283 8.82 -28.41 11.18
CA THR B 283 10.15 -28.31 11.78
C THR B 283 11.01 -27.29 11.04
N ALA B 284 10.40 -26.47 10.20
CA ALA B 284 11.15 -25.54 9.37
C ALA B 284 11.36 -24.22 10.13
N ARG B 285 10.36 -23.32 10.06
CA ARG B 285 10.33 -22.12 10.89
C ARG B 285 8.87 -21.83 11.28
N GLY B 286 8.69 -21.34 12.52
CA GLY B 286 7.35 -21.17 13.07
C GLY B 286 6.44 -20.29 12.21
N LYS B 287 6.99 -19.20 11.68
CA LYS B 287 6.22 -18.14 11.04
C LYS B 287 5.74 -18.54 9.63
N ILE B 288 6.17 -19.71 9.16
CA ILE B 288 5.64 -20.23 7.91
C ILE B 288 4.17 -20.58 8.10
N CYS B 289 3.78 -20.93 9.35
CA CYS B 289 2.38 -21.19 9.66
C CYS B 289 1.85 -20.02 10.48
N ASN B 290 0.68 -19.51 10.10
CA ASN B 290 0.06 -18.46 10.89
C ASN B 290 -0.34 -19.03 12.23
N ARG B 291 0.18 -18.42 13.29
CA ARG B 291 0.03 -18.94 14.63
C ARG B 291 -1.44 -19.21 14.93
N ASP B 292 -2.30 -18.20 14.76
CA ASP B 292 -3.68 -18.30 15.20
C ASP B 292 -4.47 -19.19 14.24
N ALA B 293 -4.06 -19.19 12.96
CA ALA B 293 -4.76 -19.98 11.96
C ALA B 293 -4.68 -21.46 12.33
N VAL B 294 -3.50 -21.88 12.81
CA VAL B 294 -3.26 -23.27 13.20
C VAL B 294 -4.20 -23.64 14.34
N VAL B 295 -4.26 -22.77 15.35
CA VAL B 295 -5.07 -23.03 16.53
C VAL B 295 -6.53 -23.19 16.07
N ARG B 296 -7.01 -22.28 15.24
CA ARG B 296 -8.41 -22.35 14.82
C ARG B 296 -8.68 -23.67 14.08
N ALA B 297 -7.73 -24.11 13.24
CA ALA B 297 -7.99 -25.31 12.45
C ALA B 297 -8.05 -26.56 13.34
N LEU B 298 -7.23 -26.59 14.40
CA LEU B 298 -7.23 -27.70 15.36
C LEU B 298 -8.52 -27.70 16.18
N GLU B 299 -8.96 -26.50 16.60
CA GLU B 299 -10.22 -26.36 17.31
C GLU B 299 -11.40 -26.85 16.47
N SER B 300 -11.41 -26.60 15.14
CA SER B 300 -12.57 -26.95 14.32
C SER B 300 -12.55 -28.42 13.88
N GLY B 301 -11.40 -29.07 14.00
CA GLY B 301 -11.26 -30.39 13.39
C GLY B 301 -10.70 -30.36 11.98
N GLN B 302 -10.53 -29.17 11.37
CA GLN B 302 -9.94 -29.09 10.05
C GLN B 302 -8.56 -29.76 10.02
N LEU B 303 -7.72 -29.48 11.02
CA LEU B 303 -6.52 -30.26 11.26
C LEU B 303 -6.82 -31.30 12.34
N ALA B 304 -6.38 -32.55 12.13
CA ALA B 304 -6.51 -33.58 13.15
C ALA B 304 -5.39 -33.48 14.18
N GLY B 305 -4.27 -32.86 13.77
CA GLY B 305 -3.13 -32.70 14.65
C GLY B 305 -2.07 -31.82 14.02
N TYR B 306 -1.22 -31.21 14.85
CA TYR B 306 -0.13 -30.35 14.40
C TYR B 306 1.07 -30.72 15.26
N ALA B 307 2.28 -30.81 14.67
CA ALA B 307 3.43 -30.96 15.55
C ALA B 307 4.63 -30.30 14.90
N GLY B 308 5.57 -29.87 15.72
CA GLY B 308 6.82 -29.35 15.21
C GLY B 308 7.65 -28.83 16.38
N ASP B 309 8.85 -28.31 16.08
CA ASP B 309 9.77 -27.89 17.13
C ASP B 309 10.03 -26.38 17.06
N VAL B 310 9.39 -25.68 16.11
CA VAL B 310 9.74 -24.29 15.79
C VAL B 310 8.54 -23.37 16.02
N TRP B 311 8.83 -22.26 16.71
CA TRP B 311 7.82 -21.33 17.22
C TRP B 311 8.14 -19.88 16.78
N PHE B 312 7.12 -18.99 16.85
CA PHE B 312 7.40 -17.57 16.83
C PHE B 312 6.78 -16.91 18.06
N PRO B 313 7.54 -16.13 18.88
CA PRO B 313 9.00 -16.00 18.76
C PRO B 313 9.70 -17.12 19.53
N GLN B 314 11.03 -17.11 19.56
CA GLN B 314 11.76 -18.08 20.38
C GLN B 314 12.64 -17.36 21.42
N PRO B 315 12.52 -17.69 22.72
CA PRO B 315 11.62 -18.76 23.20
C PRO B 315 10.16 -18.35 23.16
N ALA B 316 9.26 -19.33 23.03
CA ALA B 316 7.84 -19.02 23.05
C ALA B 316 7.44 -18.62 24.47
N PRO B 317 6.66 -17.53 24.67
CA PRO B 317 6.20 -17.16 26.02
C PRO B 317 5.39 -18.29 26.66
N LYS B 318 5.21 -18.19 27.99
CA LYS B 318 4.35 -19.09 28.75
C LYS B 318 2.96 -19.14 28.14
N ASP B 319 2.45 -18.01 27.65
CA ASP B 319 1.05 -17.96 27.24
C ASP B 319 0.90 -18.18 25.72
N HIS B 320 1.98 -18.56 25.04
CA HIS B 320 1.87 -18.86 23.61
C HIS B 320 0.77 -19.91 23.36
N PRO B 321 -0.21 -19.66 22.46
CA PRO B 321 -1.34 -20.57 22.30
C PRO B 321 -1.00 -21.96 21.75
N TRP B 322 0.22 -22.13 21.20
CA TRP B 322 0.56 -23.45 20.65
C TRP B 322 0.78 -24.46 21.80
N ARG B 323 0.98 -23.97 23.03
CA ARG B 323 1.20 -24.83 24.18
C ARG B 323 -0.07 -25.59 24.55
N THR B 324 -1.22 -24.90 24.40
CA THR B 324 -2.49 -25.35 24.98
C THR B 324 -3.50 -25.75 23.91
N MET B 325 -3.19 -25.56 22.62
CA MET B 325 -4.15 -25.89 21.57
C MET B 325 -4.37 -27.41 21.50
N PRO B 326 -5.57 -27.90 21.10
CA PRO B 326 -5.81 -29.34 21.05
C PRO B 326 -4.94 -30.12 20.07
N HIS B 327 -4.61 -31.37 20.41
CA HIS B 327 -4.13 -32.31 19.40
C HIS B 327 -2.75 -31.93 18.86
N HIS B 328 -1.85 -31.40 19.72
CA HIS B 328 -0.51 -31.10 19.25
C HIS B 328 0.49 -32.11 19.80
N GLY B 329 1.61 -32.27 19.10
CA GLY B 329 2.76 -32.99 19.62
C GLY B 329 4.04 -32.15 19.55
N MET B 330 3.98 -30.90 20.04
CA MET B 330 5.06 -29.93 19.98
C MET B 330 6.27 -30.37 20.79
N THR B 331 7.46 -29.92 20.37
CA THR B 331 8.62 -29.85 21.24
C THR B 331 9.13 -28.41 21.15
N PRO B 332 9.97 -27.98 22.12
CA PRO B 332 10.75 -26.75 21.97
C PRO B 332 11.65 -26.97 20.77
N HIS B 333 12.46 -25.98 20.41
CA HIS B 333 13.26 -26.04 19.20
C HIS B 333 14.50 -26.90 19.44
N ILE B 334 14.37 -28.20 19.19
CA ILE B 334 15.42 -29.08 19.64
C ILE B 334 15.96 -29.96 18.52
N SER B 335 15.21 -30.19 17.42
CA SER B 335 15.54 -31.32 16.57
C SER B 335 16.94 -31.14 15.98
N GLY B 336 17.28 -29.89 15.65
CA GLY B 336 18.60 -29.66 15.06
C GLY B 336 19.72 -29.52 16.09
N THR B 337 19.39 -29.71 17.38
CA THR B 337 20.43 -29.64 18.41
C THR B 337 20.48 -30.91 19.25
N SER B 338 20.22 -32.09 18.64
CA SER B 338 20.55 -33.34 19.32
C SER B 338 22.05 -33.32 19.60
N LEU B 339 22.52 -34.18 20.49
CA LEU B 339 23.94 -34.14 20.85
C LEU B 339 24.74 -34.51 19.60
N SER B 340 24.15 -35.40 18.79
CA SER B 340 24.78 -35.89 17.55
C SER B 340 25.02 -34.72 16.60
N ALA B 341 24.00 -33.86 16.43
CA ALA B 341 24.07 -32.74 15.52
C ALA B 341 25.04 -31.68 16.03
N GLN B 342 24.94 -31.35 17.33
CA GLN B 342 25.87 -30.40 17.93
C GLN B 342 27.32 -30.77 17.59
N ALA B 343 27.69 -32.05 17.73
CA ALA B 343 29.04 -32.44 17.37
C ALA B 343 29.41 -31.97 15.96
N ARG B 344 28.49 -32.11 14.99
CA ARG B 344 28.78 -31.67 13.64
C ARG B 344 28.82 -30.14 13.51
N TYR B 345 27.80 -29.44 14.01
CA TYR B 345 27.86 -28.01 13.79
C TYR B 345 28.90 -27.31 14.65
N ALA B 346 29.26 -27.90 15.79
CA ALA B 346 30.36 -27.31 16.54
C ALA B 346 31.68 -27.46 15.75
N ALA B 347 31.86 -28.64 15.14
CA ALA B 347 33.05 -28.91 14.36
C ALA B 347 33.06 -28.01 13.13
N GLY B 348 31.87 -27.76 12.56
CA GLY B 348 31.73 -26.85 11.43
C GLY B 348 32.05 -25.41 11.81
N THR B 349 31.55 -24.97 12.98
CA THR B 349 31.85 -23.62 13.45
C THR B 349 33.37 -23.41 13.53
N ARG B 350 34.09 -24.36 14.14
CA ARG B 350 35.52 -24.25 14.26
C ARG B 350 36.19 -24.21 12.88
N GLU B 351 35.74 -25.09 11.97
CA GLU B 351 36.29 -25.17 10.62
C GLU B 351 36.21 -23.78 9.97
N ILE B 352 35.05 -23.12 10.12
CA ILE B 352 34.83 -21.81 9.55
C ILE B 352 35.80 -20.81 10.18
N LEU B 353 35.92 -20.85 11.51
CA LEU B 353 36.74 -19.90 12.25
C LEU B 353 38.20 -20.08 11.82
N GLU B 354 38.60 -21.35 11.63
CA GLU B 354 39.95 -21.64 11.20
C GLU B 354 40.22 -21.02 9.82
N CYS B 355 39.28 -21.18 8.88
CA CYS B 355 39.42 -20.60 7.57
C CYS B 355 39.53 -19.07 7.69
N TRP B 356 38.64 -18.47 8.51
CA TRP B 356 38.63 -17.04 8.72
C TRP B 356 39.99 -16.57 9.22
N PHE B 357 40.54 -17.22 10.26
CA PHE B 357 41.71 -16.69 10.91
C PHE B 357 42.97 -16.98 10.11
N GLU B 358 42.88 -17.94 9.18
CA GLU B 358 44.04 -18.36 8.43
C GLU B 358 43.98 -17.73 7.05
N GLU B 359 42.90 -16.99 6.78
CA GLU B 359 42.61 -16.34 5.51
C GLU B 359 42.57 -17.37 4.39
N ARG B 360 42.00 -18.55 4.65
CA ARG B 360 41.68 -19.47 3.58
C ARG B 360 40.20 -19.29 3.30
N PRO B 361 39.68 -19.66 2.10
CA PRO B 361 38.25 -19.46 1.80
C PRO B 361 37.40 -20.40 2.66
N ILE B 362 36.25 -19.90 3.10
CA ILE B 362 35.23 -20.70 3.77
C ILE B 362 34.52 -21.53 2.69
N ARG B 363 34.08 -22.74 3.06
CA ARG B 363 33.44 -23.63 2.10
C ARG B 363 32.32 -22.89 1.36
N GLU B 364 32.31 -23.06 0.04
CA GLU B 364 31.25 -22.46 -0.76
C GLU B 364 29.88 -22.84 -0.22
N GLU B 365 29.70 -24.11 0.21
CA GLU B 365 28.38 -24.56 0.62
C GLU B 365 27.96 -23.96 1.97
N TYR B 366 28.93 -23.39 2.71
CA TYR B 366 28.60 -22.75 3.99
C TYR B 366 28.22 -21.29 3.80
N LEU B 367 28.55 -20.71 2.64
CA LEU B 367 28.45 -19.26 2.49
C LEU B 367 27.02 -18.82 2.16
N ILE B 368 26.46 -17.92 2.97
CA ILE B 368 25.19 -17.27 2.66
C ILE B 368 25.50 -15.91 2.03
N VAL B 369 26.36 -15.11 2.67
CA VAL B 369 26.92 -13.94 2.00
C VAL B 369 28.43 -13.88 2.21
N ASP B 370 29.14 -13.62 1.10
CA ASP B 370 30.59 -13.55 1.11
C ASP B 370 30.95 -12.08 0.93
N GLY B 371 31.33 -11.43 2.04
CA GLY B 371 31.37 -9.98 2.13
C GLY B 371 32.79 -9.46 2.26
N ALA C 2 -18.84 -20.09 -31.22
CA ALA C 2 -17.69 -20.15 -30.27
C ALA C 2 -17.49 -18.77 -29.62
N LYS C 3 -16.74 -18.74 -28.52
CA LYS C 3 -16.45 -17.51 -27.78
C LYS C 3 -15.03 -17.05 -28.09
N ILE C 4 -14.91 -15.78 -28.52
CA ILE C 4 -13.60 -15.16 -28.72
C ILE C 4 -13.37 -14.18 -27.57
N LEU C 5 -12.26 -14.38 -26.85
CA LEU C 5 -11.93 -13.53 -25.73
C LEU C 5 -10.75 -12.65 -26.15
N CYS C 6 -10.99 -11.33 -26.24
CA CYS C 6 -10.04 -10.40 -26.86
C CYS C 6 -9.60 -9.34 -25.85
N VAL C 7 -8.33 -9.41 -25.41
CA VAL C 7 -7.82 -8.47 -24.43
C VAL C 7 -7.17 -7.31 -25.19
N LEU C 8 -7.65 -6.10 -24.94
CA LEU C 8 -7.10 -4.90 -25.59
C LEU C 8 -6.78 -3.86 -24.50
N TYR C 9 -5.91 -2.89 -24.82
CA TYR C 9 -5.62 -1.82 -23.86
C TYR C 9 -6.77 -0.81 -23.83
N ASP C 10 -6.88 -0.03 -22.73
CA ASP C 10 -7.98 0.90 -22.54
C ASP C 10 -7.95 2.02 -23.59
N ASP C 11 -9.11 2.66 -23.78
CA ASP C 11 -9.22 3.82 -24.65
C ASP C 11 -8.34 4.91 -24.06
N PRO C 12 -8.02 5.97 -24.84
CA PRO C 12 -7.31 7.11 -24.27
C PRO C 12 -8.15 7.66 -23.12
N ILE C 13 -7.47 8.25 -22.14
CA ILE C 13 -8.18 8.73 -20.96
C ILE C 13 -9.03 9.95 -21.29
N THR C 14 -8.75 10.60 -22.41
CA THR C 14 -9.57 11.69 -22.94
C THR C 14 -10.70 11.14 -23.82
N GLY C 15 -10.92 9.81 -23.86
CA GLY C 15 -11.99 9.27 -24.67
C GLY C 15 -11.48 8.66 -25.98
N TYR C 16 -12.25 7.72 -26.52
CA TYR C 16 -11.98 7.20 -27.86
C TYR C 16 -11.97 8.37 -28.84
N PRO C 17 -10.97 8.49 -29.74
CA PRO C 17 -10.86 9.69 -30.57
C PRO C 17 -11.98 9.79 -31.60
N LYS C 18 -12.46 11.04 -31.79
CA LYS C 18 -13.49 11.33 -32.78
C LYS C 18 -12.87 11.74 -34.10
N SER C 19 -11.61 12.21 -34.09
CA SER C 19 -10.91 12.52 -35.33
C SER C 19 -9.41 12.32 -35.09
N TYR C 20 -8.63 12.37 -36.17
CA TYR C 20 -7.21 12.06 -36.14
C TYR C 20 -6.43 13.26 -36.66
N ALA C 21 -5.13 13.30 -36.38
CA ALA C 21 -4.26 14.38 -36.81
C ALA C 21 -4.15 14.46 -38.34
N ARG C 22 -4.29 13.33 -39.01
CA ARG C 22 -4.03 13.20 -40.45
C ARG C 22 -5.26 12.54 -41.09
N ALA C 23 -5.31 12.46 -42.43
CA ALA C 23 -6.51 12.07 -43.16
C ALA C 23 -6.54 10.56 -43.43
N ASP C 24 -5.34 9.97 -43.58
CA ASP C 24 -5.22 8.58 -43.97
C ASP C 24 -3.79 8.16 -43.66
N VAL C 25 -3.46 6.92 -44.01
CA VAL C 25 -2.11 6.39 -43.89
C VAL C 25 -1.71 5.87 -45.26
N PRO C 26 -0.40 5.87 -45.56
CA PRO C 26 0.07 5.41 -46.86
C PRO C 26 -0.40 3.97 -47.14
N LYS C 27 -0.62 3.65 -48.43
CA LYS C 27 -0.92 2.30 -48.83
C LYS C 27 0.42 1.60 -49.10
N ILE C 28 0.66 0.44 -48.47
CA ILE C 28 1.86 -0.28 -48.90
C ILE C 28 1.49 -1.69 -49.36
N ASP C 29 1.83 -1.97 -50.62
CA ASP C 29 1.53 -3.24 -51.28
C ASP C 29 1.99 -4.44 -50.43
N HIS C 30 3.25 -4.46 -50.04
CA HIS C 30 3.84 -5.67 -49.47
C HIS C 30 5.03 -5.28 -48.63
N TYR C 31 5.69 -6.26 -48.03
CA TYR C 31 6.83 -6.00 -47.16
C TYR C 31 8.14 -6.27 -47.91
N PRO C 32 9.28 -5.64 -47.49
CA PRO C 32 10.59 -5.90 -48.10
C PRO C 32 10.91 -7.40 -48.13
N GLY C 33 11.31 -7.88 -49.31
CA GLY C 33 11.50 -9.32 -49.40
C GLY C 33 10.32 -10.04 -50.06
N GLY C 34 9.14 -9.41 -50.09
CA GLY C 34 8.09 -9.97 -50.91
C GLY C 34 6.86 -10.50 -50.18
N GLN C 35 6.90 -10.74 -48.85
CA GLN C 35 5.69 -11.16 -48.14
C GLN C 35 4.54 -10.18 -48.41
N THR C 36 3.38 -10.74 -48.76
CA THR C 36 2.18 -9.94 -49.05
C THR C 36 1.62 -9.38 -47.75
N ALA C 37 1.03 -8.19 -47.85
CA ALA C 37 0.26 -7.64 -46.75
C ALA C 37 -0.89 -8.60 -46.42
N PRO C 38 -1.49 -8.49 -45.20
CA PRO C 38 -2.56 -9.40 -44.80
C PRO C 38 -3.68 -9.43 -45.83
N THR C 39 -4.35 -10.59 -45.94
CA THR C 39 -5.40 -10.76 -46.94
C THR C 39 -6.71 -11.20 -46.30
N PRO C 40 -7.32 -10.44 -45.37
CA PRO C 40 -8.65 -10.82 -44.87
C PRO C 40 -9.59 -10.57 -46.07
N LYS C 41 -10.79 -11.17 -46.07
CA LYS C 41 -11.69 -11.00 -47.21
C LYS C 41 -12.22 -9.56 -47.25
N GLN C 42 -12.40 -8.98 -46.07
CA GLN C 42 -12.87 -7.61 -45.92
C GLN C 42 -12.26 -7.11 -44.64
N ILE C 43 -12.19 -5.78 -44.47
CA ILE C 43 -11.93 -5.19 -43.15
C ILE C 43 -13.07 -4.25 -42.80
N ASP C 44 -13.38 -4.15 -41.50
CA ASP C 44 -14.48 -3.31 -41.06
C ASP C 44 -13.92 -2.05 -40.38
N PHE C 45 -12.90 -1.42 -40.98
CA PHE C 45 -12.28 -0.22 -40.43
C PHE C 45 -11.55 0.46 -41.58
N THR C 46 -11.16 1.73 -41.40
CA THR C 46 -10.33 2.45 -42.34
C THR C 46 -8.91 2.51 -41.76
N PRO C 47 -7.84 2.07 -42.47
CA PRO C 47 -6.48 2.12 -41.93
C PRO C 47 -6.18 3.51 -41.37
N GLY C 48 -5.70 3.56 -40.12
CA GLY C 48 -5.40 4.82 -39.46
C GLY C 48 -6.30 5.05 -38.25
N GLU C 49 -7.41 4.32 -38.14
CA GLU C 49 -8.24 4.37 -36.95
C GLU C 49 -7.55 3.65 -35.78
N LEU C 50 -7.94 4.02 -34.55
CA LEU C 50 -7.43 3.34 -33.37
C LEU C 50 -8.20 2.04 -33.17
N LEU C 51 -7.48 0.92 -33.36
CA LEU C 51 -8.06 -0.41 -33.40
C LEU C 51 -7.70 -1.22 -32.17
N GLY C 52 -6.54 -0.92 -31.54
CA GLY C 52 -6.02 -1.79 -30.51
C GLY C 52 -6.55 -1.50 -29.09
N SER C 53 -7.42 -0.49 -28.94
CA SER C 53 -7.99 -0.19 -27.63
C SER C 53 -9.39 -0.84 -27.53
N VAL C 54 -10.00 -0.80 -26.35
CA VAL C 54 -11.24 -1.52 -26.12
C VAL C 54 -12.38 -1.09 -27.06
N SER C 55 -12.51 0.21 -27.37
CA SER C 55 -13.58 0.61 -28.26
C SER C 55 -13.26 0.25 -29.70
N GLY C 56 -11.96 0.13 -30.01
CA GLY C 56 -11.54 -0.23 -31.37
C GLY C 56 -11.88 -1.68 -31.76
N GLU C 57 -11.64 -2.63 -30.81
CA GLU C 57 -12.03 -4.05 -30.93
C GLU C 57 -11.32 -4.77 -32.08
N LEU C 58 -10.21 -4.21 -32.58
CA LEU C 58 -9.54 -4.72 -33.77
C LEU C 58 -10.46 -4.81 -35.00
N GLY C 59 -11.58 -4.09 -34.96
CA GLY C 59 -12.57 -4.12 -36.04
C GLY C 59 -13.23 -5.49 -36.23
N LEU C 60 -13.35 -6.30 -35.16
CA LEU C 60 -13.76 -7.69 -35.36
C LEU C 60 -15.25 -7.96 -35.06
N ARG C 61 -15.99 -7.01 -34.46
CA ARG C 61 -17.24 -7.41 -33.83
C ARG C 61 -18.30 -7.81 -34.86
N LYS C 62 -18.51 -6.95 -35.87
CA LYS C 62 -19.54 -7.22 -36.85
C LYS C 62 -19.29 -8.57 -37.51
N TYR C 63 -18.03 -8.79 -37.91
CA TYR C 63 -17.62 -10.07 -38.48
C TYR C 63 -17.99 -11.24 -37.57
N LEU C 64 -17.53 -11.21 -36.30
CA LEU C 64 -17.63 -12.38 -35.45
C LEU C 64 -19.09 -12.63 -35.07
N GLU C 65 -19.80 -11.54 -34.70
CA GLU C 65 -21.18 -11.67 -34.30
C GLU C 65 -22.01 -12.14 -35.48
N GLY C 66 -21.67 -11.67 -36.70
CA GLY C 66 -22.33 -12.04 -37.95
C GLY C 66 -22.34 -13.54 -38.19
N LEU C 67 -21.31 -14.23 -37.68
CA LEU C 67 -21.14 -15.67 -37.81
C LEU C 67 -21.82 -16.41 -36.66
N GLY C 68 -22.41 -15.67 -35.71
CA GLY C 68 -23.04 -16.33 -34.57
C GLY C 68 -22.10 -16.54 -33.40
N HIS C 69 -20.89 -15.95 -33.47
CA HIS C 69 -19.95 -16.16 -32.37
C HIS C 69 -20.11 -15.03 -31.37
N THR C 70 -19.61 -15.26 -30.16
CA THR C 70 -19.64 -14.21 -29.16
C THR C 70 -18.25 -13.63 -28.97
N LEU C 71 -18.14 -12.29 -28.97
CA LEU C 71 -16.87 -11.61 -28.77
C LEU C 71 -16.95 -10.85 -27.44
N VAL C 72 -16.02 -11.18 -26.53
CA VAL C 72 -15.83 -10.49 -25.26
C VAL C 72 -14.53 -9.71 -25.37
N VAL C 73 -14.60 -8.37 -25.25
CA VAL C 73 -13.42 -7.52 -25.29
C VAL C 73 -13.25 -6.93 -23.89
N THR C 74 -12.04 -6.97 -23.32
CA THR C 74 -11.78 -6.39 -22.00
C THR C 74 -10.33 -5.93 -21.93
N SER C 75 -10.05 -4.93 -21.08
CA SER C 75 -8.70 -4.56 -20.72
C SER C 75 -8.29 -5.22 -19.39
N ASP C 76 -9.28 -5.86 -18.74
CA ASP C 76 -9.10 -6.30 -17.37
C ASP C 76 -8.47 -7.69 -17.40
N LYS C 77 -7.15 -7.74 -17.23
CA LYS C 77 -6.43 -8.96 -17.58
C LYS C 77 -5.61 -9.52 -16.42
N GLU C 78 -5.56 -8.84 -15.28
CA GLU C 78 -4.57 -9.26 -14.29
C GLU C 78 -5.25 -9.91 -13.10
N GLY C 79 -4.67 -11.04 -12.67
CA GLY C 79 -5.19 -11.68 -11.47
C GLY C 79 -6.34 -12.65 -11.74
N GLU C 80 -6.77 -13.31 -10.67
CA GLU C 80 -7.79 -14.34 -10.71
C GLU C 80 -9.19 -13.75 -10.77
N ASP C 81 -9.33 -12.48 -10.38
CA ASP C 81 -10.65 -11.86 -10.26
C ASP C 81 -11.05 -11.11 -11.54
N SER C 82 -10.14 -11.04 -12.52
CA SER C 82 -10.29 -10.23 -13.72
C SER C 82 -11.34 -10.78 -14.68
N VAL C 83 -11.91 -9.89 -15.49
CA VAL C 83 -12.81 -10.33 -16.54
C VAL C 83 -12.11 -11.42 -17.36
N PHE C 84 -10.84 -11.21 -17.71
CA PHE C 84 -10.11 -12.15 -18.55
C PHE C 84 -10.12 -13.56 -17.94
N GLU C 85 -9.76 -13.65 -16.65
CA GLU C 85 -9.61 -14.94 -16.01
C GLU C 85 -11.00 -15.59 -15.85
N ARG C 86 -12.03 -14.77 -15.63
CA ARG C 86 -13.37 -15.29 -15.45
C ARG C 86 -13.93 -15.82 -16.78
N GLU C 87 -13.60 -15.18 -17.91
CA GLU C 87 -14.15 -15.56 -19.21
C GLU C 87 -13.34 -16.67 -19.89
N LEU C 88 -12.09 -16.87 -19.45
CA LEU C 88 -11.14 -17.77 -20.11
C LEU C 88 -11.62 -19.22 -20.24
N PRO C 89 -12.22 -19.87 -19.20
CA PRO C 89 -12.54 -21.31 -19.28
C PRO C 89 -13.46 -21.69 -20.44
N ASP C 90 -14.15 -20.68 -21.01
CA ASP C 90 -15.21 -20.75 -22.01
C ASP C 90 -14.70 -20.35 -23.40
N ALA C 91 -13.49 -19.78 -23.48
CA ALA C 91 -13.01 -19.20 -24.74
C ALA C 91 -12.41 -20.26 -25.70
N GLU C 92 -12.86 -20.27 -26.96
CA GLU C 92 -12.22 -21.15 -27.93
C GLU C 92 -10.97 -20.47 -28.49
N ILE C 93 -11.02 -19.14 -28.56
CA ILE C 93 -9.90 -18.39 -29.10
C ILE C 93 -9.57 -17.29 -28.12
N VAL C 94 -8.27 -17.09 -27.88
CA VAL C 94 -7.81 -15.91 -27.14
C VAL C 94 -6.97 -15.04 -28.08
N ILE C 95 -7.23 -13.72 -28.07
CA ILE C 95 -6.44 -12.76 -28.80
C ILE C 95 -5.94 -11.73 -27.80
N SER C 96 -4.65 -11.40 -27.87
CA SER C 96 -4.23 -10.18 -27.22
C SER C 96 -3.02 -9.63 -27.95
N GLN C 97 -2.63 -8.39 -27.59
CA GLN C 97 -1.48 -7.72 -28.16
C GLN C 97 -0.32 -7.72 -27.16
N PRO C 98 0.92 -7.82 -27.63
CA PRO C 98 2.07 -7.73 -26.73
C PRO C 98 2.10 -6.47 -25.87
N PHE C 99 1.52 -5.36 -26.38
CA PHE C 99 1.56 -4.06 -25.70
C PHE C 99 0.77 -4.08 -24.39
N TRP C 100 -0.21 -4.99 -24.33
CA TRP C 100 -1.09 -5.16 -23.19
C TRP C 100 -1.44 -6.65 -23.13
N PRO C 101 -0.47 -7.53 -22.78
CA PRO C 101 -0.57 -8.95 -23.11
C PRO C 101 -1.36 -9.73 -22.05
N ALA C 102 -2.29 -10.55 -22.52
CA ALA C 102 -2.95 -11.56 -21.71
C ALA C 102 -2.04 -12.78 -21.61
N TYR C 103 -1.33 -12.93 -20.49
CA TYR C 103 -0.31 -13.96 -20.30
C TYR C 103 -1.01 -15.31 -20.19
N LEU C 104 -0.61 -16.26 -21.03
CA LEU C 104 -1.16 -17.60 -20.96
C LEU C 104 -0.13 -18.50 -20.27
N THR C 105 -0.09 -18.39 -18.94
CA THR C 105 0.76 -19.19 -18.09
C THR C 105 0.24 -20.64 -18.12
N PRO C 106 1.04 -21.63 -17.66
CA PRO C 106 0.57 -23.02 -17.59
C PRO C 106 -0.73 -23.15 -16.80
N GLU C 107 -0.83 -22.40 -15.69
CA GLU C 107 -1.98 -22.47 -14.81
C GLU C 107 -3.23 -21.97 -15.55
N ARG C 108 -3.11 -20.89 -16.33
CA ARG C 108 -4.25 -20.35 -17.07
C ARG C 108 -4.65 -21.29 -18.20
N ILE C 109 -3.66 -21.82 -18.92
CA ILE C 109 -3.95 -22.76 -20.02
C ILE C 109 -4.73 -23.97 -19.49
N ALA C 110 -4.40 -24.45 -18.29
CA ALA C 110 -5.05 -25.60 -17.69
C ALA C 110 -6.52 -25.29 -17.41
N LYS C 111 -6.81 -24.03 -17.05
CA LYS C 111 -8.17 -23.59 -16.76
C LYS C 111 -8.96 -23.35 -18.05
N ALA C 112 -8.25 -23.18 -19.18
CA ALA C 112 -8.83 -22.75 -20.43
C ALA C 112 -9.30 -23.98 -21.20
N LYS C 113 -10.42 -24.54 -20.75
CA LYS C 113 -10.91 -25.85 -21.19
C LYS C 113 -11.21 -25.89 -22.68
N LYS C 114 -11.66 -24.78 -23.26
CA LYS C 114 -12.13 -24.80 -24.64
C LYS C 114 -11.09 -24.25 -25.62
N LEU C 115 -9.94 -23.80 -25.10
CA LEU C 115 -8.99 -22.99 -25.88
C LEU C 115 -8.37 -23.86 -26.95
N LYS C 116 -8.36 -23.36 -28.20
CA LYS C 116 -7.85 -24.10 -29.35
C LYS C 116 -6.88 -23.24 -30.16
N LEU C 117 -7.05 -21.91 -30.10
CA LEU C 117 -6.25 -20.96 -30.88
C LEU C 117 -5.88 -19.78 -29.99
N ALA C 118 -4.59 -19.46 -29.91
CA ALA C 118 -4.10 -18.24 -29.28
C ALA C 118 -3.50 -17.34 -30.36
N VAL C 119 -4.08 -16.15 -30.57
CA VAL C 119 -3.63 -15.24 -31.60
C VAL C 119 -2.84 -14.10 -30.96
N THR C 120 -1.63 -13.85 -31.46
CA THR C 120 -0.92 -12.62 -31.06
C THR C 120 -1.19 -11.54 -32.09
N ALA C 121 -1.87 -10.46 -31.66
CA ALA C 121 -2.19 -9.34 -32.52
C ALA C 121 -1.00 -8.39 -32.51
N GLY C 122 -0.02 -8.68 -33.40
CA GLY C 122 1.33 -8.18 -33.29
C GLY C 122 2.32 -9.29 -33.60
N ILE C 123 3.52 -9.20 -33.00
CA ILE C 123 4.59 -10.14 -33.26
C ILE C 123 5.27 -10.41 -31.94
N GLY C 124 5.56 -11.70 -31.66
CA GLY C 124 6.25 -12.13 -30.46
C GLY C 124 5.26 -12.80 -29.50
N SER C 125 5.40 -14.11 -29.30
CA SER C 125 4.38 -14.88 -28.60
C SER C 125 4.85 -15.42 -27.24
N ASP C 126 5.90 -14.79 -26.71
CA ASP C 126 6.54 -15.16 -25.46
C ASP C 126 5.62 -14.99 -24.24
N HIS C 127 4.51 -14.27 -24.38
CA HIS C 127 3.53 -14.16 -23.29
C HIS C 127 2.66 -15.40 -23.20
N VAL C 128 2.83 -16.33 -24.16
CA VAL C 128 2.20 -17.64 -24.17
C VAL C 128 3.23 -18.71 -23.82
N ASP C 129 2.91 -19.57 -22.83
CA ASP C 129 3.77 -20.71 -22.50
C ASP C 129 3.61 -21.78 -23.58
N LEU C 130 4.65 -21.93 -24.42
CA LEU C 130 4.47 -22.72 -25.63
C LEU C 130 4.39 -24.21 -25.29
N GLU C 131 5.06 -24.64 -24.20
CA GLU C 131 5.05 -26.03 -23.79
C GLU C 131 3.63 -26.43 -23.36
N ALA C 132 3.02 -25.62 -22.50
CA ALA C 132 1.64 -25.79 -22.07
C ALA C 132 0.71 -25.75 -23.27
N ALA C 133 0.99 -24.88 -24.25
CA ALA C 133 0.17 -24.79 -25.45
C ALA C 133 0.27 -26.08 -26.26
N ILE C 134 1.49 -26.57 -26.51
CA ILE C 134 1.69 -27.81 -27.27
C ILE C 134 1.00 -28.99 -26.56
N LYS C 135 1.18 -29.05 -25.24
CA LYS C 135 0.63 -30.07 -24.38
C LYS C 135 -0.89 -30.17 -24.57
N ASN C 136 -1.56 -29.04 -24.78
CA ASN C 136 -3.02 -29.01 -24.84
C ASN C 136 -3.52 -28.94 -26.28
N GLY C 137 -2.63 -29.00 -27.26
CA GLY C 137 -3.03 -29.03 -28.67
C GLY C 137 -3.46 -27.65 -29.21
N ILE C 138 -3.03 -26.57 -28.55
CA ILE C 138 -3.42 -25.20 -28.90
C ILE C 138 -2.52 -24.71 -30.05
N THR C 139 -3.13 -24.13 -31.09
CA THR C 139 -2.39 -23.48 -32.17
C THR C 139 -2.03 -22.06 -31.73
N VAL C 140 -0.81 -21.62 -32.01
CA VAL C 140 -0.39 -20.27 -31.69
C VAL C 140 0.02 -19.57 -32.98
N ALA C 141 -0.58 -18.41 -33.28
CA ALA C 141 -0.22 -17.66 -34.48
C ALA C 141 0.01 -16.19 -34.13
N GLU C 142 0.77 -15.50 -34.99
CA GLU C 142 1.05 -14.08 -34.85
C GLU C 142 1.16 -13.44 -36.23
N VAL C 143 1.05 -12.10 -36.30
CA VAL C 143 0.96 -11.44 -37.60
C VAL C 143 2.36 -11.00 -38.07
N THR C 144 3.14 -12.00 -38.51
CA THR C 144 4.53 -11.87 -38.92
C THR C 144 4.66 -10.66 -39.85
N TYR C 145 5.68 -9.82 -39.57
CA TYR C 145 6.07 -8.67 -40.37
C TYR C 145 5.14 -7.49 -40.18
N SER C 146 3.98 -7.64 -39.52
CA SER C 146 2.98 -6.57 -39.46
C SER C 146 3.52 -5.24 -38.92
N ASN C 147 4.55 -5.28 -38.05
CA ASN C 147 5.00 -4.03 -37.43
C ASN C 147 6.53 -4.04 -37.33
N SER C 148 7.14 -4.90 -38.15
CA SER C 148 8.58 -5.04 -38.16
C SER C 148 9.24 -3.72 -38.50
N ILE C 149 8.73 -3.09 -39.56
CA ILE C 149 9.30 -1.85 -40.10
C ILE C 149 9.07 -0.73 -39.09
N SER C 150 7.85 -0.72 -38.50
CA SER C 150 7.48 0.24 -37.46
C SER C 150 8.55 0.21 -36.36
N VAL C 151 8.93 -0.97 -35.88
CA VAL C 151 9.93 -1.06 -34.83
C VAL C 151 11.25 -0.49 -35.32
N SER C 152 11.58 -0.80 -36.58
CA SER C 152 12.88 -0.38 -37.10
C SER C 152 13.00 1.14 -37.06
N GLU C 153 11.90 1.85 -37.30
CA GLU C 153 11.90 3.31 -37.20
C GLU C 153 12.17 3.77 -35.77
N HIS C 154 11.46 3.15 -34.82
CA HIS C 154 11.55 3.44 -33.40
C HIS C 154 12.99 3.30 -32.95
N VAL C 155 13.66 2.24 -33.45
CA VAL C 155 15.05 1.95 -33.10
C VAL C 155 15.99 3.10 -33.51
N VAL C 156 15.91 3.51 -34.78
CA VAL C 156 16.80 4.58 -35.24
C VAL C 156 16.52 5.85 -34.46
N MET C 157 15.23 6.15 -34.27
CA MET C 157 14.79 7.29 -33.47
C MET C 157 15.48 7.25 -32.09
N MET C 158 15.44 6.10 -31.38
CA MET C 158 15.99 6.03 -30.05
C MET C 158 17.52 6.12 -30.04
N ILE C 159 18.19 5.40 -30.96
CA ILE C 159 19.64 5.55 -31.12
C ILE C 159 20.00 7.04 -31.20
N LEU C 160 19.43 7.76 -32.18
CA LEU C 160 19.73 9.17 -32.38
C LEU C 160 19.42 9.99 -31.12
N SER C 161 18.26 9.71 -30.49
CA SER C 161 17.90 10.46 -29.28
C SER C 161 18.88 10.23 -28.13
N LEU C 162 19.37 8.99 -27.96
CA LEU C 162 20.31 8.70 -26.89
C LEU C 162 21.65 9.38 -27.18
N VAL C 163 22.17 9.16 -28.40
CA VAL C 163 23.48 9.67 -28.72
C VAL C 163 23.49 11.21 -28.69
N ARG C 164 22.50 11.86 -29.33
CA ARG C 164 22.47 13.32 -29.44
C ARG C 164 21.89 14.03 -28.20
N ASN C 165 21.27 13.30 -27.28
CA ASN C 165 20.84 13.80 -25.95
C ASN C 165 19.58 14.63 -26.14
N TYR C 166 18.59 14.08 -26.84
CA TYR C 166 17.44 14.84 -27.32
C TYR C 166 16.56 15.19 -26.12
N ILE C 167 16.25 14.20 -25.30
CA ILE C 167 15.15 14.43 -24.38
C ILE C 167 15.48 15.46 -23.31
N PRO C 168 16.66 15.43 -22.65
CA PRO C 168 17.01 16.51 -21.69
C PRO C 168 17.05 17.90 -22.31
N SER C 169 17.39 17.96 -23.60
CA SER C 169 17.42 19.21 -24.34
C SER C 169 16.01 19.78 -24.49
N TYR C 170 15.08 18.90 -24.92
CA TYR C 170 13.66 19.25 -24.96
C TYR C 170 13.24 19.76 -23.58
N GLN C 171 13.67 19.07 -22.51
CA GLN C 171 13.22 19.45 -21.17
C GLN C 171 13.68 20.86 -20.81
N TRP C 172 14.92 21.21 -21.19
CA TRP C 172 15.38 22.57 -20.97
C TRP C 172 14.45 23.57 -21.65
N VAL C 173 13.85 23.22 -22.81
CA VAL C 173 12.94 24.11 -23.53
C VAL C 173 11.73 24.38 -22.64
N ILE C 174 11.15 23.28 -22.12
CA ILE C 174 9.91 23.36 -21.35
C ILE C 174 10.14 24.08 -20.02
N LYS C 175 11.32 23.89 -19.43
CA LYS C 175 11.69 24.47 -18.15
C LYS C 175 11.98 25.96 -18.26
N GLY C 176 11.96 26.53 -19.47
CA GLY C 176 12.23 27.94 -19.66
C GLY C 176 13.71 28.27 -19.86
N GLY C 177 14.55 27.25 -20.08
CA GLY C 177 15.99 27.43 -20.17
C GLY C 177 16.45 27.61 -21.61
N TRP C 178 17.78 27.61 -21.76
CA TRP C 178 18.53 27.62 -23.00
C TRP C 178 19.67 26.60 -22.84
N ASN C 179 20.65 26.93 -21.98
CA ASN C 179 21.49 25.94 -21.34
C ASN C 179 22.21 25.07 -22.36
N ILE C 180 22.77 25.69 -23.41
CA ILE C 180 23.45 24.92 -24.45
C ILE C 180 24.45 23.93 -23.85
N ALA C 181 25.32 24.38 -22.93
CA ALA C 181 26.41 23.50 -22.50
C ALA C 181 25.86 22.33 -21.68
N ASP C 182 24.76 22.55 -20.98
CA ASP C 182 24.13 21.45 -20.27
C ASP C 182 23.62 20.40 -21.26
N CYS C 183 23.09 20.87 -22.39
CA CYS C 183 22.56 19.99 -23.43
C CYS C 183 23.67 19.15 -24.06
N VAL C 184 24.81 19.81 -24.39
CA VAL C 184 25.72 19.17 -25.32
C VAL C 184 26.91 18.53 -24.63
N GLU C 185 27.06 18.74 -23.30
CA GLU C 185 28.10 18.00 -22.59
C GLU C 185 27.90 16.48 -22.66
N ARG C 186 26.73 16.05 -23.17
CA ARG C 186 26.48 14.63 -23.39
C ARG C 186 25.96 14.40 -24.81
N SER C 187 26.23 15.35 -25.72
CA SER C 187 25.65 15.29 -27.06
C SER C 187 26.72 14.91 -28.10
N TYR C 188 26.50 13.80 -28.84
CA TYR C 188 27.45 13.33 -29.85
C TYR C 188 26.76 13.14 -31.20
N ASP C 189 27.54 13.18 -32.29
CA ASP C 189 27.04 12.64 -33.55
C ASP C 189 27.06 11.10 -33.54
N LEU C 190 26.14 10.48 -34.30
CA LEU C 190 26.17 9.04 -34.55
C LEU C 190 27.20 8.66 -35.63
N GLU C 191 27.41 9.56 -36.59
CA GLU C 191 28.31 9.35 -37.73
C GLU C 191 29.58 8.62 -37.30
N ALA C 192 29.86 7.49 -38.00
CA ALA C 192 31.08 6.72 -37.89
C ALA C 192 31.22 5.96 -36.57
N MET C 193 30.15 5.95 -35.74
CA MET C 193 30.18 5.08 -34.58
C MET C 193 30.03 3.63 -35.06
N HIS C 194 30.51 2.71 -34.23
CA HIS C 194 30.25 1.29 -34.45
C HIS C 194 28.89 0.93 -33.85
N VAL C 195 27.98 0.44 -34.71
CA VAL C 195 26.64 0.04 -34.27
C VAL C 195 26.43 -1.42 -34.63
N GLY C 196 26.01 -2.24 -33.66
CA GLY C 196 25.77 -3.65 -33.92
C GLY C 196 24.32 -4.01 -33.60
N THR C 197 23.76 -4.97 -34.35
CA THR C 197 22.42 -5.46 -34.03
C THR C 197 22.52 -6.90 -33.57
N VAL C 198 21.77 -7.23 -32.50
CA VAL C 198 21.48 -8.61 -32.16
C VAL C 198 20.25 -9.05 -32.99
N ALA C 199 20.52 -9.88 -34.00
CA ALA C 199 19.60 -10.41 -35.01
C ALA C 199 19.53 -9.49 -36.22
N ALA C 200 19.39 -10.12 -37.38
CA ALA C 200 19.18 -9.40 -38.62
C ALA C 200 17.96 -10.00 -39.30
N GLY C 201 16.86 -10.16 -38.54
CA GLY C 201 15.64 -10.66 -39.15
C GLY C 201 14.85 -9.51 -39.79
N ARG C 202 13.51 -9.57 -39.71
CA ARG C 202 12.69 -8.56 -40.34
C ARG C 202 12.97 -7.19 -39.72
N ILE C 203 13.04 -7.12 -38.38
CA ILE C 203 13.33 -5.84 -37.76
C ILE C 203 14.81 -5.51 -37.91
N GLY C 204 15.67 -6.46 -37.53
CA GLY C 204 17.11 -6.19 -37.53
C GLY C 204 17.66 -5.77 -38.90
N LEU C 205 17.20 -6.42 -39.98
CA LEU C 205 17.69 -6.03 -41.30
C LEU C 205 17.16 -4.66 -41.71
N ALA C 206 15.89 -4.33 -41.36
CA ALA C 206 15.31 -3.02 -41.60
C ALA C 206 16.11 -1.92 -40.88
N VAL C 207 16.64 -2.23 -39.69
CA VAL C 207 17.45 -1.31 -38.91
C VAL C 207 18.79 -1.06 -39.60
N LEU C 208 19.41 -2.14 -40.09
CA LEU C 208 20.72 -2.05 -40.73
C LEU C 208 20.62 -1.18 -41.97
N LYS C 209 19.57 -1.38 -42.78
CA LYS C 209 19.34 -0.59 -44.00
C LYS C 209 19.21 0.90 -43.68
N ARG C 210 18.50 1.22 -42.59
CA ARG C 210 18.19 2.60 -42.26
C ARG C 210 19.43 3.27 -41.66
N LEU C 211 20.30 2.48 -40.98
CA LEU C 211 21.51 3.01 -40.35
C LEU C 211 22.59 3.29 -41.40
N LYS C 212 22.61 2.50 -42.48
CA LYS C 212 23.69 2.59 -43.47
C LYS C 212 24.02 4.01 -43.90
N PRO C 213 23.09 4.87 -44.40
CA PRO C 213 23.49 6.21 -44.83
C PRO C 213 23.87 7.17 -43.69
N PHE C 214 23.79 6.70 -42.43
CA PHE C 214 24.33 7.52 -41.35
C PHE C 214 25.86 7.40 -41.34
N ASP C 215 26.43 6.57 -42.22
CA ASP C 215 27.88 6.40 -42.29
C ASP C 215 28.41 5.82 -40.96
N VAL C 216 27.62 4.94 -40.30
CA VAL C 216 28.13 4.17 -39.16
C VAL C 216 28.90 2.94 -39.67
N LYS C 217 29.69 2.28 -38.81
CA LYS C 217 30.22 0.99 -39.21
C LYS C 217 29.31 -0.09 -38.62
N LEU C 218 28.80 -0.97 -39.48
CA LEU C 218 27.75 -1.90 -39.06
C LEU C 218 28.28 -3.26 -38.66
N HIS C 219 27.75 -3.79 -37.55
CA HIS C 219 28.08 -5.13 -37.06
C HIS C 219 26.78 -5.87 -36.78
N TYR C 220 26.80 -7.20 -36.93
CA TYR C 220 25.66 -7.94 -36.45
C TYR C 220 26.09 -9.34 -36.04
N PHE C 221 25.23 -9.99 -35.26
CA PHE C 221 25.23 -11.43 -35.10
C PHE C 221 23.80 -11.88 -35.30
N ASP C 222 23.65 -12.99 -36.00
CA ASP C 222 22.38 -13.70 -36.06
C ASP C 222 22.71 -15.19 -36.03
N GLN C 223 21.85 -15.99 -35.40
CA GLN C 223 21.92 -17.44 -35.44
C GLN C 223 22.01 -17.97 -36.88
N HIS C 224 21.31 -17.32 -37.81
CA HIS C 224 21.43 -17.61 -39.23
C HIS C 224 22.19 -16.46 -39.90
N ARG C 225 23.43 -16.76 -40.35
CA ARG C 225 24.22 -15.73 -41.02
C ARG C 225 23.53 -15.28 -42.31
N LEU C 226 23.57 -13.97 -42.61
CA LEU C 226 22.99 -13.42 -43.82
C LEU C 226 23.81 -13.88 -45.03
N PRO C 227 23.23 -13.83 -46.26
CA PRO C 227 23.98 -14.05 -47.49
C PRO C 227 25.14 -13.06 -47.62
N GLU C 228 26.22 -13.57 -48.22
CA GLU C 228 27.41 -12.79 -48.43
C GLU C 228 27.05 -11.51 -49.19
N SER C 229 26.09 -11.59 -50.14
CA SER C 229 25.79 -10.45 -51.00
C SER C 229 25.14 -9.34 -50.19
N VAL C 230 24.36 -9.72 -49.17
CA VAL C 230 23.70 -8.76 -48.29
C VAL C 230 24.74 -8.09 -47.41
N GLU C 231 25.64 -8.91 -46.82
CA GLU C 231 26.73 -8.42 -45.99
C GLU C 231 27.55 -7.40 -46.77
N ASN C 232 27.88 -7.73 -48.03
CA ASN C 232 28.67 -6.87 -48.89
C ASN C 232 27.93 -5.57 -49.20
N GLU C 233 26.68 -5.67 -49.64
CA GLU C 233 25.91 -4.47 -50.02
C GLU C 233 25.80 -3.49 -48.86
N LEU C 234 25.63 -4.00 -47.65
CA LEU C 234 25.34 -3.12 -46.51
C LEU C 234 26.61 -2.77 -45.73
N GLY C 235 27.74 -3.41 -46.11
CA GLY C 235 29.00 -3.28 -45.40
C GLY C 235 28.97 -3.85 -43.98
N LEU C 236 28.38 -5.05 -43.79
CA LEU C 236 28.20 -5.59 -42.44
C LEU C 236 29.45 -6.34 -42.02
N THR C 237 29.85 -6.22 -40.76
CA THR C 237 30.83 -7.15 -40.18
C THR C 237 30.06 -8.19 -39.38
N TYR C 238 30.20 -9.47 -39.76
CA TYR C 238 29.56 -10.56 -39.04
C TYR C 238 30.45 -10.96 -37.87
N HIS C 239 29.88 -11.21 -36.69
CA HIS C 239 30.57 -11.72 -35.52
C HIS C 239 29.99 -13.08 -35.18
N PRO C 240 30.80 -14.03 -34.64
CA PRO C 240 30.31 -15.37 -34.36
C PRO C 240 29.51 -15.47 -33.07
N SER C 241 29.37 -14.35 -32.32
CA SER C 241 28.50 -14.35 -31.15
C SER C 241 28.14 -12.93 -30.73
N VAL C 242 27.09 -12.83 -29.90
CA VAL C 242 26.73 -11.52 -29.37
C VAL C 242 27.90 -10.92 -28.59
N GLU C 243 28.49 -11.73 -27.71
CA GLU C 243 29.55 -11.25 -26.83
C GLU C 243 30.70 -10.70 -27.68
N ASP C 244 31.02 -11.39 -28.78
CA ASP C 244 32.12 -10.97 -29.63
C ASP C 244 31.81 -9.62 -30.25
N MET C 245 30.56 -9.44 -30.69
CA MET C 245 30.12 -8.21 -31.33
C MET C 245 30.15 -7.02 -30.35
N VAL C 246 29.61 -7.17 -29.14
CA VAL C 246 29.34 -6.01 -28.31
C VAL C 246 30.65 -5.34 -27.87
N LYS C 247 31.75 -6.09 -27.87
CA LYS C 247 33.02 -5.57 -27.37
C LYS C 247 33.52 -4.39 -28.21
N VAL C 248 33.10 -4.33 -29.50
CA VAL C 248 33.58 -3.27 -30.40
C VAL C 248 32.47 -2.24 -30.71
N CYS C 249 31.28 -2.33 -30.07
CA CYS C 249 30.21 -1.43 -30.49
C CYS C 249 30.09 -0.18 -29.63
N ASP C 250 29.89 0.97 -30.30
CA ASP C 250 29.45 2.15 -29.59
C ASP C 250 27.96 2.08 -29.22
N VAL C 251 27.17 1.43 -30.07
CA VAL C 251 25.72 1.30 -29.89
C VAL C 251 25.38 -0.15 -30.18
N VAL C 252 24.64 -0.79 -29.28
CA VAL C 252 24.05 -2.10 -29.52
C VAL C 252 22.52 -1.98 -29.54
N THR C 253 21.84 -2.54 -30.56
CA THR C 253 20.38 -2.64 -30.59
C THR C 253 19.97 -4.11 -30.60
N ILE C 254 18.96 -4.49 -29.80
CA ILE C 254 18.58 -5.89 -29.68
C ILE C 254 17.30 -6.10 -30.49
N ASN C 255 17.29 -7.14 -31.35
CA ASN C 255 16.14 -7.35 -32.22
C ASN C 255 15.85 -8.83 -32.41
N ALA C 256 16.19 -9.65 -31.44
CA ALA C 256 15.89 -11.08 -31.48
C ALA C 256 14.61 -11.32 -30.69
N PRO C 257 13.85 -12.41 -30.94
CA PRO C 257 12.69 -12.75 -30.11
C PRO C 257 13.19 -13.13 -28.72
N LEU C 258 12.27 -13.18 -27.72
CA LEU C 258 12.53 -13.79 -26.41
C LEU C 258 12.20 -15.28 -26.50
N HIS C 259 13.23 -16.10 -26.28
CA HIS C 259 13.14 -17.56 -26.34
C HIS C 259 14.33 -18.09 -25.56
N PRO C 260 14.52 -19.42 -25.34
CA PRO C 260 15.56 -19.84 -24.41
C PRO C 260 17.01 -19.35 -24.65
N GLY C 261 17.42 -19.12 -25.89
CA GLY C 261 18.76 -18.56 -26.06
C GLY C 261 18.94 -17.10 -25.61
N THR C 262 17.82 -16.38 -25.41
CA THR C 262 17.89 -14.92 -25.25
C THR C 262 17.39 -14.42 -23.89
N LEU C 263 16.67 -15.25 -23.14
CA LEU C 263 16.20 -14.84 -21.82
C LEU C 263 17.43 -14.48 -20.99
N ASP C 264 17.51 -13.23 -20.51
CA ASP C 264 18.56 -12.81 -19.58
C ASP C 264 19.95 -12.81 -20.24
N LEU C 265 19.98 -12.72 -21.58
CA LEU C 265 21.24 -12.65 -22.32
C LEU C 265 22.08 -11.46 -21.89
N PHE C 266 21.46 -10.28 -21.81
CA PHE C 266 22.17 -9.09 -21.36
C PHE C 266 22.11 -8.97 -19.84
N ASN C 267 22.91 -9.80 -19.14
CA ASN C 267 23.01 -9.80 -17.70
C ASN C 267 24.21 -8.94 -17.29
N ASP C 268 24.51 -8.89 -15.98
CA ASP C 268 25.63 -8.07 -15.51
C ASP C 268 26.88 -8.44 -16.31
N GLU C 269 27.13 -9.75 -16.50
CA GLU C 269 28.37 -10.18 -17.12
C GLU C 269 28.49 -9.68 -18.57
N LEU C 270 27.49 -9.95 -19.40
CA LEU C 270 27.55 -9.48 -20.79
C LEU C 270 27.66 -7.95 -20.90
N ILE C 271 26.94 -7.21 -20.05
CA ILE C 271 26.92 -5.76 -20.16
C ILE C 271 28.30 -5.23 -19.77
N SER C 272 28.96 -5.95 -18.86
CA SER C 272 30.30 -5.59 -18.41
C SER C 272 31.30 -5.72 -19.56
N LYS C 273 30.92 -6.45 -20.61
CA LYS C 273 31.84 -6.65 -21.72
C LYS C 273 31.68 -5.56 -22.77
N MET C 274 30.61 -4.78 -22.68
CA MET C 274 30.36 -3.70 -23.64
C MET C 274 31.37 -2.59 -23.42
N LYS C 275 31.52 -1.69 -24.41
CA LYS C 275 32.42 -0.55 -24.23
C LYS C 275 31.85 0.31 -23.13
N ARG C 276 32.73 0.92 -22.33
CA ARG C 276 32.32 1.89 -21.32
C ARG C 276 31.67 3.06 -22.05
N GLY C 277 30.46 3.42 -21.64
CA GLY C 277 29.71 4.50 -22.29
C GLY C 277 29.00 4.04 -23.57
N ALA C 278 28.82 2.71 -23.74
CA ALA C 278 28.01 2.15 -24.81
C ALA C 278 26.56 2.60 -24.64
N TYR C 279 25.82 2.69 -25.74
CA TYR C 279 24.39 2.92 -25.67
C TYR C 279 23.69 1.63 -26.04
N LEU C 280 22.65 1.25 -25.29
CA LEU C 280 21.96 -0.01 -25.56
C LEU C 280 20.48 0.29 -25.86
N VAL C 281 19.98 -0.22 -26.98
CA VAL C 281 18.59 -0.03 -27.39
C VAL C 281 17.88 -1.38 -27.46
N ASN C 282 16.73 -1.47 -26.80
CA ASN C 282 16.06 -2.75 -26.70
C ASN C 282 14.58 -2.56 -26.97
N THR C 283 14.17 -2.84 -28.20
CA THR C 283 12.76 -2.80 -28.60
C THR C 283 12.29 -4.22 -28.88
N ALA C 284 13.04 -5.20 -28.37
CA ALA C 284 12.80 -6.60 -28.66
C ALA C 284 11.86 -7.15 -27.57
N ARG C 285 12.42 -7.53 -26.40
CA ARG C 285 11.61 -7.89 -25.24
C ARG C 285 12.38 -7.50 -23.97
N GLY C 286 11.66 -7.03 -22.96
CA GLY C 286 12.32 -6.55 -21.75
C GLY C 286 13.25 -7.60 -21.13
N LYS C 287 12.81 -8.86 -21.11
CA LYS C 287 13.47 -9.87 -20.29
C LYS C 287 14.78 -10.29 -20.93
N ILE C 288 15.03 -9.87 -22.18
CA ILE C 288 16.30 -10.18 -22.82
C ILE C 288 17.41 -9.43 -22.06
N CYS C 289 17.06 -8.28 -21.46
CA CYS C 289 18.00 -7.56 -20.61
C CYS C 289 17.65 -7.80 -19.13
N ASN C 290 18.65 -8.17 -18.31
CA ASN C 290 18.43 -8.24 -16.87
C ASN C 290 18.01 -6.87 -16.33
N ARG C 291 16.82 -6.80 -15.71
CA ARG C 291 16.29 -5.51 -15.25
C ARG C 291 17.29 -4.77 -14.35
N ASP C 292 17.71 -5.37 -13.24
CA ASP C 292 18.55 -4.65 -12.29
C ASP C 292 19.95 -4.39 -12.86
N ALA C 293 20.43 -5.31 -13.72
CA ALA C 293 21.74 -5.16 -14.36
C ALA C 293 21.78 -3.89 -15.22
N VAL C 294 20.67 -3.58 -15.92
CA VAL C 294 20.62 -2.38 -16.76
C VAL C 294 20.73 -1.14 -15.86
N VAL C 295 20.02 -1.16 -14.72
CA VAL C 295 20.01 -0.04 -13.80
C VAL C 295 21.42 0.19 -13.25
N ARG C 296 22.12 -0.90 -12.90
CA ARG C 296 23.43 -0.77 -12.30
C ARG C 296 24.39 -0.18 -13.33
N ALA C 297 24.24 -0.58 -14.61
CA ALA C 297 25.20 -0.16 -15.64
C ALA C 297 25.03 1.32 -15.96
N LEU C 298 23.79 1.83 -15.84
CA LEU C 298 23.61 3.25 -16.11
C LEU C 298 24.13 4.07 -14.91
N GLU C 299 23.85 3.57 -13.70
CA GLU C 299 24.29 4.25 -12.47
C GLU C 299 25.81 4.32 -12.44
N SER C 300 26.51 3.28 -12.94
CA SER C 300 27.97 3.27 -12.94
C SER C 300 28.54 4.05 -14.11
N GLY C 301 27.75 4.25 -15.18
CA GLY C 301 28.28 4.84 -16.40
C GLY C 301 28.84 3.84 -17.40
N GLN C 302 28.91 2.56 -17.01
CA GLN C 302 29.16 1.48 -17.98
C GLN C 302 28.28 1.64 -19.24
N LEU C 303 26.97 1.91 -19.09
CA LEU C 303 26.16 2.35 -20.22
C LEU C 303 26.01 3.86 -20.12
N ALA C 304 26.26 4.56 -21.24
CA ALA C 304 25.93 5.99 -21.35
C ALA C 304 24.42 6.23 -21.49
N GLY C 305 23.67 5.24 -21.98
CA GLY C 305 22.23 5.44 -22.13
C GLY C 305 21.53 4.13 -22.49
N TYR C 306 20.27 4.04 -22.09
CA TYR C 306 19.44 2.89 -22.45
C TYR C 306 18.10 3.42 -22.97
N ALA C 307 17.58 2.84 -24.07
CA ALA C 307 16.22 3.20 -24.48
C ALA C 307 15.52 1.99 -25.09
N GLY C 308 14.20 1.95 -24.93
CA GLY C 308 13.40 0.97 -25.64
C GLY C 308 11.96 1.10 -25.19
N ASP C 309 11.09 0.24 -25.72
CA ASP C 309 9.66 0.34 -25.48
C ASP C 309 9.15 -0.88 -24.71
N VAL C 310 10.04 -1.88 -24.45
CA VAL C 310 9.58 -3.14 -23.91
C VAL C 310 10.07 -3.33 -22.47
N TRP C 311 9.18 -3.88 -21.63
CA TRP C 311 9.35 -3.91 -20.19
C TRP C 311 8.93 -5.30 -19.70
N PHE C 312 9.33 -5.62 -18.48
CA PHE C 312 8.71 -6.79 -17.86
C PHE C 312 8.42 -6.49 -16.39
N PRO C 313 7.22 -6.81 -15.87
CA PRO C 313 6.07 -7.25 -16.67
C PRO C 313 5.46 -6.07 -17.43
N GLN C 314 4.38 -6.34 -18.19
CA GLN C 314 3.65 -5.33 -18.94
C GLN C 314 2.17 -5.40 -18.55
N PRO C 315 1.56 -4.29 -18.07
CA PRO C 315 2.23 -2.99 -17.93
C PRO C 315 3.23 -2.98 -16.77
N ALA C 316 4.25 -2.13 -16.87
CA ALA C 316 5.24 -1.99 -15.81
C ALA C 316 4.58 -1.32 -14.62
N PRO C 317 4.75 -1.84 -13.39
CA PRO C 317 4.27 -1.13 -12.20
C PRO C 317 4.80 0.31 -12.10
N LYS C 318 4.10 1.14 -11.32
CA LYS C 318 4.50 2.51 -11.08
C LYS C 318 5.94 2.55 -10.54
N ASP C 319 6.35 1.53 -9.79
CA ASP C 319 7.65 1.56 -9.15
C ASP C 319 8.72 0.81 -9.95
N HIS C 320 8.44 0.45 -11.20
CA HIS C 320 9.46 -0.25 -11.99
C HIS C 320 10.71 0.64 -12.07
N PRO C 321 11.92 0.10 -11.77
CA PRO C 321 13.14 0.91 -11.71
C PRO C 321 13.64 1.48 -13.05
N TRP C 322 13.14 0.97 -14.17
CA TRP C 322 13.53 1.50 -15.47
C TRP C 322 12.92 2.88 -15.65
N ARG C 323 11.88 3.22 -14.86
CA ARG C 323 11.26 4.54 -14.95
C ARG C 323 12.22 5.64 -14.47
N THR C 324 12.92 5.37 -13.35
CA THR C 324 13.65 6.43 -12.69
C THR C 324 15.15 6.29 -12.88
N MET C 325 15.61 5.27 -13.64
CA MET C 325 17.04 5.06 -13.80
C MET C 325 17.62 6.22 -14.60
N PRO C 326 18.91 6.59 -14.40
CA PRO C 326 19.47 7.75 -15.10
C PRO C 326 19.67 7.50 -16.60
N HIS C 327 19.62 8.56 -17.41
CA HIS C 327 20.06 8.55 -18.80
C HIS C 327 19.24 7.58 -19.67
N HIS C 328 17.92 7.58 -19.49
CA HIS C 328 17.10 6.68 -20.30
C HIS C 328 16.29 7.48 -21.29
N GLY C 329 15.92 6.83 -22.41
CA GLY C 329 14.93 7.45 -23.27
C GLY C 329 13.78 6.49 -23.55
N MET C 330 13.17 5.92 -22.49
CA MET C 330 12.14 4.88 -22.60
C MET C 330 10.85 5.43 -23.19
N THR C 331 10.08 4.54 -23.82
CA THR C 331 8.64 4.73 -23.97
C THR C 331 7.96 3.52 -23.32
N PRO C 332 6.62 3.59 -23.12
CA PRO C 332 5.83 2.37 -22.90
C PRO C 332 5.82 1.59 -24.22
N HIS C 333 5.15 0.43 -24.25
CA HIS C 333 5.28 -0.51 -25.36
C HIS C 333 4.39 -0.08 -26.51
N ILE C 334 4.94 0.73 -27.41
CA ILE C 334 4.13 1.48 -28.37
C ILE C 334 4.60 1.28 -29.81
N SER C 335 5.85 0.88 -30.05
CA SER C 335 6.37 1.01 -31.42
C SER C 335 5.60 0.12 -32.38
N GLY C 336 5.26 -1.08 -31.93
CA GLY C 336 4.51 -2.01 -32.74
C GLY C 336 3.02 -1.69 -32.87
N THR C 337 2.55 -0.65 -32.18
CA THR C 337 1.14 -0.28 -32.19
C THR C 337 0.97 1.16 -32.65
N SER C 338 1.87 1.66 -33.50
CA SER C 338 1.51 2.86 -34.24
C SER C 338 0.21 2.57 -34.99
N LEU C 339 -0.49 3.63 -35.42
CA LEU C 339 -1.78 3.47 -36.07
C LEU C 339 -1.60 2.77 -37.40
N SER C 340 -0.46 3.05 -38.02
CA SER C 340 -0.13 2.39 -39.27
C SER C 340 0.01 0.88 -39.07
N ALA C 341 0.73 0.50 -38.02
CA ALA C 341 0.94 -0.90 -37.69
C ALA C 341 -0.37 -1.61 -37.34
N GLN C 342 -1.20 -0.93 -36.54
CA GLN C 342 -2.45 -1.51 -36.06
C GLN C 342 -3.32 -1.95 -37.25
N ALA C 343 -3.27 -1.17 -38.33
CA ALA C 343 -4.10 -1.50 -39.48
C ALA C 343 -3.72 -2.88 -40.00
N ARG C 344 -2.41 -3.13 -40.05
CA ARG C 344 -1.92 -4.35 -40.66
C ARG C 344 -2.18 -5.51 -39.73
N TYR C 345 -1.90 -5.35 -38.42
CA TYR C 345 -2.05 -6.53 -37.56
C TYR C 345 -3.53 -6.85 -37.29
N ALA C 346 -4.38 -5.81 -37.30
CA ALA C 346 -5.82 -6.00 -37.19
C ALA C 346 -6.35 -6.76 -38.42
N ALA C 347 -5.83 -6.41 -39.61
CA ALA C 347 -6.18 -7.10 -40.85
C ALA C 347 -5.69 -8.57 -40.81
N GLY C 348 -4.45 -8.77 -40.34
CA GLY C 348 -3.91 -10.11 -40.22
C GLY C 348 -4.67 -10.96 -39.18
N THR C 349 -5.10 -10.35 -38.06
CA THR C 349 -5.86 -11.05 -37.03
C THR C 349 -7.16 -11.59 -37.65
N ARG C 350 -7.84 -10.74 -38.43
CA ARG C 350 -9.05 -11.19 -39.11
C ARG C 350 -8.76 -12.29 -40.14
N GLU C 351 -7.71 -12.10 -40.96
CA GLU C 351 -7.29 -13.11 -41.92
C GLU C 351 -7.18 -14.47 -41.22
N ILE C 352 -6.53 -14.48 -40.04
CA ILE C 352 -6.28 -15.70 -39.31
C ILE C 352 -7.61 -16.31 -38.85
N LEU C 353 -8.50 -15.46 -38.30
CA LEU C 353 -9.77 -15.97 -37.81
C LEU C 353 -10.61 -16.51 -38.98
N GLU C 354 -10.51 -15.87 -40.15
CA GLU C 354 -11.24 -16.34 -41.34
C GLU C 354 -10.78 -17.74 -41.74
N CYS C 355 -9.46 -17.93 -41.78
CA CYS C 355 -8.94 -19.26 -42.08
C CYS C 355 -9.42 -20.27 -41.02
N TRP C 356 -9.39 -19.85 -39.74
CA TRP C 356 -9.74 -20.73 -38.64
C TRP C 356 -11.19 -21.21 -38.77
N PHE C 357 -12.14 -20.28 -38.91
CA PHE C 357 -13.54 -20.68 -38.96
C PHE C 357 -13.90 -21.31 -40.30
N GLU C 358 -13.12 -21.09 -41.35
CA GLU C 358 -13.42 -21.63 -42.68
C GLU C 358 -12.68 -22.95 -42.92
N GLU C 359 -11.90 -23.38 -41.94
CA GLU C 359 -11.09 -24.59 -42.00
C GLU C 359 -10.14 -24.54 -43.19
N ARG C 360 -9.50 -23.38 -43.42
CA ARG C 360 -8.43 -23.26 -44.40
C ARG C 360 -7.13 -23.11 -43.62
N PRO C 361 -5.96 -23.57 -44.15
CA PRO C 361 -4.69 -23.35 -43.48
C PRO C 361 -4.47 -21.87 -43.17
N ILE C 362 -3.97 -21.58 -41.95
CA ILE C 362 -3.41 -20.29 -41.57
C ILE C 362 -2.03 -20.23 -42.23
N ARG C 363 -1.65 -19.08 -42.79
CA ARG C 363 -0.38 -18.97 -43.50
C ARG C 363 0.74 -19.53 -42.63
N GLU C 364 1.61 -20.30 -43.29
CA GLU C 364 2.79 -20.90 -42.67
C GLU C 364 3.56 -19.81 -41.95
N GLU C 365 3.77 -18.64 -42.58
CA GLU C 365 4.64 -17.66 -41.95
C GLU C 365 4.00 -17.05 -40.69
N TYR C 366 2.69 -17.20 -40.48
CA TYR C 366 2.05 -16.74 -39.25
C TYR C 366 2.11 -17.77 -38.12
N LEU C 367 2.43 -19.03 -38.42
CA LEU C 367 2.30 -20.06 -37.39
C LEU C 367 3.56 -20.15 -36.52
N ILE C 368 3.36 -20.22 -35.19
CA ILE C 368 4.40 -20.37 -34.19
C ILE C 368 4.33 -21.80 -33.64
N VAL C 369 3.14 -22.29 -33.29
CA VAL C 369 2.94 -23.73 -33.11
C VAL C 369 1.66 -24.19 -33.80
N ASP C 370 1.74 -25.30 -34.58
CA ASP C 370 0.81 -25.55 -35.69
C ASP C 370 -0.27 -26.57 -35.35
N GLY C 371 -1.46 -26.35 -35.93
CA GLY C 371 -2.62 -27.24 -35.88
C GLY C 371 -3.93 -26.55 -36.26
N ALA D 2 -32.05 14.37 -31.75
CA ALA D 2 -31.29 15.60 -31.35
C ALA D 2 -29.85 15.22 -31.01
N LYS D 3 -28.98 16.23 -30.92
CA LYS D 3 -27.60 16.01 -30.48
C LYS D 3 -27.42 16.46 -29.02
N ILE D 4 -26.84 15.58 -28.20
CA ILE D 4 -26.47 15.93 -26.83
C ILE D 4 -24.95 16.04 -26.80
N LEU D 5 -24.45 17.21 -26.36
CA LEU D 5 -23.02 17.44 -26.27
C LEU D 5 -22.60 17.56 -24.80
N CYS D 6 -21.83 16.57 -24.32
CA CYS D 6 -21.67 16.33 -22.90
C CYS D 6 -20.17 16.38 -22.57
N VAL D 7 -19.73 17.42 -21.86
CA VAL D 7 -18.33 17.53 -21.51
C VAL D 7 -18.13 16.89 -20.13
N LEU D 8 -17.21 15.92 -20.05
CA LEU D 8 -16.91 15.26 -18.79
C LEU D 8 -15.40 15.29 -18.60
N TYR D 9 -14.94 14.90 -17.40
CA TYR D 9 -13.51 14.94 -17.16
C TYR D 9 -12.91 13.63 -17.64
N ASP D 10 -11.58 13.61 -17.79
CA ASP D 10 -10.84 12.46 -18.28
C ASP D 10 -11.05 11.27 -17.36
N ASP D 11 -10.90 10.06 -17.93
CA ASP D 11 -10.82 8.87 -17.09
C ASP D 11 -9.59 8.99 -16.17
N PRO D 12 -9.50 8.17 -15.09
CA PRO D 12 -8.26 8.07 -14.31
C PRO D 12 -7.09 7.69 -15.25
N ILE D 13 -5.84 7.92 -14.83
CA ILE D 13 -4.74 7.62 -15.74
C ILE D 13 -4.63 6.12 -16.01
N THR D 14 -5.03 5.34 -15.01
CA THR D 14 -5.04 3.88 -15.06
C THR D 14 -6.29 3.39 -15.79
N GLY D 15 -7.05 4.30 -16.41
CA GLY D 15 -8.23 3.94 -17.20
C GLY D 15 -9.51 3.81 -16.36
N TYR D 16 -10.64 3.55 -17.02
CA TYR D 16 -11.90 3.42 -16.29
C TYR D 16 -11.76 2.32 -15.22
N PRO D 17 -12.23 2.54 -13.96
CA PRO D 17 -11.96 1.58 -12.89
C PRO D 17 -12.45 0.19 -13.27
N LYS D 18 -11.62 -0.81 -12.94
CA LYS D 18 -11.95 -2.20 -13.16
C LYS D 18 -12.60 -2.79 -11.90
N SER D 19 -12.41 -2.10 -10.76
CA SER D 19 -13.08 -2.47 -9.52
C SER D 19 -13.18 -1.24 -8.61
N TYR D 20 -13.88 -1.40 -7.49
CA TYR D 20 -14.02 -0.31 -6.53
C TYR D 20 -13.68 -0.79 -5.12
N ALA D 21 -13.38 0.17 -4.23
CA ALA D 21 -13.00 -0.20 -2.88
C ALA D 21 -14.19 -0.79 -2.12
N ARG D 22 -15.41 -0.38 -2.49
CA ARG D 22 -16.64 -0.72 -1.77
C ARG D 22 -17.58 -1.46 -2.73
N ALA D 23 -18.48 -2.29 -2.20
CA ALA D 23 -19.46 -3.04 -2.98
C ALA D 23 -20.61 -2.14 -3.46
N ASP D 24 -20.96 -1.13 -2.66
CA ASP D 24 -22.11 -0.31 -3.00
C ASP D 24 -22.01 1.01 -2.23
N VAL D 25 -23.06 1.85 -2.34
CA VAL D 25 -23.17 3.08 -1.55
C VAL D 25 -24.55 3.11 -0.87
N PRO D 26 -24.69 3.80 0.28
CA PRO D 26 -25.98 3.92 0.95
C PRO D 26 -27.06 4.45 0.01
N LYS D 27 -28.29 3.99 0.24
CA LYS D 27 -29.47 4.47 -0.46
C LYS D 27 -29.82 5.85 0.09
N ILE D 28 -29.97 6.84 -0.79
CA ILE D 28 -30.39 8.17 -0.34
C ILE D 28 -31.66 8.55 -1.10
N ASP D 29 -32.82 8.50 -0.42
CA ASP D 29 -34.09 8.72 -1.11
C ASP D 29 -34.57 10.17 -0.96
N HIS D 30 -33.97 10.96 -0.05
CA HIS D 30 -34.40 12.34 0.10
C HIS D 30 -33.32 13.17 0.80
N TYR D 31 -33.50 14.50 0.81
CA TYR D 31 -32.57 15.41 1.46
C TYR D 31 -33.23 16.03 2.70
N PRO D 32 -32.44 16.65 3.64
CA PRO D 32 -33.04 17.33 4.78
C PRO D 32 -34.01 18.40 4.28
N GLY D 33 -35.22 18.37 4.85
CA GLY D 33 -36.28 19.30 4.49
C GLY D 33 -37.31 18.62 3.60
N GLY D 34 -36.96 17.45 3.05
CA GLY D 34 -37.92 16.60 2.37
C GLY D 34 -37.97 16.71 0.84
N GLN D 35 -37.04 17.43 0.18
CA GLN D 35 -36.94 17.33 -1.28
C GLN D 35 -36.55 15.89 -1.62
N THR D 36 -37.23 15.29 -2.61
CA THR D 36 -36.91 13.92 -3.00
C THR D 36 -35.58 13.90 -3.76
N ALA D 37 -34.89 12.75 -3.67
CA ALA D 37 -33.74 12.43 -4.50
C ALA D 37 -34.24 12.33 -5.94
N PRO D 38 -33.37 12.45 -6.98
CA PRO D 38 -33.84 12.43 -8.37
C PRO D 38 -34.73 11.23 -8.70
N THR D 39 -35.65 11.43 -9.64
CA THR D 39 -36.67 10.44 -9.98
C THR D 39 -36.66 10.12 -11.48
N PRO D 40 -35.54 9.63 -12.06
CA PRO D 40 -35.60 9.18 -13.45
C PRO D 40 -36.40 7.86 -13.45
N LYS D 41 -37.02 7.50 -14.58
CA LYS D 41 -37.76 6.25 -14.73
C LYS D 41 -36.84 5.03 -14.61
N GLN D 42 -35.60 5.14 -15.11
CA GLN D 42 -34.61 4.07 -15.00
C GLN D 42 -33.24 4.72 -14.85
N ILE D 43 -32.30 4.00 -14.26
CA ILE D 43 -30.90 4.40 -14.40
C ILE D 43 -30.16 3.22 -15.01
N ASP D 44 -29.14 3.49 -15.83
CA ASP D 44 -28.32 2.43 -16.39
C ASP D 44 -26.94 2.44 -15.74
N PHE D 45 -26.89 2.47 -14.40
CA PHE D 45 -25.63 2.29 -13.69
C PHE D 45 -25.96 1.77 -12.29
N THR D 46 -24.96 1.24 -11.59
CA THR D 46 -25.03 0.95 -10.16
C THR D 46 -24.53 2.19 -9.40
N PRO D 47 -25.32 2.81 -8.49
CA PRO D 47 -24.78 3.86 -7.62
C PRO D 47 -23.46 3.38 -7.01
N GLY D 48 -22.43 4.22 -7.13
CA GLY D 48 -21.10 3.87 -6.69
C GLY D 48 -20.12 3.75 -7.86
N GLU D 49 -20.62 3.57 -9.08
CA GLU D 49 -19.78 3.51 -10.28
C GLU D 49 -19.29 4.91 -10.63
N LEU D 50 -18.13 5.00 -11.31
CA LEU D 50 -17.67 6.27 -11.80
C LEU D 50 -18.50 6.69 -13.02
N LEU D 51 -19.15 7.86 -12.92
CA LEU D 51 -20.06 8.32 -13.95
C LEU D 51 -19.61 9.63 -14.58
N GLY D 52 -18.81 10.42 -13.87
CA GLY D 52 -18.55 11.76 -14.34
C GLY D 52 -17.31 11.87 -15.24
N SER D 53 -16.65 10.74 -15.56
CA SER D 53 -15.53 10.76 -16.51
C SER D 53 -16.03 10.40 -17.92
N VAL D 54 -15.16 10.56 -18.92
CA VAL D 54 -15.55 10.36 -20.31
C VAL D 54 -16.12 8.96 -20.58
N SER D 55 -15.59 7.91 -19.94
CA SER D 55 -16.08 6.55 -20.16
C SER D 55 -17.35 6.29 -19.33
N GLY D 56 -17.52 7.05 -18.26
CA GLY D 56 -18.73 6.96 -17.43
C GLY D 56 -19.98 7.46 -18.17
N GLU D 57 -19.86 8.59 -18.89
CA GLU D 57 -20.89 9.13 -19.78
C GLU D 57 -22.14 9.57 -19.01
N LEU D 58 -22.01 9.82 -17.68
CA LEU D 58 -23.14 10.00 -16.77
C LEU D 58 -24.20 8.92 -16.98
N GLY D 59 -23.80 7.74 -17.48
CA GLY D 59 -24.72 6.63 -17.71
C GLY D 59 -25.88 6.95 -18.66
N LEU D 60 -25.68 7.84 -19.65
CA LEU D 60 -26.74 8.33 -20.53
C LEU D 60 -26.79 7.67 -21.91
N ARG D 61 -25.76 6.91 -22.33
CA ARG D 61 -25.66 6.50 -23.73
C ARG D 61 -26.84 5.62 -24.14
N LYS D 62 -27.04 4.50 -23.45
CA LYS D 62 -28.09 3.54 -23.78
C LYS D 62 -29.41 4.28 -23.94
N TYR D 63 -29.78 5.13 -22.96
CA TYR D 63 -31.03 5.87 -22.98
C TYR D 63 -31.14 6.74 -24.23
N LEU D 64 -30.11 7.58 -24.48
CA LEU D 64 -30.17 8.59 -25.54
C LEU D 64 -30.18 7.93 -26.92
N GLU D 65 -29.37 6.90 -27.10
CA GLU D 65 -29.31 6.19 -28.37
C GLU D 65 -30.59 5.38 -28.58
N GLY D 66 -31.21 4.90 -27.50
CA GLY D 66 -32.48 4.20 -27.59
C GLY D 66 -33.61 5.09 -28.13
N LEU D 67 -33.49 6.42 -27.94
CA LEU D 67 -34.47 7.40 -28.42
C LEU D 67 -34.06 7.93 -29.80
N GLY D 68 -32.96 7.41 -30.33
CA GLY D 68 -32.47 7.77 -31.65
C GLY D 68 -31.58 9.01 -31.61
N HIS D 69 -31.39 9.61 -30.42
CA HIS D 69 -30.53 10.78 -30.29
C HIS D 69 -29.06 10.38 -30.43
N THR D 70 -28.20 11.37 -30.68
CA THR D 70 -26.75 11.15 -30.69
C THR D 70 -26.14 11.76 -29.44
N LEU D 71 -25.19 11.04 -28.82
CA LEU D 71 -24.49 11.57 -27.66
C LEU D 71 -23.01 11.69 -27.97
N VAL D 72 -22.50 12.91 -27.81
CA VAL D 72 -21.09 13.18 -28.03
C VAL D 72 -20.45 13.59 -26.70
N VAL D 73 -19.48 12.79 -26.25
CA VAL D 73 -18.85 12.98 -24.97
C VAL D 73 -17.37 13.27 -25.20
N THR D 74 -16.90 14.39 -24.66
CA THR D 74 -15.48 14.76 -24.71
C THR D 74 -15.06 15.43 -23.40
N SER D 75 -13.73 15.51 -23.18
CA SER D 75 -13.11 16.32 -22.14
C SER D 75 -12.46 17.60 -22.70
N ASP D 76 -12.52 17.77 -24.05
CA ASP D 76 -11.78 18.79 -24.79
C ASP D 76 -12.64 20.05 -24.92
N LYS D 77 -12.42 20.98 -23.99
CA LYS D 77 -13.38 22.04 -23.82
C LYS D 77 -12.77 23.43 -24.05
N GLU D 78 -11.46 23.52 -24.26
CA GLU D 78 -10.85 24.86 -24.23
C GLU D 78 -10.67 25.43 -25.63
N GLY D 79 -11.26 26.63 -25.84
CA GLY D 79 -11.02 27.49 -27.01
C GLY D 79 -11.89 27.15 -28.23
N GLU D 80 -11.54 27.79 -29.37
CA GLU D 80 -12.25 27.71 -30.64
C GLU D 80 -11.89 26.43 -31.41
N ASP D 81 -10.75 25.79 -31.13
CA ASP D 81 -10.38 24.59 -31.88
C ASP D 81 -10.71 23.33 -31.06
N SER D 82 -11.55 23.47 -30.02
CA SER D 82 -11.92 22.38 -29.11
C SER D 82 -13.08 21.56 -29.69
N VAL D 83 -13.09 20.25 -29.40
CA VAL D 83 -14.23 19.38 -29.72
C VAL D 83 -15.51 20.05 -29.26
N PHE D 84 -15.48 20.65 -28.06
CA PHE D 84 -16.67 21.30 -27.52
C PHE D 84 -17.17 22.36 -28.50
N GLU D 85 -16.26 23.27 -28.89
CA GLU D 85 -16.65 24.43 -29.70
C GLU D 85 -17.05 23.97 -31.11
N ARG D 86 -16.27 23.04 -31.69
N ARG D 86 -16.32 23.00 -31.68
CA ARG D 86 -16.56 22.33 -32.93
CA ARG D 86 -16.61 22.42 -32.97
C ARG D 86 -18.00 21.85 -32.95
C ARG D 86 -18.00 21.77 -33.00
N GLU D 87 -18.37 21.10 -31.90
CA GLU D 87 -19.59 20.32 -31.84
C GLU D 87 -20.79 21.19 -31.48
N LEU D 88 -20.51 22.38 -30.91
CA LEU D 88 -21.48 23.26 -30.28
C LEU D 88 -22.54 23.77 -31.27
N PRO D 89 -22.17 24.16 -32.53
CA PRO D 89 -23.12 24.82 -33.44
C PRO D 89 -24.39 24.00 -33.66
N ASP D 90 -24.26 22.68 -33.46
CA ASP D 90 -25.26 21.71 -33.83
C ASP D 90 -26.02 21.17 -32.62
N ALA D 91 -25.48 21.39 -31.41
CA ALA D 91 -26.00 20.70 -30.22
C ALA D 91 -27.30 21.34 -29.73
N GLU D 92 -28.31 20.49 -29.48
CA GLU D 92 -29.55 20.93 -28.89
C GLU D 92 -29.42 21.06 -27.37
N ILE D 93 -28.51 20.27 -26.79
CA ILE D 93 -28.36 20.17 -25.34
C ILE D 93 -26.87 20.15 -25.01
N VAL D 94 -26.47 20.95 -24.01
CA VAL D 94 -25.09 20.92 -23.52
C VAL D 94 -25.11 20.51 -22.05
N ILE D 95 -24.29 19.53 -21.69
CA ILE D 95 -24.17 19.09 -20.31
C ILE D 95 -22.71 19.17 -19.92
N SER D 96 -22.42 19.78 -18.77
CA SER D 96 -21.11 19.64 -18.17
C SER D 96 -21.20 19.80 -16.66
N GLN D 97 -20.12 19.48 -15.95
CA GLN D 97 -20.10 19.51 -14.50
C GLN D 97 -19.17 20.66 -14.08
N PRO D 98 -19.45 21.34 -12.95
CA PRO D 98 -18.56 22.40 -12.45
C PRO D 98 -17.10 21.99 -12.27
N PHE D 99 -16.83 20.68 -12.02
CA PHE D 99 -15.50 20.12 -11.76
C PHE D 99 -14.64 20.19 -13.03
N TRP D 100 -15.30 20.26 -14.19
CA TRP D 100 -14.59 20.33 -15.46
C TRP D 100 -15.51 21.05 -16.43
N PRO D 101 -15.71 22.38 -16.25
CA PRO D 101 -16.87 23.08 -16.78
C PRO D 101 -16.68 23.52 -18.23
N ALA D 102 -17.69 23.28 -19.08
CA ALA D 102 -17.71 23.84 -20.42
C ALA D 102 -18.41 25.20 -20.34
N TYR D 103 -17.62 26.29 -20.38
N TYR D 103 -17.60 26.27 -20.41
CA TYR D 103 -18.12 27.64 -20.15
CA TYR D 103 -18.09 27.63 -20.26
C TYR D 103 -18.96 28.08 -21.34
C TYR D 103 -19.04 27.96 -21.41
N LEU D 104 -20.21 28.51 -21.07
CA LEU D 104 -21.12 29.01 -22.10
C LEU D 104 -21.13 30.53 -22.04
N THR D 105 -20.07 31.14 -22.61
CA THR D 105 -19.94 32.58 -22.75
C THR D 105 -20.93 33.09 -23.78
N PRO D 106 -21.12 34.43 -23.91
CA PRO D 106 -22.11 34.96 -24.85
C PRO D 106 -21.77 34.69 -26.31
N GLU D 107 -20.47 34.57 -26.63
CA GLU D 107 -20.00 34.28 -27.98
C GLU D 107 -20.42 32.85 -28.34
N ARG D 108 -20.10 31.92 -27.43
CA ARG D 108 -20.37 30.51 -27.64
C ARG D 108 -21.87 30.28 -27.76
N ILE D 109 -22.65 31.11 -27.04
CA ILE D 109 -24.10 30.98 -27.09
C ILE D 109 -24.64 31.52 -28.43
N ALA D 110 -24.07 32.63 -28.93
CA ALA D 110 -24.38 33.15 -30.27
C ALA D 110 -24.13 32.08 -31.31
N LYS D 111 -23.01 31.37 -31.13
CA LYS D 111 -22.54 30.30 -32.01
C LYS D 111 -23.44 29.06 -31.95
N ALA D 112 -24.25 28.94 -30.89
CA ALA D 112 -24.95 27.69 -30.57
C ALA D 112 -26.38 27.71 -31.08
N LYS D 113 -26.51 27.48 -32.39
CA LYS D 113 -27.70 27.78 -33.15
C LYS D 113 -28.88 26.93 -32.67
N LYS D 114 -28.61 25.69 -32.24
CA LYS D 114 -29.69 24.76 -31.91
C LYS D 114 -29.86 24.57 -30.40
N LEU D 115 -28.99 25.21 -29.60
CA LEU D 115 -28.96 25.05 -28.16
C LEU D 115 -30.25 25.57 -27.52
N LYS D 116 -30.95 24.69 -26.78
CA LYS D 116 -32.18 25.06 -26.11
C LYS D 116 -32.16 24.69 -24.62
N LEU D 117 -31.24 23.79 -24.23
CA LEU D 117 -31.13 23.28 -22.86
C LEU D 117 -29.66 23.14 -22.46
N ALA D 118 -29.26 23.82 -21.38
CA ALA D 118 -27.95 23.68 -20.78
C ALA D 118 -28.12 23.14 -19.36
N VAL D 119 -27.51 21.99 -19.12
CA VAL D 119 -27.72 21.30 -17.85
C VAL D 119 -26.39 21.34 -17.10
N THR D 120 -26.43 21.75 -15.82
CA THR D 120 -25.28 21.61 -14.95
C THR D 120 -25.38 20.28 -14.19
N ALA D 121 -24.50 19.33 -14.52
CA ALA D 121 -24.45 18.09 -13.77
C ALA D 121 -23.72 18.35 -12.47
N GLY D 122 -24.47 18.78 -11.44
CA GLY D 122 -23.91 19.40 -10.26
C GLY D 122 -24.74 20.60 -9.82
N ILE D 123 -24.12 21.53 -9.07
CA ILE D 123 -24.74 22.71 -8.50
C ILE D 123 -23.85 23.92 -8.76
N GLY D 124 -24.49 25.00 -9.26
CA GLY D 124 -23.81 26.27 -9.45
C GLY D 124 -23.48 26.49 -10.92
N SER D 125 -24.18 27.43 -11.55
CA SER D 125 -24.16 27.57 -13.00
C SER D 125 -23.39 28.82 -13.45
N ASP D 126 -22.35 29.19 -12.69
CA ASP D 126 -21.68 30.46 -12.91
C ASP D 126 -20.84 30.40 -14.18
N HIS D 127 -20.65 29.20 -14.73
CA HIS D 127 -19.98 29.01 -16.01
C HIS D 127 -20.92 29.30 -17.18
N VAL D 128 -22.20 29.61 -16.90
CA VAL D 128 -23.20 29.87 -17.92
C VAL D 128 -23.60 31.35 -17.83
N ASP D 129 -23.51 32.08 -18.95
CA ASP D 129 -23.99 33.46 -18.98
C ASP D 129 -25.51 33.44 -19.11
N LEU D 130 -26.17 33.78 -17.99
CA LEU D 130 -27.62 33.64 -17.89
C LEU D 130 -28.35 34.65 -18.78
N GLU D 131 -27.76 35.84 -19.00
CA GLU D 131 -28.46 36.88 -19.77
C GLU D 131 -28.52 36.50 -21.26
N ALA D 132 -27.37 36.09 -21.80
CA ALA D 132 -27.26 35.48 -23.12
C ALA D 132 -28.18 34.27 -23.25
N ALA D 133 -28.39 33.53 -22.15
CA ALA D 133 -29.22 32.34 -22.16
C ALA D 133 -30.69 32.73 -22.17
N ILE D 134 -31.03 33.74 -21.37
CA ILE D 134 -32.39 34.30 -21.27
C ILE D 134 -32.79 34.88 -22.63
N LYS D 135 -31.83 35.54 -23.29
CA LYS D 135 -32.00 36.18 -24.59
C LYS D 135 -32.48 35.16 -25.61
N ASN D 136 -31.94 33.94 -25.52
CA ASN D 136 -32.15 32.92 -26.53
C ASN D 136 -33.20 31.92 -26.06
N GLY D 137 -34.03 32.30 -25.07
CA GLY D 137 -34.96 31.39 -24.44
C GLY D 137 -34.36 30.00 -24.24
N ILE D 138 -33.11 29.95 -23.75
CA ILE D 138 -32.41 28.71 -23.41
C ILE D 138 -32.75 28.33 -21.96
N THR D 139 -33.14 27.06 -21.76
CA THR D 139 -33.41 26.56 -20.42
C THR D 139 -32.07 26.26 -19.74
N VAL D 140 -31.95 26.64 -18.45
CA VAL D 140 -30.74 26.38 -17.68
C VAL D 140 -31.19 25.68 -16.40
N ALA D 141 -30.65 24.47 -16.18
CA ALA D 141 -31.03 23.62 -15.07
C ALA D 141 -29.80 23.00 -14.38
N GLU D 142 -29.91 22.81 -13.07
CA GLU D 142 -28.88 22.14 -12.29
C GLU D 142 -29.59 21.21 -11.30
N VAL D 143 -28.86 20.21 -10.78
CA VAL D 143 -29.46 19.18 -9.92
C VAL D 143 -29.36 19.62 -8.47
N THR D 144 -30.28 20.52 -8.08
CA THR D 144 -30.27 21.15 -6.77
C THR D 144 -30.22 20.06 -5.68
N TYR D 145 -29.40 20.31 -4.64
CA TYR D 145 -29.23 19.48 -3.46
C TYR D 145 -28.36 18.24 -3.72
N SER D 146 -28.07 17.92 -4.99
CA SER D 146 -27.50 16.62 -5.34
C SER D 146 -26.19 16.34 -4.60
N ASN D 147 -25.38 17.38 -4.33
CA ASN D 147 -24.07 17.18 -3.71
C ASN D 147 -23.82 18.16 -2.56
N SER D 148 -24.88 18.85 -2.16
CA SER D 148 -24.81 19.78 -1.04
C SER D 148 -24.23 19.12 0.21
N ILE D 149 -24.74 17.93 0.57
CA ILE D 149 -24.31 17.26 1.79
C ILE D 149 -22.84 16.85 1.62
N SER D 150 -22.49 16.39 0.40
CA SER D 150 -21.12 15.97 0.11
C SER D 150 -20.16 17.11 0.43
N VAL D 151 -20.51 18.33 0.00
CA VAL D 151 -19.63 19.48 0.21
C VAL D 151 -19.50 19.74 1.71
N SER D 152 -20.61 19.57 2.45
CA SER D 152 -20.58 19.91 3.87
C SER D 152 -19.60 19.01 4.60
N GLU D 153 -19.52 17.75 4.16
CA GLU D 153 -18.64 16.81 4.79
C GLU D 153 -17.20 17.22 4.52
N HIS D 154 -16.98 17.68 3.30
CA HIS D 154 -15.64 18.07 2.87
C HIS D 154 -15.19 19.25 3.73
N VAL D 155 -16.12 20.18 4.00
CA VAL D 155 -15.83 21.38 4.77
C VAL D 155 -15.39 20.97 6.17
N VAL D 156 -16.15 20.09 6.84
CA VAL D 156 -15.81 19.77 8.22
C VAL D 156 -14.46 19.08 8.23
N MET D 157 -14.22 18.19 7.26
CA MET D 157 -12.96 17.48 7.13
C MET D 157 -11.80 18.48 6.99
N MET D 158 -11.98 19.53 6.16
CA MET D 158 -10.92 20.51 5.95
C MET D 158 -10.72 21.39 7.18
N ILE D 159 -11.81 21.80 7.85
CA ILE D 159 -11.64 22.63 9.05
C ILE D 159 -10.78 21.87 10.07
N LEU D 160 -11.17 20.63 10.35
CA LEU D 160 -10.45 19.79 11.32
C LEU D 160 -8.99 19.60 10.89
N SER D 161 -8.77 19.32 9.60
CA SER D 161 -7.43 19.07 9.13
C SER D 161 -6.56 20.32 9.28
N LEU D 162 -7.12 21.53 9.07
CA LEU D 162 -6.29 22.74 9.18
C LEU D 162 -5.95 23.00 10.64
N VAL D 163 -6.97 22.90 11.51
CA VAL D 163 -6.86 23.32 12.90
C VAL D 163 -5.91 22.36 13.64
N ARG D 164 -6.04 21.06 13.36
CA ARG D 164 -5.28 20.03 14.08
C ARG D 164 -3.92 19.76 13.45
N ASN D 165 -3.67 20.31 12.24
CA ASN D 165 -2.37 20.20 11.57
C ASN D 165 -2.16 18.79 11.00
N TYR D 166 -3.19 18.22 10.34
CA TYR D 166 -3.17 16.82 9.95
C TYR D 166 -2.13 16.53 8.87
N ILE D 167 -2.17 17.28 7.76
CA ILE D 167 -1.35 16.92 6.61
C ILE D 167 0.16 16.96 6.93
N PRO D 168 0.73 18.03 7.54
CA PRO D 168 2.15 17.98 7.90
C PRO D 168 2.51 16.84 8.85
N SER D 169 1.55 16.39 9.64
CA SER D 169 1.80 15.30 10.59
C SER D 169 1.87 13.94 9.87
N TYR D 170 0.94 13.72 8.94
CA TYR D 170 1.01 12.60 8.02
C TYR D 170 2.34 12.60 7.28
N GLN D 171 2.83 13.79 6.90
CA GLN D 171 4.03 13.80 6.06
C GLN D 171 5.24 13.33 6.88
N TRP D 172 5.29 13.66 8.19
CA TRP D 172 6.34 13.16 9.07
C TRP D 172 6.35 11.63 9.07
N VAL D 173 5.16 11.02 9.03
CA VAL D 173 5.06 9.56 8.94
C VAL D 173 5.68 9.07 7.64
N ILE D 174 5.32 9.70 6.50
CA ILE D 174 5.84 9.26 5.20
C ILE D 174 7.36 9.46 5.15
N LYS D 175 7.87 10.57 5.72
CA LYS D 175 9.28 10.92 5.65
C LYS D 175 10.15 10.07 6.58
N GLY D 176 9.52 9.21 7.40
CA GLY D 176 10.20 8.32 8.33
C GLY D 176 10.45 8.98 9.68
N GLY D 177 9.77 10.09 9.96
CA GLY D 177 10.03 10.74 11.23
C GLY D 177 9.03 10.32 12.30
N TRP D 178 9.02 11.07 13.40
CA TRP D 178 8.07 10.97 14.50
C TRP D 178 7.69 12.39 14.94
N ASN D 179 8.70 13.11 15.46
CA ASN D 179 8.70 14.58 15.53
C ASN D 179 7.42 15.12 16.17
N ILE D 180 7.04 14.62 17.35
CA ILE D 180 5.81 15.00 18.03
C ILE D 180 5.71 16.52 18.13
N ALA D 181 6.75 17.19 18.66
CA ALA D 181 6.65 18.64 18.87
C ALA D 181 6.51 19.41 17.54
N ASP D 182 7.15 18.93 16.46
CA ASP D 182 6.99 19.61 15.17
C ASP D 182 5.53 19.50 14.69
N CYS D 183 4.88 18.37 14.96
CA CYS D 183 3.47 18.21 14.58
C CYS D 183 2.58 19.18 15.37
N VAL D 184 2.79 19.24 16.70
CA VAL D 184 1.75 19.80 17.57
C VAL D 184 2.01 21.27 17.87
N GLU D 185 3.16 21.83 17.45
CA GLU D 185 3.42 23.25 17.68
C GLU D 185 2.43 24.12 16.90
N ARG D 186 1.70 23.52 15.94
CA ARG D 186 0.62 24.18 15.22
C ARG D 186 -0.68 23.37 15.28
N SER D 187 -0.83 22.55 16.32
CA SER D 187 -1.98 21.66 16.41
C SER D 187 -2.94 22.14 17.51
N TYR D 188 -4.19 22.48 17.14
CA TYR D 188 -5.19 22.95 18.09
C TYR D 188 -6.42 22.03 18.05
N ASP D 189 -7.19 22.04 19.14
CA ASP D 189 -8.54 21.51 19.06
C ASP D 189 -9.49 22.54 18.45
N LEU D 190 -10.55 22.05 17.81
CA LEU D 190 -11.58 22.92 17.26
C LEU D 190 -12.55 23.35 18.36
N GLU D 191 -12.74 22.49 19.36
CA GLU D 191 -13.70 22.69 20.45
C GLU D 191 -13.70 24.14 20.96
N ALA D 192 -14.89 24.76 21.01
CA ALA D 192 -15.11 26.08 21.62
C ALA D 192 -14.54 27.25 20.78
N MET D 193 -13.94 26.96 19.62
CA MET D 193 -13.55 28.04 18.72
C MET D 193 -14.82 28.68 18.15
N HIS D 194 -14.70 29.92 17.69
CA HIS D 194 -15.78 30.62 16.99
C HIS D 194 -15.72 30.29 15.51
N VAL D 195 -16.80 29.68 14.99
CA VAL D 195 -16.86 29.30 13.58
C VAL D 195 -18.04 29.98 12.90
N GLY D 196 -17.77 30.59 11.74
CA GLY D 196 -18.77 31.32 10.99
C GLY D 196 -18.88 30.79 9.56
N THR D 197 -20.10 30.75 9.02
CA THR D 197 -20.34 30.39 7.63
C THR D 197 -20.92 31.61 6.91
N VAL D 198 -20.40 31.84 5.70
CA VAL D 198 -20.97 32.77 4.75
C VAL D 198 -22.04 31.98 3.99
N ALA D 199 -23.32 32.25 4.29
CA ALA D 199 -24.48 31.54 3.76
C ALA D 199 -24.85 30.34 4.62
N ALA D 200 -26.16 30.16 4.77
CA ALA D 200 -26.73 29.02 5.45
C ALA D 200 -27.82 28.43 4.56
N GLY D 201 -27.49 28.26 3.27
CA GLY D 201 -28.33 27.51 2.35
C GLY D 201 -28.15 26.00 2.56
N ARG D 202 -28.33 25.20 1.51
CA ARG D 202 -28.29 23.74 1.62
C ARG D 202 -26.91 23.31 2.13
N ILE D 203 -25.83 23.89 1.58
CA ILE D 203 -24.52 23.55 2.12
C ILE D 203 -24.30 24.18 3.50
N GLY D 204 -24.48 25.50 3.62
CA GLY D 204 -24.14 26.17 4.87
C GLY D 204 -24.86 25.56 6.08
N LEU D 205 -26.16 25.31 5.96
CA LEU D 205 -26.91 24.78 7.08
C LEU D 205 -26.45 23.36 7.43
N ALA D 206 -26.10 22.53 6.43
CA ALA D 206 -25.57 21.18 6.66
C ALA D 206 -24.24 21.23 7.41
N VAL D 207 -23.43 22.26 7.10
CA VAL D 207 -22.16 22.51 7.79
C VAL D 207 -22.45 22.86 9.26
N LEU D 208 -23.40 23.77 9.46
CA LEU D 208 -23.67 24.24 10.81
C LEU D 208 -24.14 23.07 11.67
N LYS D 209 -25.00 22.22 11.09
CA LYS D 209 -25.56 21.11 11.83
C LYS D 209 -24.44 20.14 12.23
N ARG D 210 -23.52 19.90 11.30
CA ARG D 210 -22.41 18.98 11.51
C ARG D 210 -21.39 19.54 12.53
N LEU D 211 -21.20 20.87 12.57
CA LEU D 211 -20.26 21.47 13.50
C LEU D 211 -20.84 21.53 14.92
N LYS D 212 -22.17 21.57 15.03
CA LYS D 212 -22.80 21.81 16.32
C LYS D 212 -22.21 20.96 17.44
N PRO D 213 -22.14 19.61 17.33
CA PRO D 213 -21.72 18.80 18.46
C PRO D 213 -20.22 18.81 18.69
N PHE D 214 -19.48 19.56 17.86
CA PHE D 214 -18.10 19.85 18.18
C PHE D 214 -17.98 20.90 19.28
N ASP D 215 -19.11 21.53 19.63
CA ASP D 215 -19.22 22.45 20.76
C ASP D 215 -18.46 23.74 20.43
N VAL D 216 -18.53 24.16 19.15
CA VAL D 216 -17.97 25.43 18.68
C VAL D 216 -19.03 26.50 18.93
N LYS D 217 -18.65 27.76 18.82
CA LYS D 217 -19.61 28.86 18.86
C LYS D 217 -19.93 29.26 17.43
N LEU D 218 -21.19 29.09 17.03
CA LEU D 218 -21.57 29.25 15.62
C LEU D 218 -22.04 30.66 15.29
N HIS D 219 -21.63 31.11 14.11
CA HIS D 219 -21.95 32.44 13.59
C HIS D 219 -22.32 32.27 12.13
N TYR D 220 -23.16 33.18 11.59
CA TYR D 220 -23.45 33.15 10.16
C TYR D 220 -23.93 34.52 9.67
N PHE D 221 -23.69 34.73 8.38
CA PHE D 221 -24.44 35.70 7.59
C PHE D 221 -25.05 34.98 6.39
N ASP D 222 -26.32 35.31 6.14
CA ASP D 222 -27.00 34.98 4.90
C ASP D 222 -27.87 36.18 4.54
N GLN D 223 -27.97 36.46 3.24
CA GLN D 223 -28.88 37.47 2.70
C GLN D 223 -30.30 37.24 3.20
N HIS D 224 -30.70 35.97 3.36
CA HIS D 224 -31.97 35.60 3.99
C HIS D 224 -31.70 35.01 5.38
N ARG D 225 -32.01 35.78 6.44
CA ARG D 225 -31.83 35.35 7.82
C ARG D 225 -32.68 34.12 8.10
N LEU D 226 -32.13 33.12 8.83
CA LEU D 226 -32.85 31.89 9.18
C LEU D 226 -33.99 32.23 10.14
N PRO D 227 -35.05 31.38 10.21
CA PRO D 227 -36.05 31.49 11.29
C PRO D 227 -35.42 31.54 12.68
N GLU D 228 -36.06 32.26 13.62
CA GLU D 228 -35.53 32.38 14.97
C GLU D 228 -35.40 31.01 15.63
N SER D 229 -36.40 30.16 15.44
CA SER D 229 -36.44 28.83 16.02
C SER D 229 -35.21 28.02 15.58
N VAL D 230 -34.76 28.22 14.34
CA VAL D 230 -33.59 27.51 13.83
C VAL D 230 -32.32 28.05 14.48
N GLU D 231 -32.22 29.37 14.62
CA GLU D 231 -31.02 29.96 15.18
C GLU D 231 -30.91 29.54 16.64
N ASN D 232 -32.07 29.50 17.31
CA ASN D 232 -32.18 29.07 18.70
C ASN D 232 -31.74 27.60 18.84
N GLU D 233 -32.24 26.69 18.00
CA GLU D 233 -31.94 25.27 18.12
C GLU D 233 -30.45 25.00 17.93
N LEU D 234 -29.81 25.72 17.00
CA LEU D 234 -28.44 25.45 16.65
C LEU D 234 -27.46 26.35 17.42
N GLY D 235 -28.01 27.30 18.19
CA GLY D 235 -27.24 28.30 18.92
C GLY D 235 -26.51 29.29 18.01
N LEU D 236 -27.14 29.76 16.92
CA LEU D 236 -26.45 30.56 15.93
C LEU D 236 -26.47 32.03 16.34
N THR D 237 -25.33 32.75 16.12
CA THR D 237 -25.33 34.20 16.14
C THR D 237 -25.38 34.70 14.70
N TYR D 238 -26.47 35.40 14.36
CA TYR D 238 -26.58 36.10 13.07
C TYR D 238 -25.77 37.38 13.14
N HIS D 239 -25.02 37.72 12.08
CA HIS D 239 -24.38 39.02 11.87
C HIS D 239 -24.99 39.69 10.64
N PRO D 240 -25.17 41.04 10.63
CA PRO D 240 -25.79 41.74 9.49
C PRO D 240 -24.91 41.86 8.24
N SER D 241 -23.63 41.46 8.34
CA SER D 241 -22.77 41.38 7.18
C SER D 241 -21.68 40.33 7.38
N VAL D 242 -20.99 40.02 6.27
CA VAL D 242 -19.82 39.18 6.33
C VAL D 242 -18.74 39.82 7.17
N GLU D 243 -18.49 41.12 6.93
CA GLU D 243 -17.40 41.83 7.60
C GLU D 243 -17.60 41.75 9.12
N ASP D 244 -18.85 41.98 9.54
CA ASP D 244 -19.20 41.93 10.96
C ASP D 244 -18.93 40.53 11.56
N MET D 245 -19.22 39.46 10.81
CA MET D 245 -19.00 38.11 11.33
C MET D 245 -17.51 37.74 11.45
N VAL D 246 -16.71 37.99 10.40
CA VAL D 246 -15.36 37.44 10.34
C VAL D 246 -14.45 38.07 11.40
N LYS D 247 -14.83 39.22 11.94
CA LYS D 247 -14.00 39.86 12.96
C LYS D 247 -13.95 39.01 14.23
N VAL D 248 -14.97 38.18 14.47
CA VAL D 248 -14.94 37.43 15.72
C VAL D 248 -14.69 35.93 15.50
N CYS D 249 -14.42 35.50 14.26
CA CYS D 249 -14.33 34.08 13.97
C CYS D 249 -12.89 33.55 13.97
N ASP D 250 -12.72 32.38 14.60
CA ASP D 250 -11.49 31.61 14.52
C ASP D 250 -11.38 30.87 13.19
N VAL D 251 -12.53 30.48 12.63
CA VAL D 251 -12.66 29.72 11.39
C VAL D 251 -13.80 30.38 10.60
N VAL D 252 -13.60 30.61 9.30
CA VAL D 252 -14.66 31.02 8.37
C VAL D 252 -14.73 30.02 7.22
N THR D 253 -15.95 29.56 6.88
CA THR D 253 -16.25 28.69 5.75
C THR D 253 -17.22 29.40 4.81
N ILE D 254 -16.90 29.39 3.51
CA ILE D 254 -17.66 30.13 2.51
C ILE D 254 -18.55 29.16 1.77
N ASN D 255 -19.86 29.40 1.77
CA ASN D 255 -20.79 28.46 1.20
C ASN D 255 -21.83 29.19 0.33
N ALA D 256 -21.46 30.36 -0.17
CA ALA D 256 -22.38 31.16 -0.98
C ALA D 256 -22.12 30.91 -2.47
N PRO D 257 -23.12 31.04 -3.38
CA PRO D 257 -22.85 30.98 -4.82
C PRO D 257 -21.97 32.15 -5.24
N LEU D 258 -21.28 31.96 -6.37
CA LEU D 258 -20.54 33.04 -6.98
C LEU D 258 -21.51 33.90 -7.79
N HIS D 259 -21.68 35.15 -7.33
CA HIS D 259 -22.52 36.12 -8.02
C HIS D 259 -21.97 37.52 -7.68
N PRO D 260 -22.52 38.60 -8.24
CA PRO D 260 -22.02 39.95 -7.96
C PRO D 260 -21.87 40.24 -6.47
N GLY D 261 -22.81 39.78 -5.63
CA GLY D 261 -22.57 40.01 -4.21
C GLY D 261 -21.23 39.45 -3.68
N THR D 262 -20.73 38.36 -4.26
CA THR D 262 -19.68 37.56 -3.62
C THR D 262 -18.36 37.58 -4.40
N LEU D 263 -18.38 37.96 -5.68
CA LEU D 263 -17.15 38.05 -6.46
C LEU D 263 -16.15 38.96 -5.77
N ASP D 264 -14.96 38.42 -5.53
CA ASP D 264 -13.84 39.15 -4.94
C ASP D 264 -14.16 39.68 -3.54
N LEU D 265 -15.09 39.03 -2.83
CA LEU D 265 -15.53 39.46 -1.50
C LEU D 265 -14.35 39.35 -0.53
N PHE D 266 -13.65 38.22 -0.52
CA PHE D 266 -12.50 38.08 0.36
C PHE D 266 -11.24 38.62 -0.29
N ASN D 267 -11.09 39.96 -0.29
CA ASN D 267 -9.93 40.66 -0.83
C ASN D 267 -8.96 40.95 0.31
N ASP D 268 -7.91 41.68 0.00
CA ASP D 268 -6.89 42.03 0.98
C ASP D 268 -7.55 42.66 2.21
N GLU D 269 -8.42 43.63 1.94
CA GLU D 269 -9.13 44.42 2.93
C GLU D 269 -9.96 43.51 3.85
N LEU D 270 -10.88 42.71 3.29
CA LEU D 270 -11.71 41.84 4.11
C LEU D 270 -10.85 40.86 4.92
N ILE D 271 -9.82 40.29 4.29
CA ILE D 271 -9.01 39.31 5.00
C ILE D 271 -8.25 39.98 6.16
N SER D 272 -7.87 41.26 5.98
CA SER D 272 -7.15 42.02 7.00
C SER D 272 -8.03 42.25 8.23
N LYS D 273 -9.34 42.06 8.09
CA LYS D 273 -10.26 42.29 9.19
C LYS D 273 -10.52 41.02 9.99
N MET D 274 -10.08 39.86 9.46
CA MET D 274 -10.21 38.59 10.16
C MET D 274 -9.25 38.54 11.36
N LYS D 275 -9.44 37.59 12.29
CA LYS D 275 -8.50 37.45 13.40
C LYS D 275 -7.13 37.05 12.89
N ARG D 276 -6.06 37.49 13.56
CA ARG D 276 -4.76 36.95 13.23
C ARG D 276 -4.75 35.45 13.50
N GLY D 277 -4.26 34.67 12.53
CA GLY D 277 -4.23 33.22 12.59
C GLY D 277 -5.59 32.58 12.34
N ALA D 278 -6.52 33.29 11.65
CA ALA D 278 -7.80 32.70 11.29
C ALA D 278 -7.57 31.55 10.30
N TYR D 279 -8.54 30.63 10.23
CA TYR D 279 -8.55 29.60 9.20
C TYR D 279 -9.69 29.92 8.26
N LEU D 280 -9.43 29.78 6.95
CA LEU D 280 -10.43 30.07 5.95
C LEU D 280 -10.61 28.83 5.07
N VAL D 281 -11.87 28.41 4.89
CA VAL D 281 -12.18 27.28 4.04
C VAL D 281 -13.17 27.73 2.96
N ASN D 282 -12.88 27.33 1.73
CA ASN D 282 -13.71 27.79 0.63
C ASN D 282 -13.92 26.66 -0.36
N THR D 283 -15.07 26.01 -0.25
CA THR D 283 -15.49 24.97 -1.17
C THR D 283 -16.66 25.50 -2.00
N ALA D 284 -16.77 26.83 -2.11
CA ALA D 284 -17.88 27.47 -2.82
C ALA D 284 -17.49 27.70 -4.28
N ARG D 285 -16.80 28.83 -4.55
CA ARG D 285 -16.16 29.06 -5.84
C ARG D 285 -14.86 29.84 -5.62
N GLY D 286 -13.85 29.61 -6.45
CA GLY D 286 -12.51 30.15 -6.20
C GLY D 286 -12.52 31.68 -6.13
N LYS D 287 -13.23 32.29 -7.09
CA LYS D 287 -13.19 33.74 -7.30
C LYS D 287 -13.82 34.48 -6.13
N ILE D 288 -14.53 33.78 -5.23
CA ILE D 288 -15.07 34.49 -4.08
C ILE D 288 -13.92 34.99 -3.19
N CYS D 289 -12.77 34.32 -3.24
CA CYS D 289 -11.57 34.85 -2.60
C CYS D 289 -10.58 35.36 -3.64
N ASN D 290 -9.98 36.51 -3.36
CA ASN D 290 -8.94 37.07 -4.23
C ASN D 290 -7.72 36.15 -4.19
N ARG D 291 -7.27 35.67 -5.35
CA ARG D 291 -6.22 34.66 -5.39
C ARG D 291 -4.95 35.11 -4.65
N ASP D 292 -4.44 36.30 -5.01
CA ASP D 292 -3.15 36.73 -4.49
C ASP D 292 -3.26 37.20 -3.04
N ALA D 293 -4.44 37.69 -2.65
CA ALA D 293 -4.65 38.12 -1.28
C ALA D 293 -4.51 36.92 -0.35
N VAL D 294 -5.07 35.77 -0.76
CA VAL D 294 -5.03 34.60 0.12
C VAL D 294 -3.57 34.24 0.37
N VAL D 295 -2.77 34.25 -0.71
CA VAL D 295 -1.36 33.93 -0.67
C VAL D 295 -0.62 34.86 0.30
N ARG D 296 -0.85 36.18 0.19
CA ARG D 296 -0.15 37.15 1.02
C ARG D 296 -0.50 36.90 2.48
N ALA D 297 -1.79 36.62 2.74
CA ALA D 297 -2.25 36.47 4.12
C ALA D 297 -1.62 35.24 4.75
N LEU D 298 -1.42 34.17 3.95
CA LEU D 298 -0.82 32.96 4.51
C LEU D 298 0.66 33.20 4.71
N GLU D 299 1.25 33.96 3.79
CA GLU D 299 2.67 34.26 3.92
C GLU D 299 2.93 35.12 5.16
N SER D 300 1.99 36.00 5.55
CA SER D 300 2.23 36.88 6.69
C SER D 300 1.79 36.24 8.01
N GLY D 301 1.00 35.16 7.92
CA GLY D 301 0.45 34.54 9.13
C GLY D 301 -0.90 35.13 9.54
N GLN D 302 -1.43 36.08 8.77
CA GLN D 302 -2.77 36.63 8.99
C GLN D 302 -3.78 35.48 8.95
N LEU D 303 -3.60 34.57 7.97
CA LEU D 303 -4.31 33.30 7.97
C LEU D 303 -3.32 32.24 8.46
N ALA D 304 -3.76 31.43 9.42
CA ALA D 304 -2.99 30.28 9.88
C ALA D 304 -3.18 29.14 8.88
N GLY D 305 -4.25 29.19 8.09
CA GLY D 305 -4.41 28.16 7.08
C GLY D 305 -5.58 28.40 6.12
N TYR D 306 -5.46 27.81 4.93
CA TYR D 306 -6.51 27.91 3.93
C TYR D 306 -6.75 26.53 3.32
N ALA D 307 -7.99 26.18 3.06
CA ALA D 307 -8.29 24.90 2.42
C ALA D 307 -9.56 25.05 1.59
N GLY D 308 -9.62 24.32 0.47
CA GLY D 308 -10.82 24.33 -0.35
C GLY D 308 -10.59 23.47 -1.57
N ASP D 309 -11.66 23.24 -2.35
CA ASP D 309 -11.51 22.39 -3.51
C ASP D 309 -11.74 23.21 -4.78
N VAL D 310 -12.05 24.51 -4.66
CA VAL D 310 -12.46 25.29 -5.83
C VAL D 310 -11.41 26.33 -6.17
N TRP D 311 -11.19 26.55 -7.48
CA TRP D 311 -10.04 27.30 -7.99
C TRP D 311 -10.48 28.23 -9.12
N PHE D 312 -9.63 29.21 -9.46
CA PHE D 312 -9.84 29.93 -10.71
C PHE D 312 -8.52 30.04 -11.45
N PRO D 313 -8.43 29.63 -12.75
CA PRO D 313 -9.51 28.94 -13.46
C PRO D 313 -9.49 27.45 -13.13
N GLN D 314 -10.38 26.65 -13.75
CA GLN D 314 -10.39 25.19 -13.60
C GLN D 314 -10.29 24.48 -14.96
N PRO D 315 -9.26 23.63 -15.22
CA PRO D 315 -8.27 23.22 -14.22
C PRO D 315 -7.30 24.32 -13.82
N ALA D 316 -6.70 24.21 -12.63
CA ALA D 316 -5.69 25.18 -12.22
C ALA D 316 -4.40 24.88 -12.98
N PRO D 317 -3.74 25.89 -13.59
CA PRO D 317 -2.44 25.64 -14.23
C PRO D 317 -1.44 25.11 -13.22
N LYS D 318 -0.34 24.51 -13.72
CA LYS D 318 0.71 23.96 -12.90
C LYS D 318 1.37 25.04 -12.04
N ASP D 319 1.35 26.29 -12.53
CA ASP D 319 1.98 27.38 -11.80
C ASP D 319 1.00 28.13 -10.90
N HIS D 320 -0.26 27.67 -10.78
CA HIS D 320 -1.19 28.41 -9.94
C HIS D 320 -0.63 28.52 -8.52
N PRO D 321 -0.56 29.74 -7.92
CA PRO D 321 0.14 29.90 -6.64
C PRO D 321 -0.50 29.25 -5.40
N TRP D 322 -1.78 28.91 -5.50
CA TRP D 322 -2.44 28.20 -4.41
C TRP D 322 -1.81 26.82 -4.23
N ARG D 323 -1.05 26.30 -5.22
CA ARG D 323 -0.43 24.99 -5.11
C ARG D 323 0.73 25.02 -4.08
N THR D 324 1.44 26.15 -4.05
CA THR D 324 2.71 26.20 -3.34
C THR D 324 2.66 27.13 -2.12
N MET D 325 1.55 27.85 -1.89
CA MET D 325 1.47 28.77 -0.77
C MET D 325 1.52 27.98 0.53
N PRO D 326 2.10 28.52 1.62
CA PRO D 326 2.21 27.76 2.87
C PRO D 326 0.88 27.50 3.57
N HIS D 327 0.85 26.45 4.39
CA HIS D 327 -0.23 26.16 5.32
C HIS D 327 -1.59 25.95 4.62
N HIS D 328 -1.59 25.32 3.43
CA HIS D 328 -2.85 25.00 2.76
C HIS D 328 -3.25 23.54 2.94
N GLY D 329 -4.54 23.26 2.78
CA GLY D 329 -5.00 21.88 2.64
C GLY D 329 -5.89 21.69 1.40
N MET D 330 -5.40 22.10 0.23
CA MET D 330 -6.23 22.09 -0.98
C MET D 330 -6.49 20.67 -1.48
N THR D 331 -7.62 20.50 -2.19
CA THR D 331 -7.78 19.42 -3.14
C THR D 331 -8.14 20.04 -4.48
N PRO D 332 -8.09 19.28 -5.60
CA PRO D 332 -8.72 19.72 -6.84
C PRO D 332 -10.24 19.71 -6.58
N HIS D 333 -11.02 20.15 -7.59
CA HIS D 333 -12.44 20.34 -7.43
C HIS D 333 -13.15 19.00 -7.42
N ILE D 334 -13.22 18.39 -6.22
CA ILE D 334 -13.66 17.01 -6.13
C ILE D 334 -14.85 16.84 -5.17
N SER D 335 -15.20 17.83 -4.34
CA SER D 335 -16.07 17.45 -3.22
C SER D 335 -17.46 17.08 -3.69
N GLY D 336 -17.99 17.84 -4.65
CA GLY D 336 -19.31 17.59 -5.22
C GLY D 336 -19.33 16.44 -6.22
N THR D 337 -18.20 15.75 -6.41
CA THR D 337 -18.16 14.63 -7.35
C THR D 337 -17.59 13.37 -6.67
N SER D 338 -17.88 13.19 -5.37
CA SER D 338 -17.66 11.88 -4.78
C SER D 338 -18.51 10.88 -5.57
N LEU D 339 -18.17 9.59 -5.48
CA LEU D 339 -18.96 8.61 -6.21
C LEU D 339 -20.42 8.65 -5.78
N SER D 340 -20.64 8.95 -4.49
CA SER D 340 -21.98 9.03 -3.91
C SER D 340 -22.79 10.16 -4.53
N ALA D 341 -22.17 11.33 -4.67
CA ALA D 341 -22.80 12.48 -5.28
C ALA D 341 -23.11 12.22 -6.76
N GLN D 342 -22.14 11.62 -7.45
CA GLN D 342 -22.29 11.42 -8.89
C GLN D 342 -23.53 10.60 -9.18
N ALA D 343 -23.82 9.60 -8.33
CA ALA D 343 -24.99 8.76 -8.52
C ALA D 343 -26.24 9.64 -8.51
N ARG D 344 -26.26 10.66 -7.64
CA ARG D 344 -27.43 11.51 -7.55
C ARG D 344 -27.53 12.53 -8.67
N TYR D 345 -26.42 13.21 -9.02
CA TYR D 345 -26.53 14.20 -10.08
C TYR D 345 -26.68 13.54 -11.45
N ALA D 346 -26.16 12.32 -11.62
CA ALA D 346 -26.31 11.65 -12.91
C ALA D 346 -27.76 11.23 -13.10
N ALA D 347 -28.39 10.75 -12.01
CA ALA D 347 -29.80 10.37 -11.99
C ALA D 347 -30.66 11.60 -12.30
N GLY D 348 -30.30 12.73 -11.66
CA GLY D 348 -30.98 14.01 -11.82
C GLY D 348 -30.82 14.57 -13.23
N THR D 349 -29.63 14.40 -13.82
CA THR D 349 -29.43 14.73 -15.22
C THR D 349 -30.40 13.96 -16.11
N ARG D 350 -30.46 12.64 -15.91
CA ARG D 350 -31.36 11.85 -16.71
C ARG D 350 -32.82 12.25 -16.47
N GLU D 351 -33.18 12.53 -15.21
CA GLU D 351 -34.54 12.98 -14.89
C GLU D 351 -34.89 14.18 -15.74
N ILE D 352 -33.96 15.16 -15.79
CA ILE D 352 -34.11 16.40 -16.55
C ILE D 352 -34.31 16.06 -18.04
N LEU D 353 -33.41 15.26 -18.62
CA LEU D 353 -33.52 14.89 -20.02
C LEU D 353 -34.85 14.21 -20.30
N GLU D 354 -35.31 13.31 -19.41
CA GLU D 354 -36.59 12.64 -19.60
C GLU D 354 -37.70 13.68 -19.70
N CYS D 355 -37.71 14.66 -18.79
CA CYS D 355 -38.73 15.70 -18.78
C CYS D 355 -38.69 16.50 -20.09
N TRP D 356 -37.49 16.94 -20.49
CA TRP D 356 -37.28 17.67 -21.73
C TRP D 356 -37.85 16.90 -22.93
N PHE D 357 -37.47 15.62 -23.07
CA PHE D 357 -37.86 14.83 -24.23
C PHE D 357 -39.34 14.51 -24.24
N GLU D 358 -39.95 14.36 -23.06
CA GLU D 358 -41.36 13.97 -22.97
C GLU D 358 -42.24 15.21 -22.86
N GLU D 359 -41.65 16.40 -22.99
CA GLU D 359 -42.38 17.65 -22.85
C GLU D 359 -43.18 17.68 -21.54
N ARG D 360 -42.58 17.17 -20.45
CA ARG D 360 -43.08 17.39 -19.10
C ARG D 360 -42.27 18.52 -18.47
N PRO D 361 -42.78 19.22 -17.44
CA PRO D 361 -42.02 20.31 -16.82
C PRO D 361 -40.82 19.75 -16.05
N ILE D 362 -39.68 20.43 -16.18
CA ILE D 362 -38.53 20.15 -15.33
C ILE D 362 -38.85 20.65 -13.92
N ARG D 363 -38.65 19.82 -12.89
CA ARG D 363 -38.90 20.25 -11.51
C ARG D 363 -38.42 21.68 -11.28
N GLU D 364 -39.24 22.46 -10.55
CA GLU D 364 -38.99 23.88 -10.42
C GLU D 364 -37.68 24.14 -9.66
N GLU D 365 -37.35 23.30 -8.68
CA GLU D 365 -36.14 23.49 -7.90
C GLU D 365 -34.85 23.27 -8.70
N TYR D 366 -34.92 22.63 -9.88
CA TYR D 366 -33.77 22.49 -10.76
C TYR D 366 -33.59 23.69 -11.70
N LEU D 367 -34.63 24.50 -11.89
CA LEU D 367 -34.64 25.47 -12.99
C LEU D 367 -33.90 26.74 -12.61
N ILE D 368 -32.89 27.14 -13.39
CA ILE D 368 -32.21 28.41 -13.16
C ILE D 368 -32.82 29.46 -14.10
N VAL D 369 -33.00 29.07 -15.38
CA VAL D 369 -33.73 29.83 -16.39
C VAL D 369 -34.73 28.89 -17.07
N ASP D 370 -36.01 29.29 -17.09
CA ASP D 370 -37.00 28.58 -17.90
C ASP D 370 -37.10 29.32 -19.23
N GLY D 371 -36.66 28.67 -20.32
CA GLY D 371 -36.64 29.31 -21.62
C GLY D 371 -37.77 28.83 -22.51
#